data_6WTS
#
_entry.id   6WTS
#
_cell.length_a   1.00
_cell.length_b   1.00
_cell.length_c   1.00
_cell.angle_alpha   90.00
_cell.angle_beta   90.00
_cell.angle_gamma   90.00
#
_symmetry.space_group_name_H-M   'P 1'
#
loop_
_entity.id
_entity.type
_entity.pdbx_description
1 polymer SEMA6A
2 polymer TcsL
3 branched 2-acetamido-2-deoxy-beta-D-glucopyranose-(1-4)-2-acetamido-2-deoxy-beta-D-glucopyranose
4 non-polymer 2-acetamido-2-deoxy-beta-D-glucopyranose
#
loop_
_entity_poly.entity_id
_entity_poly.type
_entity_poly.pdbx_seq_one_letter_code
_entity_poly.pdbx_strand_id
1 'polypeptide(L)'
;ETGFPEDSEPISISHGNYTKQYPVFVGHKPGRNTTQRHRLDIQMIMIMNGTLYIAARDHIYTVDIDTSHTEEIYCSKKLT
WKSRQADVDTCRMKGKHKDECHNFIKVLLKKNDDALFVCGTNAFNPSCRNYKMDTLEPFGDEFSGMARCPYDAKHANVAL
FADGKLYSATVTDFLAIDAVIYRSLGESPTLRTVKHDSKWLKEPYFVQAVDYGDYIYFFFREIAVEYNTMGKVVFPRVAQ
VCKNDMGGSQRVLEKQWTSFLKARLNCSVPGDSHFYFNILQAVTDVIRINGRDVVLATFSTPYNSIPGSAVCAYDMLDIA
SVFTGRFKEQKSPDSTWTPVPDERVPKPRPGCCAGSSSLERYATSNEFPDDTLNFIKTHPLMDEAVPSIFNRPWFLRTMV
RYRLTKIAVDTAAGPYQNHTVVFLGSEKGIILKFLARIGNSGFLNDSLFLEEMSVYNSEKCSYDGVEDKRIMGMQLDRAS
SSLYVAFSTCVIKVPLGRCERYGKCKKTCIASRDPYCGWIKEGGACSHLSPNSRLTFEQDIERGNTDGLGDCHNGSWSHP
QFEK
;
A,B
2 'polypeptide(L)'
;SAWSHPQFEKENLYFQGTNVRINLDGNTRSFIVPVITTEQIRKNLSYSFYGSGGSYSLSLSPYNMNIDLNLVENDTWVID
VDNVVKNITIESDEIQKGELIENILSKLNIEDNKIVLNNHTINFYGAINESNRFISLTFSILEDINIIIEIDLVSKSYKI
LLSGNCIKLIENSSDIQQKIDHIGFNGEHQKYIPYSYIDNETKYNGFIDYSKKEGLFTAEFSNESIIRNIYMPDSNNLFI
YSSKDLKDIRIINKGDVKLLIGNYFKDNMKVSLSFTIEDTNTIKLNGVYLDENGVAQILKFMNNAKSALNTSNSLMNFLE
SINIKNIFYNNLDPNIKFILDTNFIISGSNSIGQFELICDKDKNIQPYFIKFKIKETSYTLYAGNRQNLIVEPSYHLDDS
GNISSTVINFSQKYLYGIDRYVNKVIITPNLYTDEINITPVYKPNYICPEVIILDANYINEKINININDLSIRYVWDNDG
SDLILIANSEEDNQPQVKIRFVNVFKSDTAADKLSFNFSDKQDVSVSKIISTFSLAAGSENLYFQGHHHHHH
;
C
#
loop_
_chem_comp.id
_chem_comp.type
_chem_comp.name
_chem_comp.formula
NAG D-saccharide, beta linking 2-acetamido-2-deoxy-beta-D-glucopyranose 'C8 H15 N O6'
#
# COMPACT_ATOMS: atom_id res chain seq x y z
N GLY A 3 14.16 6.83 17.50
CA GLY A 3 12.82 6.29 17.42
C GLY A 3 11.88 7.09 16.55
N PHE A 4 10.63 6.66 16.48
CA PHE A 4 9.62 7.37 15.67
C PHE A 4 8.84 8.33 16.53
N PRO A 5 8.62 9.57 16.07
CA PRO A 5 7.84 10.52 16.85
C PRO A 5 6.46 9.98 17.19
N GLU A 6 6.05 10.20 18.44
CA GLU A 6 4.73 9.76 18.89
C GLU A 6 3.66 10.75 18.45
N ASP A 7 2.45 10.22 18.25
CA ASP A 7 1.32 11.05 17.87
C ASP A 7 0.87 11.90 19.05
N SER A 8 0.91 13.23 18.88
CA SER A 8 0.53 14.14 19.93
C SER A 8 -0.96 13.99 20.26
N GLU A 9 -1.32 14.38 21.48
CA GLU A 9 -2.67 14.23 21.99
C GLU A 9 -3.50 15.49 21.67
N PRO A 10 -4.75 15.31 21.23
CA PRO A 10 -5.62 16.46 20.99
C PRO A 10 -5.94 17.20 22.28
N ILE A 11 -5.80 18.52 22.25
CA ILE A 11 -6.16 19.34 23.40
C ILE A 11 -7.64 19.18 23.73
N SER A 12 -8.47 18.96 22.72
CA SER A 12 -9.89 18.71 22.93
C SER A 12 -10.39 17.78 21.85
N ILE A 13 -11.47 17.05 22.15
CA ILE A 13 -12.07 16.09 21.24
C ILE A 13 -13.56 16.39 21.15
N SER A 14 -14.09 16.44 19.93
CA SER A 14 -15.50 16.68 19.68
C SER A 14 -16.07 15.49 18.91
N HIS A 15 -17.01 14.80 19.52
CA HIS A 15 -17.63 13.63 18.90
C HIS A 15 -18.90 14.03 18.16
N GLY A 16 -19.46 13.06 17.41
CA GLY A 16 -20.68 13.31 16.66
C GLY A 16 -21.83 13.80 17.52
N ASN A 17 -21.83 13.45 18.80
CA ASN A 17 -22.88 13.92 19.71
C ASN A 17 -23.00 15.43 19.70
N TYR A 18 -21.86 16.14 19.67
CA TYR A 18 -21.90 17.59 19.66
C TYR A 18 -22.07 18.15 18.25
N THR A 19 -21.36 17.58 17.27
CA THR A 19 -21.42 18.06 15.91
C THR A 19 -22.71 17.69 15.18
N LYS A 20 -23.68 17.07 15.85
CA LYS A 20 -24.97 16.77 15.25
C LYS A 20 -25.87 17.99 15.12
N GLN A 21 -25.36 19.19 15.44
CA GLN A 21 -26.15 20.40 15.37
C GLN A 21 -25.68 21.36 14.29
N TYR A 22 -24.57 21.07 13.61
CA TYR A 22 -24.07 21.96 12.58
C TYR A 22 -24.99 21.93 11.36
N PRO A 23 -25.16 23.06 10.67
CA PRO A 23 -26.02 23.09 9.49
C PRO A 23 -25.52 22.15 8.41
N VAL A 24 -26.46 21.52 7.71
CA VAL A 24 -26.16 20.56 6.64
C VAL A 24 -27.00 20.93 5.44
N PHE A 25 -26.40 20.81 4.25
CA PHE A 25 -27.10 21.19 3.02
C PHE A 25 -28.17 20.16 2.65
N VAL A 26 -27.79 18.89 2.51
CA VAL A 26 -28.68 17.81 2.12
C VAL A 26 -29.35 18.18 0.79
N GLY A 27 -30.67 18.02 0.72
CA GLY A 27 -31.39 18.35 -0.49
C GLY A 27 -32.03 19.72 -0.46
N HIS A 28 -32.58 20.10 0.69
CA HIS A 28 -33.24 21.39 0.84
C HIS A 28 -33.39 21.76 2.31
N HIS A 38 -33.40 11.79 -2.38
CA HIS A 38 -32.59 11.50 -3.56
C HIS A 38 -31.12 11.79 -3.31
N ARG A 39 -30.25 11.06 -4.00
CA ARG A 39 -28.82 11.21 -3.83
C ARG A 39 -28.32 12.45 -4.58
N LEU A 40 -27.11 12.88 -4.27
CA LEU A 40 -26.50 14.03 -4.91
C LEU A 40 -25.22 13.71 -5.66
N ASP A 41 -24.41 12.79 -5.15
CA ASP A 41 -23.11 12.46 -5.72
C ASP A 41 -22.25 13.72 -5.89
N ILE A 42 -22.16 14.50 -4.80
CA ILE A 42 -21.37 15.73 -4.82
C ILE A 42 -19.93 15.42 -5.18
N GLN A 43 -19.35 16.23 -6.06
CA GLN A 43 -18.00 16.01 -6.56
C GLN A 43 -16.98 16.98 -6.00
N MET A 44 -17.32 18.25 -5.85
CA MET A 44 -16.38 19.24 -5.35
C MET A 44 -17.15 20.49 -4.93
N ILE A 45 -16.45 21.40 -4.26
CA ILE A 45 -17.01 22.66 -3.79
C ILE A 45 -15.93 23.73 -3.91
N MET A 46 -16.31 24.90 -4.41
CA MET A 46 -15.44 26.06 -4.42
C MET A 46 -16.26 27.31 -4.12
N ILE A 47 -15.56 28.35 -3.68
CA ILE A 47 -16.20 29.59 -3.24
C ILE A 47 -15.74 30.72 -4.15
N MET A 48 -16.70 31.50 -4.65
CA MET A 48 -16.43 32.74 -5.37
C MET A 48 -17.22 33.85 -4.71
N ASN A 49 -16.53 34.91 -4.29
CA ASN A 49 -17.14 35.97 -3.49
C ASN A 49 -17.89 35.39 -2.30
N GLY A 50 -19.18 35.68 -2.20
CA GLY A 50 -20.02 35.11 -1.16
C GLY A 50 -20.82 33.91 -1.58
N THR A 51 -20.71 33.48 -2.83
CA THR A 51 -21.44 32.33 -3.33
C THR A 51 -20.65 31.05 -3.10
N LEU A 52 -21.38 29.95 -2.85
CA LEU A 52 -20.80 28.63 -2.64
C LEU A 52 -21.42 27.67 -3.64
N TYR A 53 -20.60 27.10 -4.51
CA TYR A 53 -21.08 26.24 -5.59
C TYR A 53 -20.86 24.78 -5.21
N ILE A 54 -21.93 23.98 -5.33
CA ILE A 54 -21.91 22.57 -4.98
C ILE A 54 -22.08 21.79 -6.28
N ALA A 55 -20.99 21.23 -6.79
CA ALA A 55 -21.04 20.44 -8.01
C ALA A 55 -21.52 19.03 -7.68
N ALA A 56 -22.62 18.61 -8.32
CA ALA A 56 -23.25 17.34 -8.01
C ALA A 56 -23.67 16.66 -9.31
N ARG A 57 -24.30 15.49 -9.17
CA ARG A 57 -24.82 14.77 -10.32
C ARG A 57 -25.98 15.54 -10.95
N ASP A 58 -25.87 15.80 -12.26
CA ASP A 58 -26.95 16.39 -13.06
C ASP A 58 -27.35 17.78 -12.60
N HIS A 59 -26.69 18.31 -11.57
CA HIS A 59 -27.06 19.61 -11.02
C HIS A 59 -25.82 20.28 -10.43
N ILE A 60 -25.95 21.57 -10.16
CA ILE A 60 -24.92 22.34 -9.47
C ILE A 60 -25.60 23.46 -8.69
N TYR A 61 -25.55 23.39 -7.38
CA TYR A 61 -26.29 24.31 -6.52
C TYR A 61 -25.40 25.48 -6.10
N THR A 62 -26.05 26.55 -5.68
CA THR A 62 -25.38 27.73 -5.14
C THR A 62 -25.92 28.04 -3.76
N VAL A 63 -25.02 28.46 -2.86
CA VAL A 63 -25.38 28.83 -1.51
C VAL A 63 -24.77 30.20 -1.20
N ASP A 64 -25.62 31.13 -0.79
CA ASP A 64 -25.15 32.46 -0.39
C ASP A 64 -24.65 32.39 1.05
N ILE A 65 -23.34 32.60 1.23
CA ILE A 65 -22.74 32.42 2.55
C ILE A 65 -23.10 33.58 3.47
N ASP A 66 -23.12 34.80 2.94
CA ASP A 66 -23.36 35.99 3.75
C ASP A 66 -24.81 36.13 4.22
N THR A 67 -25.70 35.22 3.84
CA THR A 67 -27.12 35.35 4.14
C THR A 67 -27.59 34.18 4.99
N SER A 68 -28.21 34.50 6.13
CA SER A 68 -28.93 33.54 6.97
C SER A 68 -28.00 32.59 7.70
N HIS A 69 -28.49 32.02 8.81
CA HIS A 69 -27.74 31.06 9.61
C HIS A 69 -28.63 29.91 10.06
N THR A 70 -29.79 29.73 9.42
CA THR A 70 -30.78 28.73 9.85
C THR A 70 -30.14 27.35 10.02
N GLU A 71 -30.74 26.56 10.90
CA GLU A 71 -30.26 25.21 11.20
C GLU A 71 -30.08 24.38 9.93
N GLU A 72 -30.90 24.59 8.92
CA GLU A 72 -30.80 23.89 7.64
C GLU A 72 -30.40 24.87 6.55
N ILE A 73 -29.39 24.51 5.78
CA ILE A 73 -28.93 25.35 4.67
C ILE A 73 -29.88 25.17 3.50
N TYR A 74 -30.38 26.29 2.97
CA TYR A 74 -31.27 26.28 1.82
C TYR A 74 -30.52 26.76 0.58
N CYS A 75 -30.76 26.11 -0.55
CA CYS A 75 -30.10 26.48 -1.80
C CYS A 75 -30.60 27.84 -2.26
N SER A 76 -29.73 28.54 -3.01
CA SER A 76 -30.08 29.85 -3.56
C SER A 76 -30.60 29.73 -4.99
N LYS A 77 -29.78 29.19 -5.90
CA LYS A 77 -30.20 28.92 -7.26
C LYS A 77 -29.76 27.51 -7.64
N LYS A 78 -30.58 26.86 -8.47
CA LYS A 78 -30.38 25.46 -8.84
C LYS A 78 -30.29 25.37 -10.36
N LEU A 79 -29.10 25.07 -10.86
CA LEU A 79 -28.89 24.84 -12.28
C LEU A 79 -29.18 23.39 -12.61
N THR A 80 -29.89 23.16 -13.71
CA THR A 80 -30.27 21.84 -14.15
C THR A 80 -29.60 21.53 -15.48
N TRP A 81 -28.93 20.39 -15.55
CA TRP A 81 -28.29 19.94 -16.80
C TRP A 81 -28.33 18.41 -16.78
N LYS A 82 -29.37 17.85 -17.39
CA LYS A 82 -29.56 16.42 -17.48
C LYS A 82 -29.10 15.92 -18.85
N SER A 83 -28.48 14.75 -18.87
CA SER A 83 -28.04 14.17 -20.13
C SER A 83 -29.24 13.78 -20.99
N ARG A 84 -29.12 14.01 -22.29
CA ARG A 84 -30.18 13.63 -23.22
C ARG A 84 -30.37 12.12 -23.24
N GLN A 85 -31.63 11.71 -23.42
CA GLN A 85 -31.92 10.28 -23.48
C GLN A 85 -31.11 9.58 -24.57
N ALA A 86 -30.87 10.26 -25.69
CA ALA A 86 -30.03 9.73 -26.75
C ALA A 86 -28.60 9.48 -26.31
N ASP A 87 -28.20 10.02 -25.14
CA ASP A 87 -26.86 9.84 -24.62
C ASP A 87 -26.79 8.93 -23.40
N VAL A 88 -27.84 8.90 -22.58
CA VAL A 88 -27.89 7.95 -21.47
C VAL A 88 -27.91 6.52 -22.00
N ASP A 89 -28.57 6.29 -23.14
CA ASP A 89 -28.62 4.95 -23.70
C ASP A 89 -27.30 4.54 -24.33
N THR A 90 -26.68 5.43 -25.11
CA THR A 90 -25.41 5.09 -25.73
C THR A 90 -24.30 4.85 -24.72
N CYS A 91 -24.49 5.24 -23.46
CA CYS A 91 -23.53 4.94 -22.41
C CYS A 91 -23.77 3.56 -21.79
N ARG A 92 -25.04 3.23 -21.52
CA ARG A 92 -25.36 1.92 -20.96
C ARG A 92 -25.00 0.81 -21.93
N MET A 93 -25.19 1.05 -23.24
CA MET A 93 -24.86 0.02 -24.24
C MET A 93 -23.38 -0.33 -24.22
N LYS A 94 -22.56 0.58 -23.78
CA LYS A 94 -21.14 0.37 -23.77
C LYS A 94 -20.68 -0.54 -22.68
N GLY A 95 -21.35 -0.52 -21.56
CA GLY A 95 -21.17 -1.53 -20.53
C GLY A 95 -21.26 -1.00 -19.12
N LYS A 96 -21.13 0.32 -18.98
CA LYS A 96 -21.18 0.94 -17.66
C LYS A 96 -22.54 0.78 -17.02
N HIS A 97 -22.56 0.83 -15.69
CA HIS A 97 -23.80 0.70 -14.93
C HIS A 97 -24.67 1.94 -15.12
N LYS A 98 -25.98 1.73 -15.01
CA LYS A 98 -26.93 2.84 -15.06
C LYS A 98 -26.55 3.97 -14.11
N ASP A 99 -26.17 3.61 -12.87
CA ASP A 99 -25.77 4.63 -11.90
C ASP A 99 -24.56 5.43 -12.36
N GLU A 100 -23.75 4.89 -13.27
CA GLU A 100 -22.57 5.57 -13.77
C GLU A 100 -22.82 6.37 -15.04
N CYS A 101 -23.98 6.20 -15.68
CA CYS A 101 -24.29 6.90 -16.91
C CYS A 101 -25.20 8.10 -16.61
N HIS A 102 -24.60 9.10 -15.99
CA HIS A 102 -25.28 10.38 -15.73
C HIS A 102 -24.30 11.51 -16.00
N ASN A 103 -24.75 12.73 -15.78
CA ASN A 103 -23.95 13.93 -16.02
C ASN A 103 -23.36 14.39 -14.70
N PHE A 104 -22.16 13.90 -14.40
CA PHE A 104 -21.44 14.27 -13.18
C PHE A 104 -20.52 15.44 -13.47
N ILE A 105 -20.76 16.56 -12.80
CA ILE A 105 -19.94 17.75 -13.00
C ILE A 105 -18.58 17.53 -12.36
N LYS A 106 -17.53 17.56 -13.16
CA LYS A 106 -16.18 17.33 -12.68
C LYS A 106 -15.23 18.50 -12.96
N VAL A 107 -15.69 19.55 -13.62
CA VAL A 107 -14.89 20.74 -13.87
C VAL A 107 -15.75 21.96 -13.60
N LEU A 108 -15.26 22.86 -12.76
CA LEU A 108 -15.98 24.09 -12.45
C LEU A 108 -14.95 25.19 -12.21
N LEU A 109 -14.83 26.11 -13.16
CA LEU A 109 -13.87 27.21 -13.05
C LEU A 109 -14.54 28.50 -13.47
N LYS A 110 -13.96 29.62 -13.04
CA LYS A 110 -14.43 30.94 -13.41
C LYS A 110 -13.69 31.39 -14.67
N LYS A 111 -14.46 31.64 -15.74
CA LYS A 111 -13.83 32.00 -17.01
C LYS A 111 -13.42 33.47 -17.04
N ASN A 112 -14.28 34.37 -16.56
CA ASN A 112 -13.93 35.79 -16.51
C ASN A 112 -14.77 36.45 -15.42
N ASP A 113 -15.04 37.75 -15.58
CA ASP A 113 -15.76 38.48 -14.54
C ASP A 113 -17.21 38.02 -14.42
N ASP A 114 -17.81 37.48 -15.49
CA ASP A 114 -19.21 37.11 -15.46
C ASP A 114 -19.52 35.73 -16.03
N ALA A 115 -18.59 35.08 -16.70
CA ALA A 115 -18.85 33.77 -17.28
C ALA A 115 -18.53 32.66 -16.29
N LEU A 116 -19.05 31.47 -16.59
CA LEU A 116 -18.79 30.27 -15.81
C LEU A 116 -18.49 29.13 -16.78
N PHE A 117 -17.48 28.33 -16.44
CA PHE A 117 -17.03 27.23 -17.29
C PHE A 117 -17.30 25.93 -16.55
N VAL A 118 -18.23 25.13 -17.08
CA VAL A 118 -18.71 23.93 -16.42
C VAL A 118 -18.62 22.76 -17.39
N CYS A 119 -18.00 21.66 -16.95
CA CYS A 119 -17.93 20.44 -17.73
C CYS A 119 -18.52 19.29 -16.91
N GLY A 120 -19.22 18.39 -17.59
CA GLY A 120 -19.75 17.21 -16.95
C GLY A 120 -19.38 15.96 -17.72
N THR A 121 -19.42 14.82 -17.02
CA THR A 121 -19.15 13.55 -17.67
C THR A 121 -20.16 13.26 -18.76
N ASN A 122 -21.41 13.69 -18.56
CA ASN A 122 -22.48 13.54 -19.56
C ASN A 122 -22.56 12.09 -20.07
N ALA A 123 -22.69 11.16 -19.11
CA ALA A 123 -22.84 9.74 -19.41
C ALA A 123 -21.67 9.21 -20.25
N PHE A 124 -20.47 9.31 -19.67
CA PHE A 124 -19.23 8.87 -20.31
C PHE A 124 -19.06 9.47 -21.70
N ASN A 125 -19.39 10.76 -21.80
CA ASN A 125 -19.21 11.52 -23.04
C ASN A 125 -18.99 12.96 -22.64
N PRO A 126 -17.75 13.34 -22.34
CA PRO A 126 -17.51 14.67 -21.75
C PRO A 126 -17.88 15.79 -22.71
N SER A 127 -18.56 16.79 -22.16
CA SER A 127 -18.97 17.96 -22.93
C SER A 127 -19.06 19.14 -21.96
N CYS A 128 -18.61 20.30 -22.43
CA CYS A 128 -18.53 21.50 -21.60
C CYS A 128 -19.50 22.55 -22.13
N ARG A 129 -19.76 23.56 -21.30
CA ARG A 129 -20.71 24.59 -21.64
C ARG A 129 -20.41 25.82 -20.78
N ASN A 130 -20.62 26.99 -21.37
CA ASN A 130 -20.40 28.25 -20.68
C ASN A 130 -21.71 28.75 -20.07
N TYR A 131 -21.62 29.26 -18.84
CA TYR A 131 -22.78 29.72 -18.10
C TYR A 131 -22.53 31.14 -17.59
N LYS A 132 -23.60 31.91 -17.48
CA LYS A 132 -23.53 33.22 -16.88
C LYS A 132 -23.56 33.11 -15.36
N MET A 133 -22.83 34.00 -14.69
CA MET A 133 -22.74 33.94 -13.24
C MET A 133 -23.98 34.52 -12.57
N ASP A 134 -24.53 35.59 -13.14
CA ASP A 134 -25.64 36.30 -12.49
C ASP A 134 -26.98 35.59 -12.67
N THR A 135 -27.17 34.87 -13.78
CA THR A 135 -28.44 34.23 -14.06
C THR A 135 -28.36 32.71 -14.17
N LEU A 136 -27.16 32.12 -14.13
CA LEU A 136 -26.99 30.67 -14.20
C LEU A 136 -27.73 30.08 -15.39
N GLU A 137 -27.43 30.61 -16.57
CA GLU A 137 -28.08 30.20 -17.81
C GLU A 137 -27.03 29.93 -18.88
N PRO A 138 -27.30 28.98 -19.79
CA PRO A 138 -26.33 28.67 -20.83
C PRO A 138 -25.98 29.90 -21.67
N PHE A 139 -24.72 29.96 -22.10
CA PHE A 139 -24.20 31.10 -22.83
C PHE A 139 -23.76 30.74 -24.25
N GLY A 140 -23.93 29.50 -24.67
CA GLY A 140 -23.54 29.11 -26.01
C GLY A 140 -23.67 27.60 -26.19
N ASP A 141 -23.15 27.14 -27.33
CA ASP A 141 -23.23 25.73 -27.67
C ASP A 141 -22.22 24.93 -26.87
N GLU A 142 -22.42 23.61 -26.86
CA GLU A 142 -21.56 22.69 -26.11
C GLU A 142 -20.42 22.24 -27.02
N PHE A 143 -19.22 22.73 -26.74
CA PHE A 143 -18.04 22.24 -27.45
C PHE A 143 -17.54 20.95 -26.80
N SER A 144 -16.64 20.26 -27.50
CA SER A 144 -16.19 18.96 -27.07
C SER A 144 -15.50 19.03 -25.72
N GLY A 145 -15.61 17.94 -24.96
CA GLY A 145 -15.00 17.82 -23.64
C GLY A 145 -13.82 16.88 -23.57
N MET A 146 -13.36 16.32 -24.69
CA MET A 146 -12.24 15.40 -24.67
C MET A 146 -10.99 16.07 -24.12
N ALA A 147 -10.30 15.35 -23.22
CA ALA A 147 -9.05 15.77 -22.58
C ALA A 147 -9.25 16.90 -21.57
N ARG A 148 -10.50 17.23 -21.22
CA ARG A 148 -10.79 18.27 -20.26
C ARG A 148 -11.65 17.81 -19.09
N CYS A 149 -12.42 16.72 -19.25
CA CYS A 149 -13.30 16.22 -18.21
C CYS A 149 -13.27 14.70 -18.28
N PRO A 150 -13.12 14.01 -17.15
CA PRO A 150 -13.01 12.55 -17.18
C PRO A 150 -14.33 11.90 -17.57
N TYR A 151 -14.23 10.62 -17.95
CA TYR A 151 -15.42 9.86 -18.32
C TYR A 151 -16.14 9.32 -17.09
N ASP A 152 -15.40 8.79 -16.12
CA ASP A 152 -15.98 8.13 -14.96
C ASP A 152 -15.92 9.06 -13.76
N ALA A 153 -17.06 9.24 -13.10
CA ALA A 153 -17.12 10.13 -11.94
C ALA A 153 -16.22 9.68 -10.80
N LYS A 154 -15.80 8.41 -10.79
CA LYS A 154 -14.90 7.92 -9.76
C LYS A 154 -13.47 8.42 -9.95
N HIS A 155 -13.11 8.82 -11.17
CA HIS A 155 -11.74 9.26 -11.44
C HIS A 155 -11.51 10.67 -10.90
N ALA A 156 -10.24 10.99 -10.71
CA ALA A 156 -9.84 12.31 -10.25
C ALA A 156 -9.31 13.13 -11.43
N ASN A 157 -9.64 14.41 -11.44
CA ASN A 157 -9.27 15.30 -12.53
C ASN A 157 -8.89 16.66 -11.97
N VAL A 158 -8.06 17.38 -12.73
CA VAL A 158 -7.60 18.71 -12.36
C VAL A 158 -7.87 19.66 -13.50
N ALA A 159 -8.25 20.89 -13.18
CA ALA A 159 -8.47 21.93 -14.18
C ALA A 159 -8.17 23.28 -13.56
N LEU A 160 -7.58 24.17 -14.35
CA LEU A 160 -7.17 25.47 -13.86
C LEU A 160 -7.07 26.45 -15.02
N PHE A 161 -7.63 27.64 -14.83
CA PHE A 161 -7.51 28.72 -15.81
C PHE A 161 -6.33 29.60 -15.45
N ALA A 162 -5.46 29.88 -16.43
CA ALA A 162 -4.28 30.71 -16.21
C ALA A 162 -4.02 31.53 -17.46
N ASP A 163 -4.01 32.85 -17.30
CA ASP A 163 -3.78 33.79 -18.40
C ASP A 163 -4.74 33.53 -19.56
N GLY A 164 -6.01 33.26 -19.23
CA GLY A 164 -7.03 33.01 -20.22
C GLY A 164 -7.05 31.60 -20.78
N LYS A 165 -5.97 30.85 -20.63
CA LYS A 165 -5.91 29.48 -21.13
C LYS A 165 -6.43 28.51 -20.07
N LEU A 166 -6.85 27.34 -20.54
CA LEU A 166 -7.38 26.29 -19.67
C LEU A 166 -6.37 25.15 -19.61
N TYR A 167 -5.83 24.89 -18.41
CA TYR A 167 -4.96 23.75 -18.18
C TYR A 167 -5.75 22.66 -17.48
N SER A 168 -5.72 21.46 -18.07
CA SER A 168 -6.46 20.32 -17.53
C SER A 168 -5.58 19.08 -17.57
N ALA A 169 -5.94 18.11 -16.73
CA ALA A 169 -5.23 16.84 -16.69
C ALA A 169 -6.23 15.75 -16.33
N THR A 170 -6.41 14.79 -17.23
CA THR A 170 -7.38 13.71 -17.07
C THR A 170 -7.12 12.67 -18.16
N VAL A 171 -8.06 11.77 -18.37
CA VAL A 171 -7.92 10.67 -19.32
C VAL A 171 -8.71 11.00 -20.58
N THR A 172 -8.15 10.61 -21.73
CA THR A 172 -8.75 10.92 -23.02
C THR A 172 -9.67 9.81 -23.52
N ASP A 173 -9.43 8.57 -23.11
CA ASP A 173 -10.10 7.42 -23.68
C ASP A 173 -11.15 6.87 -22.72
N PHE A 174 -12.11 6.14 -23.30
CA PHE A 174 -13.20 5.56 -22.53
C PHE A 174 -12.68 4.63 -21.44
N LEU A 175 -11.62 3.89 -21.74
CA LEU A 175 -11.06 2.93 -20.78
C LEU A 175 -10.14 3.58 -19.76
N ALA A 176 -9.94 4.90 -19.83
CA ALA A 176 -9.13 5.64 -18.87
C ALA A 176 -7.68 5.15 -18.83
N ILE A 177 -7.18 4.68 -19.98
CA ILE A 177 -5.81 4.23 -20.05
C ILE A 177 -4.85 5.35 -20.46
N ASP A 178 -5.30 6.28 -21.31
CA ASP A 178 -4.45 7.33 -21.84
C ASP A 178 -4.68 8.60 -21.04
N ALA A 179 -4.04 8.69 -19.88
CA ALA A 179 -4.05 9.90 -19.08
C ALA A 179 -3.12 10.93 -19.71
N VAL A 180 -3.54 12.19 -19.68
CA VAL A 180 -2.84 13.24 -20.41
C VAL A 180 -3.05 14.57 -19.71
N ILE A 181 -2.10 15.48 -19.90
CA ILE A 181 -2.23 16.88 -19.53
C ILE A 181 -2.52 17.67 -20.79
N TYR A 182 -3.51 18.56 -20.74
CA TYR A 182 -4.03 19.18 -21.94
C TYR A 182 -4.21 20.68 -21.71
N ARG A 183 -4.29 21.41 -22.82
CA ARG A 183 -4.51 22.86 -22.78
C ARG A 183 -5.21 23.28 -24.06
N SER A 184 -6.21 24.14 -23.91
CA SER A 184 -6.97 24.65 -25.05
C SER A 184 -7.67 25.94 -24.63
N LEU A 185 -8.57 26.42 -25.50
CA LEU A 185 -9.48 27.52 -25.24
C LEU A 185 -8.78 28.83 -24.90
N GLY A 186 -7.47 28.91 -25.08
CA GLY A 186 -6.73 30.09 -24.68
C GLY A 186 -6.29 30.96 -25.83
N GLU A 187 -6.97 30.81 -26.98
CA GLU A 187 -6.56 31.46 -28.23
C GLU A 187 -5.11 31.08 -28.55
N SER A 188 -4.77 29.83 -28.28
CA SER A 188 -3.44 29.28 -28.49
C SER A 188 -3.61 27.84 -28.96
N PRO A 189 -2.57 27.26 -29.56
CA PRO A 189 -2.70 25.87 -30.03
C PRO A 189 -2.69 24.90 -28.86
N THR A 190 -3.30 23.74 -29.08
CA THR A 190 -3.44 22.75 -28.03
C THR A 190 -2.16 21.94 -27.87
N LEU A 191 -1.92 21.50 -26.64
CA LEU A 191 -0.71 20.76 -26.30
C LEU A 191 -1.07 19.58 -25.40
N ARG A 192 -0.36 18.48 -25.58
CA ARG A 192 -0.59 17.28 -24.78
C ARG A 192 0.71 16.52 -24.63
N THR A 193 0.79 15.72 -23.58
CA THR A 193 1.96 14.89 -23.35
C THR A 193 2.04 13.78 -24.40
N VAL A 194 3.23 13.20 -24.52
CA VAL A 194 3.47 12.18 -25.55
C VAL A 194 2.58 10.98 -25.28
N LYS A 195 1.76 10.62 -26.26
CA LYS A 195 0.85 9.50 -26.12
C LYS A 195 1.62 8.20 -25.92
N HIS A 196 1.13 7.39 -24.99
CA HIS A 196 1.71 6.11 -24.65
C HIS A 196 3.19 6.14 -24.39
N ASP A 197 3.62 7.11 -23.61
CA ASP A 197 5.02 7.26 -23.19
C ASP A 197 5.05 7.14 -21.68
N SER A 198 5.53 6.00 -21.19
CA SER A 198 5.60 5.77 -19.75
C SER A 198 6.63 6.65 -19.07
N LYS A 199 7.61 7.16 -19.82
CA LYS A 199 8.63 8.01 -19.21
C LYS A 199 8.04 9.33 -18.73
N TRP A 200 6.97 9.81 -19.36
CA TRP A 200 6.31 11.05 -18.96
C TRP A 200 5.30 10.80 -17.85
N LEU A 201 4.34 9.90 -18.09
CA LEU A 201 3.30 9.57 -17.12
C LEU A 201 3.01 8.08 -17.19
N LYS A 202 3.05 7.42 -16.04
CA LYS A 202 2.75 5.99 -15.93
C LYS A 202 1.56 5.84 -15.00
N GLU A 203 0.36 5.75 -15.58
CA GLU A 203 -0.88 5.64 -14.83
C GLU A 203 -0.98 6.67 -13.70
N PRO A 204 -0.90 7.96 -14.03
CA PRO A 204 -0.87 8.98 -12.97
C PRO A 204 -2.24 9.17 -12.33
N TYR A 205 -2.23 9.82 -11.17
CA TYR A 205 -3.43 10.18 -10.44
C TYR A 205 -3.29 11.66 -10.06
N PHE A 206 -3.98 12.52 -10.80
CA PHE A 206 -3.79 13.96 -10.63
C PHE A 206 -4.58 14.47 -9.43
N VAL A 207 -4.01 15.44 -8.74
CA VAL A 207 -4.54 15.91 -7.45
C VAL A 207 -4.84 17.40 -7.49
N GLN A 208 -3.89 18.22 -7.92
CA GLN A 208 -4.05 19.66 -7.87
C GLN A 208 -3.03 20.32 -8.78
N ALA A 209 -3.40 21.49 -9.30
CA ALA A 209 -2.50 22.35 -10.07
C ALA A 209 -2.58 23.77 -9.53
N VAL A 210 -1.44 24.46 -9.52
CA VAL A 210 -1.35 25.81 -9.00
C VAL A 210 -0.61 26.68 -9.99
N ASP A 211 -0.91 27.98 -9.95
CA ASP A 211 -0.31 28.97 -10.85
C ASP A 211 0.66 29.82 -10.03
N TYR A 212 1.94 29.79 -10.42
CA TYR A 212 2.96 30.57 -9.74
C TYR A 212 3.96 31.08 -10.76
N GLY A 213 4.16 32.40 -10.79
CA GLY A 213 5.14 32.98 -11.69
C GLY A 213 4.82 32.69 -13.14
N ASP A 214 5.81 32.17 -13.87
CA ASP A 214 5.69 31.86 -15.28
C ASP A 214 5.45 30.38 -15.53
N TYR A 215 5.12 29.61 -14.49
CA TYR A 215 4.96 28.17 -14.62
C TYR A 215 3.63 27.74 -13.99
N ILE A 216 3.13 26.61 -14.46
CA ILE A 216 2.01 25.91 -13.83
C ILE A 216 2.54 24.60 -13.29
N TYR A 217 2.27 24.33 -12.01
CA TYR A 217 2.78 23.15 -11.34
C TYR A 217 1.64 22.16 -11.12
N PHE A 218 1.82 20.93 -11.61
CA PHE A 218 0.86 19.85 -11.43
C PHE A 218 1.38 18.89 -10.38
N PHE A 219 0.58 18.63 -9.35
CA PHE A 219 0.92 17.69 -8.30
C PHE A 219 0.11 16.41 -8.49
N PHE A 220 0.79 15.27 -8.51
CA PHE A 220 0.14 14.00 -8.76
C PHE A 220 1.05 12.87 -8.25
N ARG A 221 0.52 11.65 -8.31
CA ARG A 221 1.27 10.46 -7.97
C ARG A 221 1.21 9.48 -9.13
N GLU A 222 2.28 8.70 -9.28
CA GLU A 222 2.39 7.78 -10.40
C GLU A 222 3.35 6.66 -10.03
N ILE A 223 3.31 5.59 -10.81
CA ILE A 223 4.20 4.45 -10.60
C ILE A 223 5.63 4.89 -10.85
N ALA A 224 6.46 4.82 -9.82
CA ALA A 224 7.84 5.28 -9.90
C ALA A 224 8.60 4.53 -11.00
N VAL A 225 9.29 5.28 -11.85
CA VAL A 225 10.09 4.67 -12.89
C VAL A 225 11.50 4.33 -12.39
N GLU A 226 12.04 5.13 -11.47
CA GLU A 226 13.38 4.86 -10.95
C GLU A 226 13.38 3.78 -9.88
N TYR A 227 12.29 3.64 -9.14
CA TYR A 227 12.17 2.64 -8.08
C TYR A 227 11.50 1.37 -8.58
N ASN A 228 12.00 0.83 -9.69
CA ASN A 228 11.41 -0.34 -10.32
C ASN A 228 12.03 -1.65 -9.85
N THR A 229 13.10 -1.59 -9.06
CA THR A 229 13.73 -2.81 -8.56
C THR A 229 12.76 -3.60 -7.69
N MET A 230 12.12 -2.93 -6.73
CA MET A 230 11.16 -3.60 -5.86
C MET A 230 9.94 -4.08 -6.64
N GLY A 231 9.46 -3.26 -7.57
CA GLY A 231 8.24 -3.52 -8.28
C GLY A 231 7.44 -2.25 -8.44
N LYS A 232 6.13 -2.41 -8.65
CA LYS A 232 5.25 -1.26 -8.85
C LYS A 232 5.10 -0.50 -7.55
N VAL A 233 5.70 0.69 -7.48
CA VAL A 233 5.60 1.57 -6.33
C VAL A 233 5.13 2.94 -6.82
N VAL A 234 4.28 3.58 -6.02
CA VAL A 234 3.69 4.86 -6.38
C VAL A 234 4.49 5.97 -5.71
N PHE A 235 4.89 6.97 -6.50
CA PHE A 235 5.71 8.07 -6.02
C PHE A 235 5.03 9.41 -6.27
N PRO A 236 5.09 10.33 -5.31
CA PRO A 236 4.49 11.65 -5.53
C PRO A 236 5.38 12.52 -6.40
N ARG A 237 4.74 13.21 -7.36
CA ARG A 237 5.47 14.00 -8.34
C ARG A 237 4.91 15.42 -8.38
N VAL A 238 5.77 16.34 -8.82
CA VAL A 238 5.38 17.70 -9.18
C VAL A 238 5.92 17.98 -10.57
N ALA A 239 5.09 18.57 -11.42
CA ALA A 239 5.43 18.79 -12.82
C ALA A 239 5.16 20.23 -13.21
N GLN A 240 6.13 20.86 -13.89
CA GLN A 240 6.03 22.24 -14.32
C GLN A 240 5.77 22.30 -15.83
N VAL A 241 5.01 23.32 -16.24
CA VAL A 241 4.79 23.65 -17.64
C VAL A 241 4.80 25.17 -17.78
N CYS A 242 5.52 25.67 -18.77
CA CYS A 242 5.55 27.10 -19.02
C CYS A 242 4.17 27.60 -19.44
N LYS A 243 3.85 28.83 -19.03
CA LYS A 243 2.57 29.42 -19.40
C LYS A 243 2.56 29.92 -20.84
N ASN A 244 3.72 30.30 -21.38
CA ASN A 244 3.84 30.82 -22.73
C ASN A 244 4.30 29.75 -23.73
N ASP A 245 4.17 28.48 -23.38
CA ASP A 245 4.53 27.41 -24.30
C ASP A 245 3.59 27.40 -25.50
N MET A 246 4.18 27.26 -26.69
CA MET A 246 3.40 27.20 -27.93
C MET A 246 3.76 25.97 -28.77
N GLY A 247 4.32 24.93 -28.15
CA GLY A 247 4.61 23.70 -28.83
C GLY A 247 5.97 23.70 -29.50
N GLY A 248 6.35 22.51 -29.98
CA GLY A 248 7.63 22.30 -30.63
C GLY A 248 7.59 22.64 -32.11
N SER A 249 8.66 22.26 -32.80
CA SER A 249 8.79 22.52 -34.22
C SER A 249 7.90 21.57 -35.02
N GLN A 250 7.93 21.72 -36.34
CA GLN A 250 7.11 20.90 -37.21
C GLN A 250 7.52 19.43 -37.20
N ARG A 251 8.75 19.13 -36.82
CA ARG A 251 9.27 17.76 -36.90
C ARG A 251 9.35 17.06 -35.54
N VAL A 252 9.58 17.80 -34.45
CA VAL A 252 9.81 17.22 -33.14
C VAL A 252 8.87 17.87 -32.14
N LEU A 253 8.16 17.05 -31.36
CA LEU A 253 7.26 17.51 -30.30
C LEU A 253 6.25 18.55 -30.81
N GLU A 254 5.71 18.30 -32.00
CA GLU A 254 4.62 19.13 -32.49
C GLU A 254 3.36 18.86 -31.69
N LYS A 255 2.69 19.93 -31.26
CA LYS A 255 1.51 19.85 -30.41
C LYS A 255 1.79 19.11 -29.10
N GLN A 256 3.04 19.13 -28.66
CA GLN A 256 3.43 18.56 -27.38
C GLN A 256 4.15 19.60 -26.53
N TRP A 257 4.17 19.36 -25.22
CA TRP A 257 4.85 20.26 -24.30
C TRP A 257 6.35 20.30 -24.61
N THR A 258 6.93 21.49 -24.46
CA THR A 258 8.38 21.67 -24.62
C THR A 258 9.03 22.10 -23.31
N SER A 259 8.29 22.11 -22.20
CA SER A 259 8.84 22.48 -20.92
C SER A 259 8.40 21.55 -19.80
N PHE A 260 7.85 20.38 -20.12
CA PHE A 260 7.33 19.47 -19.12
C PHE A 260 8.48 18.77 -18.41
N LEU A 261 8.66 19.06 -17.13
CA LEU A 261 9.63 18.39 -16.28
C LEU A 261 8.95 17.98 -14.98
N LYS A 262 9.41 16.87 -14.40
CA LYS A 262 8.81 16.35 -13.18
C LYS A 262 9.90 15.96 -12.19
N ALA A 263 9.55 16.01 -10.91
CA ALA A 263 10.47 15.69 -9.84
C ALA A 263 9.70 15.11 -8.66
N ARG A 264 10.36 14.23 -7.91
CA ARG A 264 9.71 13.53 -6.81
C ARG A 264 9.65 14.43 -5.57
N LEU A 265 8.52 14.36 -4.87
CA LEU A 265 8.35 15.12 -3.64
C LEU A 265 8.94 14.36 -2.46
N ASN A 266 9.75 15.05 -1.65
CA ASN A 266 10.43 14.45 -0.51
C ASN A 266 9.66 14.86 0.75
N CYS A 267 8.90 13.91 1.31
CA CYS A 267 8.20 14.09 2.58
C CYS A 267 8.54 12.89 3.46
N SER A 268 9.61 13.05 4.25
CA SER A 268 10.14 11.93 5.03
C SER A 268 10.68 12.44 6.35
N VAL A 269 10.72 11.55 7.33
CA VAL A 269 11.31 11.84 8.64
C VAL A 269 12.78 11.46 8.58
N PRO A 270 13.71 12.43 8.61
CA PRO A 270 15.13 12.10 8.40
C PRO A 270 15.69 11.32 9.57
N GLY A 271 16.39 10.24 9.25
CA GLY A 271 17.04 9.43 10.26
C GLY A 271 18.12 8.58 9.64
N ASP A 272 18.44 7.48 10.33
CA ASP A 272 19.38 6.50 9.78
C ASP A 272 18.88 5.95 8.46
N SER A 273 17.62 5.51 8.42
CA SER A 273 16.95 5.09 7.19
C SER A 273 15.63 5.84 7.10
N HIS A 274 15.53 6.72 6.11
CA HIS A 274 14.36 7.59 6.00
C HIS A 274 13.11 6.77 5.70
N PHE A 275 11.97 7.29 6.17
CA PHE A 275 10.66 6.68 5.93
C PHE A 275 9.84 7.66 5.10
N TYR A 276 9.52 7.28 3.88
CA TYR A 276 8.85 8.16 2.93
C TYR A 276 7.36 7.89 2.90
N PHE A 277 6.57 8.96 2.92
CA PHE A 277 5.14 8.90 2.68
C PHE A 277 4.91 9.16 1.19
N ASN A 278 4.41 8.16 0.48
CA ASN A 278 4.40 8.19 -0.98
C ASN A 278 3.07 8.56 -1.59
N ILE A 279 1.95 8.24 -0.94
CA ILE A 279 0.63 8.45 -1.53
C ILE A 279 0.21 9.89 -1.25
N LEU A 280 0.42 10.76 -2.22
CA LEU A 280 -0.05 12.14 -2.13
C LEU A 280 -1.57 12.17 -2.15
N GLN A 281 -2.16 12.94 -1.24
CA GLN A 281 -3.61 12.99 -1.09
C GLN A 281 -4.20 14.32 -1.54
N ALA A 282 -3.64 15.44 -1.12
CA ALA A 282 -4.17 16.75 -1.49
C ALA A 282 -3.06 17.78 -1.39
N VAL A 283 -3.23 18.88 -2.13
CA VAL A 283 -2.27 19.97 -2.18
C VAL A 283 -3.05 21.28 -2.18
N THR A 284 -2.65 22.20 -1.31
CA THR A 284 -3.29 23.50 -1.25
C THR A 284 -2.72 24.44 -2.31
N ASP A 285 -3.46 25.51 -2.58
CA ASP A 285 -3.00 26.54 -3.49
C ASP A 285 -1.79 27.27 -2.90
N VAL A 286 -1.21 28.15 -3.71
CA VAL A 286 -0.11 28.99 -3.25
C VAL A 286 -0.64 29.95 -2.19
N ILE A 287 -0.04 29.90 -1.01
CA ILE A 287 -0.47 30.73 0.12
C ILE A 287 0.77 31.35 0.75
N ARG A 288 0.74 32.67 0.94
CA ARG A 288 1.82 33.36 1.62
C ARG A 288 1.84 33.01 3.10
N ILE A 289 3.02 32.72 3.63
CA ILE A 289 3.18 32.37 5.03
C ILE A 289 4.59 32.74 5.50
N ASN A 290 4.68 33.68 6.43
CA ASN A 290 5.95 34.17 6.96
C ASN A 290 6.86 34.66 5.83
N GLY A 291 6.27 35.41 4.90
CA GLY A 291 7.03 35.98 3.80
C GLY A 291 7.63 34.96 2.87
N ARG A 292 6.99 33.79 2.74
CA ARG A 292 7.48 32.72 1.87
C ARG A 292 6.30 32.08 1.16
N ASP A 293 6.27 32.18 -0.16
CA ASP A 293 5.20 31.54 -0.93
C ASP A 293 5.36 30.03 -0.84
N VAL A 294 4.35 29.37 -0.26
CA VAL A 294 4.47 27.96 0.12
C VAL A 294 3.14 27.28 -0.18
N VAL A 295 3.22 26.00 -0.54
CA VAL A 295 2.06 25.13 -0.66
C VAL A 295 2.21 23.98 0.31
N LEU A 296 1.10 23.55 0.91
CA LEU A 296 1.10 22.42 1.82
C LEU A 296 0.48 21.21 1.13
N ALA A 297 1.01 20.04 1.42
CA ALA A 297 0.56 18.81 0.79
C ALA A 297 0.52 17.69 1.83
N THR A 298 -0.52 16.87 1.77
CA THR A 298 -0.66 15.72 2.64
C THR A 298 -0.22 14.46 1.92
N PHE A 299 0.53 13.62 2.62
CA PHE A 299 1.04 12.36 2.08
C PHE A 299 0.65 11.24 3.03
N SER A 300 0.44 10.05 2.46
CA SER A 300 0.05 8.90 3.24
C SER A 300 0.80 7.66 2.77
N THR A 301 0.73 6.60 3.58
CA THR A 301 1.31 5.32 3.25
C THR A 301 0.41 4.57 2.27
N PRO A 302 0.97 3.62 1.51
CA PRO A 302 0.16 2.87 0.55
C PRO A 302 -1.00 2.13 1.21
N TYR A 303 -1.97 1.73 0.38
CA TYR A 303 -3.16 1.08 0.90
C TYR A 303 -2.86 -0.30 1.49
N ASN A 304 -1.85 -0.99 0.94
CA ASN A 304 -1.48 -2.31 1.42
C ASN A 304 -0.35 -2.25 2.45
N SER A 305 -0.24 -1.16 3.20
CA SER A 305 0.78 -1.00 4.22
C SER A 305 0.12 -0.49 5.51
N ILE A 306 0.95 -0.27 6.52
CA ILE A 306 0.44 0.22 7.81
C ILE A 306 -0.10 1.63 7.62
N PRO A 307 -1.30 1.93 8.11
CA PRO A 307 -1.89 3.26 7.88
C PRO A 307 -1.10 4.36 8.56
N GLY A 308 -0.78 5.40 7.79
CA GLY A 308 -0.07 6.55 8.32
C GLY A 308 -0.20 7.73 7.38
N SER A 309 -0.11 8.93 7.94
CA SER A 309 -0.31 10.15 7.17
C SER A 309 0.64 11.23 7.66
N ALA A 310 1.03 12.11 6.74
CA ALA A 310 1.98 13.17 7.05
C ALA A 310 1.63 14.40 6.22
N VAL A 311 1.86 15.58 6.82
CA VAL A 311 1.63 16.85 6.16
C VAL A 311 2.99 17.53 5.98
N CYS A 312 3.37 17.79 4.75
CA CYS A 312 4.62 18.48 4.43
C CYS A 312 4.32 19.78 3.72
N ALA A 313 5.19 20.77 3.95
CA ALA A 313 5.10 22.06 3.30
C ALA A 313 6.28 22.25 2.36
N TYR A 314 6.04 22.90 1.23
CA TYR A 314 7.06 23.08 0.20
C TYR A 314 7.10 24.54 -0.22
N ASP A 315 8.30 25.12 -0.20
CA ASP A 315 8.47 26.50 -0.64
C ASP A 315 8.52 26.55 -2.16
N MET A 316 7.75 27.47 -2.75
CA MET A 316 7.72 27.58 -4.20
C MET A 316 9.08 27.94 -4.77
N LEU A 317 9.93 28.61 -3.98
CA LEU A 317 11.29 28.88 -4.44
C LEU A 317 12.08 27.59 -4.56
N ASP A 318 11.93 26.68 -3.60
CA ASP A 318 12.62 25.39 -3.68
C ASP A 318 12.11 24.57 -4.86
N ILE A 319 10.80 24.63 -5.12
CA ILE A 319 10.24 23.93 -6.27
C ILE A 319 10.80 24.49 -7.56
N ALA A 320 10.80 25.82 -7.69
CA ALA A 320 11.36 26.45 -8.88
C ALA A 320 12.85 26.17 -9.03
N SER A 321 13.55 25.93 -7.91
CA SER A 321 14.97 25.68 -7.95
C SER A 321 15.34 24.23 -8.23
N VAL A 322 14.44 23.29 -7.95
CA VAL A 322 14.76 21.89 -8.22
C VAL A 322 14.69 21.58 -9.71
N PHE A 323 13.97 22.38 -10.49
CA PHE A 323 13.89 22.19 -11.93
C PHE A 323 15.01 22.90 -12.68
N THR A 324 15.93 23.54 -11.97
CA THR A 324 17.14 24.09 -12.56
C THR A 324 18.36 23.21 -12.33
N GLY A 325 18.19 22.04 -11.72
CA GLY A 325 19.28 21.14 -11.43
C GLY A 325 19.55 20.18 -12.56
N ARG A 326 20.22 19.08 -12.23
CA ARG A 326 20.62 18.08 -13.21
C ARG A 326 19.52 17.06 -13.43
N PHE A 327 19.52 16.47 -14.62
CA PHE A 327 18.56 15.45 -14.99
C PHE A 327 19.13 14.06 -14.70
N LYS A 328 18.24 13.07 -14.61
CA LYS A 328 18.63 11.70 -14.36
C LYS A 328 18.18 10.81 -15.52
N GLU A 329 18.99 9.80 -15.82
CA GLU A 329 18.79 8.94 -16.98
C GLU A 329 19.20 7.52 -16.62
N GLN A 330 19.02 6.61 -17.57
CA GLN A 330 19.50 5.23 -17.48
C GLN A 330 20.57 5.04 -18.54
N LYS A 331 21.84 5.02 -18.11
CA LYS A 331 22.94 4.78 -19.03
C LYS A 331 22.76 3.45 -19.77
N SER A 332 22.31 2.43 -19.06
CA SER A 332 21.99 1.13 -19.64
C SER A 332 20.66 0.66 -19.10
N PRO A 333 19.91 -0.12 -19.88
CA PRO A 333 18.61 -0.61 -19.41
C PRO A 333 18.76 -1.46 -18.15
N ASP A 334 17.77 -1.34 -17.27
CA ASP A 334 17.76 -2.04 -15.98
C ASP A 334 19.04 -1.76 -15.19
N SER A 335 19.24 -0.48 -14.88
CA SER A 335 20.40 -0.04 -14.12
C SER A 335 19.99 1.12 -13.22
N THR A 336 20.88 1.47 -12.29
CA THR A 336 20.64 2.59 -11.40
C THR A 336 20.58 3.90 -12.18
N TRP A 337 19.70 4.80 -11.74
CA TRP A 337 19.59 6.11 -12.37
C TRP A 337 20.68 7.03 -11.85
N THR A 338 21.36 7.72 -12.77
CA THR A 338 22.47 8.59 -12.43
C THR A 338 22.20 10.00 -12.94
N PRO A 339 22.71 11.02 -12.24
CA PRO A 339 22.47 12.41 -12.69
C PRO A 339 23.29 12.74 -13.93
N VAL A 340 22.61 13.25 -14.95
CA VAL A 340 23.29 13.62 -16.19
C VAL A 340 24.28 14.75 -15.91
N PRO A 341 25.55 14.61 -16.28
CA PRO A 341 26.50 15.72 -16.09
C PRO A 341 26.11 16.92 -16.94
N ASP A 342 26.36 18.11 -16.39
CA ASP A 342 25.97 19.34 -17.07
C ASP A 342 26.73 19.53 -18.38
N GLU A 343 27.96 19.01 -18.47
CA GLU A 343 28.79 19.19 -19.65
C GLU A 343 28.20 18.55 -20.91
N ARG A 344 27.16 17.73 -20.78
CA ARG A 344 26.55 17.08 -21.92
C ARG A 344 25.18 17.63 -22.29
N VAL A 345 24.59 18.44 -21.42
CA VAL A 345 23.30 19.07 -21.73
C VAL A 345 23.53 20.23 -22.69
N PRO A 346 22.80 20.30 -23.81
CA PRO A 346 22.96 21.45 -24.72
C PRO A 346 22.56 22.73 -24.01
N LYS A 347 23.12 23.85 -24.49
CA LYS A 347 22.91 25.04 -23.67
C LYS A 347 21.94 26.03 -24.28
N PRO A 348 20.70 25.61 -24.54
CA PRO A 348 19.55 26.26 -23.87
C PRO A 348 19.05 25.33 -22.78
N ARG A 349 18.69 25.85 -21.62
CA ARG A 349 18.28 24.97 -20.53
C ARG A 349 16.94 24.34 -20.85
N PRO A 350 16.83 23.00 -20.80
CA PRO A 350 15.53 22.37 -21.05
C PRO A 350 14.53 22.66 -19.94
N GLY A 351 13.49 23.43 -20.25
CA GLY A 351 12.46 23.78 -19.29
C GLY A 351 12.30 25.26 -19.04
N CYS A 352 13.27 26.10 -19.45
CA CYS A 352 13.13 27.53 -19.31
C CYS A 352 12.22 28.08 -20.41
N CYS A 353 11.34 29.01 -20.03
CA CYS A 353 10.36 29.53 -20.96
C CYS A 353 11.01 30.52 -21.92
N ALA A 354 10.57 30.48 -23.18
CA ALA A 354 11.10 31.37 -24.19
C ALA A 354 10.90 32.83 -23.79
N GLY A 355 11.89 33.65 -24.09
CA GLY A 355 11.84 35.07 -23.78
C GLY A 355 12.23 35.42 -22.36
N SER A 356 12.67 34.46 -21.56
CA SER A 356 13.11 34.73 -20.20
C SER A 356 14.58 35.12 -20.21
N SER A 357 15.19 35.18 -19.02
CA SER A 357 16.60 35.53 -18.92
C SER A 357 17.47 34.53 -19.66
N SER A 358 18.47 35.04 -20.37
CA SER A 358 19.46 34.26 -21.11
C SER A 358 18.85 33.44 -22.25
N LEU A 359 17.55 33.60 -22.52
CA LEU A 359 16.88 32.95 -23.65
C LEU A 359 16.17 33.95 -24.54
N GLU A 360 16.53 35.24 -24.46
CA GLU A 360 15.88 36.26 -25.26
C GLU A 360 15.97 36.00 -26.75
N ARG A 361 16.94 35.21 -27.19
CA ARG A 361 17.12 34.95 -28.62
C ARG A 361 16.06 34.01 -29.19
N TYR A 362 15.21 33.42 -28.34
CA TYR A 362 14.15 32.51 -28.78
C TYR A 362 12.81 33.18 -28.51
N ALA A 363 12.12 33.56 -29.58
CA ALA A 363 10.84 34.24 -29.44
C ALA A 363 9.82 33.35 -28.74
N THR A 364 9.56 32.17 -29.31
CA THR A 364 8.58 31.23 -28.78
C THR A 364 9.19 29.83 -28.78
N SER A 365 8.44 28.89 -28.20
CA SER A 365 8.92 27.51 -28.09
C SER A 365 9.14 26.86 -29.44
N ASN A 366 8.49 27.35 -30.50
CA ASN A 366 8.64 26.75 -31.81
C ASN A 366 10.07 26.86 -32.33
N GLU A 367 10.84 27.82 -31.86
CA GLU A 367 12.20 28.05 -32.33
C GLU A 367 13.25 27.29 -31.52
N PHE A 368 12.82 26.40 -30.62
CA PHE A 368 13.77 25.64 -29.83
C PHE A 368 14.50 24.63 -30.72
N PRO A 369 15.82 24.51 -30.61
CA PRO A 369 16.56 23.58 -31.46
C PRO A 369 16.08 22.14 -31.28
N ASP A 370 16.18 21.37 -32.36
CA ASP A 370 15.76 19.96 -32.35
C ASP A 370 16.37 19.19 -31.20
N ASP A 371 17.66 19.39 -30.95
CA ASP A 371 18.36 18.58 -29.95
C ASP A 371 17.79 18.78 -28.55
N THR A 372 17.39 20.01 -28.22
CA THR A 372 16.85 20.28 -26.90
C THR A 372 15.47 19.66 -26.75
N LEU A 373 14.65 19.70 -27.80
CA LEU A 373 13.35 19.04 -27.77
C LEU A 373 13.50 17.54 -27.56
N ASN A 374 14.42 16.92 -28.29
CA ASN A 374 14.68 15.49 -28.11
C ASN A 374 15.14 15.19 -26.68
N PHE A 375 16.02 16.01 -26.14
CA PHE A 375 16.54 15.77 -24.79
C PHE A 375 15.42 15.79 -23.75
N ILE A 376 14.55 16.80 -23.81
CA ILE A 376 13.48 16.91 -22.84
C ILE A 376 12.38 15.87 -23.09
N LYS A 377 12.33 15.32 -24.30
CA LYS A 377 11.38 14.24 -24.57
C LYS A 377 11.83 12.93 -23.93
N THR A 378 13.14 12.70 -23.84
CA THR A 378 13.69 11.46 -23.32
C THR A 378 14.19 11.61 -21.88
N HIS A 379 14.15 12.80 -21.31
CA HIS A 379 14.63 13.05 -19.94
C HIS A 379 13.66 13.99 -19.22
N PRO A 380 12.45 13.52 -18.92
CA PRO A 380 11.48 14.38 -18.25
C PRO A 380 11.64 14.44 -16.74
N LEU A 381 12.38 13.51 -16.14
CA LEU A 381 12.44 13.37 -14.69
C LEU A 381 13.70 14.05 -14.16
N MET A 382 13.53 14.88 -13.13
CA MET A 382 14.65 15.56 -12.50
C MET A 382 15.32 14.65 -11.49
N ASP A 383 16.64 14.85 -11.32
CA ASP A 383 17.41 14.00 -10.42
C ASP A 383 17.03 14.25 -8.97
N GLU A 384 17.18 15.49 -8.51
CA GLU A 384 16.96 15.80 -7.11
C GLU A 384 15.47 15.75 -6.77
N ALA A 385 15.19 15.57 -5.49
CA ALA A 385 13.83 15.60 -4.96
C ALA A 385 13.55 16.93 -4.29
N VAL A 386 12.30 17.37 -4.35
CA VAL A 386 11.91 18.66 -3.80
C VAL A 386 12.01 18.60 -2.28
N PRO A 387 12.90 19.39 -1.67
CA PRO A 387 13.04 19.33 -0.20
C PRO A 387 11.92 20.10 0.48
N SER A 388 11.33 19.49 1.50
CA SER A 388 10.28 20.14 2.27
C SER A 388 10.88 21.15 3.25
N ILE A 389 10.03 22.03 3.76
CA ILE A 389 10.46 23.02 4.74
C ILE A 389 10.89 22.31 6.01
N PHE A 390 12.10 22.60 6.47
CA PHE A 390 12.72 22.04 7.68
C PHE A 390 13.09 20.57 7.50
N ASN A 391 12.94 20.02 6.29
CA ASN A 391 13.32 18.65 5.95
C ASN A 391 12.63 17.61 6.83
N ARG A 392 11.52 17.98 7.48
CA ARG A 392 10.74 17.04 8.28
C ARG A 392 9.28 17.39 8.16
N PRO A 393 8.38 16.41 8.19
CA PRO A 393 6.95 16.71 8.10
C PRO A 393 6.50 17.60 9.24
N TRP A 394 5.57 18.51 8.92
CA TRP A 394 5.01 19.39 9.94
C TRP A 394 4.05 18.66 10.87
N PHE A 395 3.48 17.53 10.43
CA PHE A 395 2.43 16.87 11.18
C PHE A 395 2.46 15.38 10.86
N LEU A 396 2.12 14.57 11.87
CA LEU A 396 2.19 13.11 11.73
C LEU A 396 1.07 12.47 12.53
N ARG A 397 0.37 11.53 11.90
CA ARG A 397 -0.56 10.63 12.59
C ARG A 397 -0.25 9.20 12.19
N THR A 398 -0.02 8.34 13.17
CA THR A 398 0.34 6.95 12.90
C THR A 398 -0.39 5.95 13.77
N MET A 399 -1.23 6.38 14.71
CA MET A 399 -1.93 5.48 15.61
C MET A 399 -3.44 5.51 15.39
N VAL A 400 -3.87 5.71 14.14
CA VAL A 400 -5.28 5.73 13.80
C VAL A 400 -5.51 4.88 12.55
N ARG A 401 -6.77 4.50 12.35
CA ARG A 401 -7.17 3.67 11.23
C ARG A 401 -7.57 4.47 10.00
N TYR A 402 -7.82 5.77 10.14
CA TYR A 402 -8.22 6.60 9.01
C TYR A 402 -6.99 7.21 8.33
N ARG A 403 -7.21 7.72 7.13
CA ARG A 403 -6.14 8.28 6.30
C ARG A 403 -6.49 9.71 5.95
N LEU A 404 -5.58 10.63 6.29
CA LEU A 404 -5.80 12.04 6.00
C LEU A 404 -5.82 12.28 4.50
N THR A 405 -6.80 13.04 4.03
CA THR A 405 -6.92 13.33 2.61
C THR A 405 -6.86 14.84 2.34
N LYS A 406 -7.99 15.52 2.48
CA LYS A 406 -8.07 16.92 2.10
C LYS A 406 -7.36 17.80 3.13
N ILE A 407 -7.00 19.01 2.70
CA ILE A 407 -6.26 19.94 3.53
C ILE A 407 -6.64 21.37 3.15
N ALA A 408 -7.08 22.15 4.14
CA ALA A 408 -7.34 23.56 3.99
C ALA A 408 -6.53 24.34 5.02
N VAL A 409 -6.03 25.50 4.62
CA VAL A 409 -5.13 26.29 5.46
C VAL A 409 -5.66 27.70 5.57
N ASP A 410 -5.55 28.28 6.77
CA ASP A 410 -5.94 29.65 7.05
C ASP A 410 -4.67 30.40 7.48
N THR A 411 -4.03 31.08 6.51
CA THR A 411 -2.81 31.82 6.79
C THR A 411 -3.06 33.19 7.41
N ALA A 412 -4.30 33.49 7.79
CA ALA A 412 -4.65 34.75 8.44
C ALA A 412 -5.62 34.49 9.59
N ALA A 413 -5.38 33.41 10.33
CA ALA A 413 -6.26 33.04 11.43
C ALA A 413 -5.92 33.81 12.69
N GLY A 414 -6.92 34.06 13.51
CA GLY A 414 -6.72 34.67 14.80
C GLY A 414 -7.22 36.09 14.89
N PRO A 415 -7.22 36.66 16.10
CA PRO A 415 -7.66 38.05 16.24
C PRO A 415 -6.82 39.03 15.45
N TYR A 416 -5.50 38.84 15.44
CA TYR A 416 -4.58 39.78 14.81
C TYR A 416 -4.09 39.29 13.45
N GLN A 417 -4.60 38.17 12.96
CA GLN A 417 -4.31 37.67 11.61
C GLN A 417 -2.81 37.46 11.39
N ASN A 418 -2.17 36.79 12.35
CA ASN A 418 -0.75 36.46 12.24
C ASN A 418 -0.48 35.07 12.81
N HIS A 419 -1.43 34.16 12.63
CA HIS A 419 -1.28 32.76 13.00
C HIS A 419 -1.33 31.90 11.74
N THR A 420 -1.31 30.59 11.93
CA THR A 420 -1.47 29.66 10.81
C THR A 420 -2.18 28.41 11.33
N VAL A 421 -3.43 28.22 10.91
CA VAL A 421 -4.24 27.07 11.31
C VAL A 421 -4.51 26.24 10.07
N VAL A 422 -4.22 24.94 10.14
CA VAL A 422 -4.38 24.02 9.02
C VAL A 422 -5.46 23.01 9.39
N PHE A 423 -6.43 22.83 8.49
CA PHE A 423 -7.51 21.87 8.67
C PHE A 423 -7.28 20.69 7.76
N LEU A 424 -7.43 19.48 8.31
CA LEU A 424 -7.20 18.25 7.59
C LEU A 424 -8.45 17.38 7.61
N GLY A 425 -8.82 16.82 6.46
CA GLY A 425 -9.88 15.86 6.38
C GLY A 425 -9.35 14.44 6.38
N SER A 426 -10.28 13.48 6.46
CA SER A 426 -9.92 12.07 6.51
C SER A 426 -10.95 11.27 5.73
N GLU A 427 -10.59 10.02 5.42
CA GLU A 427 -11.48 9.12 4.70
C GLU A 427 -12.60 8.58 5.57
N LYS A 428 -12.64 8.91 6.86
CA LYS A 428 -13.69 8.47 7.76
C LYS A 428 -14.53 9.62 8.30
N GLY A 429 -14.38 10.82 7.76
CA GLY A 429 -15.19 11.94 8.16
C GLY A 429 -14.70 12.71 9.36
N ILE A 430 -13.46 12.46 9.79
CA ILE A 430 -12.89 13.12 10.97
C ILE A 430 -12.04 14.29 10.50
N ILE A 431 -12.20 15.44 11.16
CA ILE A 431 -11.46 16.65 10.83
C ILE A 431 -10.36 16.84 11.87
N LEU A 432 -9.14 17.11 11.40
CA LEU A 432 -8.00 17.37 12.26
C LEU A 432 -7.56 18.82 12.08
N LYS A 433 -7.31 19.50 13.21
CA LYS A 433 -6.95 20.90 13.20
C LYS A 433 -5.70 21.09 14.06
N PHE A 434 -4.68 21.74 13.50
CA PHE A 434 -3.43 21.97 14.21
C PHE A 434 -2.88 23.34 13.83
N LEU A 435 -2.22 23.98 14.80
CA LEU A 435 -1.68 25.33 14.64
C LEU A 435 -0.23 25.23 14.21
N ALA A 436 -0.01 25.26 12.89
CA ALA A 436 1.35 25.26 12.38
C ALA A 436 2.04 26.58 12.70
N ARG A 437 3.30 26.48 13.13
CA ARG A 437 4.09 27.65 13.48
C ARG A 437 5.24 27.82 12.49
N ILE A 438 5.69 29.06 12.33
CA ILE A 438 6.80 29.36 11.44
C ILE A 438 8.02 29.81 12.24
N PHE A 443 14.60 28.06 12.20
CA PHE A 443 13.41 28.28 13.01
C PHE A 443 12.52 27.03 13.03
N LEU A 444 12.88 26.09 13.90
CA LEU A 444 12.11 24.86 14.01
C LEU A 444 10.69 25.15 14.47
N ASN A 445 9.73 24.39 13.93
CA ASN A 445 8.32 24.56 14.27
C ASN A 445 7.92 23.47 15.26
N ASP A 446 7.55 23.88 16.47
CA ASP A 446 7.14 22.92 17.49
C ASP A 446 5.84 22.22 17.12
N SER A 447 4.89 22.97 16.56
CA SER A 447 3.58 22.51 16.11
C SER A 447 2.65 22.30 17.31
N LEU A 448 1.36 22.20 17.06
CA LEU A 448 0.39 22.02 18.14
C LEU A 448 -0.90 21.46 17.55
N PHE A 449 -1.15 20.17 17.78
CA PHE A 449 -2.37 19.53 17.29
C PHE A 449 -3.55 19.99 18.15
N LEU A 450 -4.25 21.01 17.67
CA LEU A 450 -5.25 21.69 18.49
C LEU A 450 -6.42 20.77 18.83
N GLU A 451 -7.10 20.24 17.83
CA GLU A 451 -8.33 19.48 18.07
C GLU A 451 -8.52 18.43 16.99
N GLU A 452 -9.48 17.54 17.26
CA GLU A 452 -9.89 16.50 16.33
C GLU A 452 -11.39 16.28 16.52
N MET A 453 -12.12 16.20 15.42
CA MET A 453 -13.58 16.20 15.50
C MET A 453 -14.16 15.33 14.39
N SER A 454 -15.27 14.66 14.71
CA SER A 454 -16.05 13.91 13.74
C SER A 454 -17.23 14.79 13.32
N VAL A 455 -17.25 15.18 12.05
CA VAL A 455 -18.28 16.09 11.55
C VAL A 455 -19.42 15.38 10.86
N TYR A 456 -19.23 14.15 10.38
CA TYR A 456 -20.28 13.41 9.68
C TYR A 456 -21.54 13.33 10.52
N ASN A 457 -22.68 13.63 9.89
CA ASN A 457 -23.99 13.62 10.54
C ASN A 457 -24.80 12.51 9.87
N SER A 458 -24.81 11.33 10.47
CA SER A 458 -25.52 10.19 9.90
C SER A 458 -27.01 10.47 9.77
N GLU A 459 -27.57 11.30 10.64
CA GLU A 459 -29.01 11.56 10.61
C GLU A 459 -29.43 12.23 9.31
N LYS A 460 -28.57 13.11 8.76
CA LYS A 460 -28.92 13.88 7.58
C LYS A 460 -28.09 13.56 6.35
N CYS A 461 -27.02 12.77 6.48
CA CYS A 461 -26.16 12.44 5.35
C CYS A 461 -26.33 11.02 4.84
N SER A 462 -26.73 10.08 5.69
CA SER A 462 -26.95 8.71 5.25
C SER A 462 -28.14 8.63 4.29
N TYR A 463 -28.01 7.80 3.27
CA TYR A 463 -29.03 7.64 2.25
C TYR A 463 -29.29 6.15 2.05
N ASP A 464 -30.52 5.72 2.34
CA ASP A 464 -30.93 4.32 2.22
C ASP A 464 -29.97 3.39 2.99
N GLY A 465 -29.73 3.76 4.24
CA GLY A 465 -28.86 2.96 5.10
C GLY A 465 -27.47 2.76 4.57
N VAL A 466 -26.91 3.75 3.88
CA VAL A 466 -25.56 3.70 3.35
C VAL A 466 -24.78 4.87 3.93
N GLU A 467 -23.53 4.60 4.33
CA GLU A 467 -22.68 5.58 4.99
C GLU A 467 -21.37 5.69 4.21
N ASP A 468 -21.24 6.76 3.42
CA ASP A 468 -20.00 7.09 2.73
C ASP A 468 -19.44 8.36 3.38
N LYS A 469 -18.29 8.23 4.02
CA LYS A 469 -17.71 9.31 4.81
C LYS A 469 -16.53 9.99 4.12
N ARG A 470 -16.20 9.60 2.90
CA ARG A 470 -15.07 10.19 2.20
C ARG A 470 -15.33 11.68 1.95
N ILE A 471 -14.47 12.53 2.51
CA ILE A 471 -14.60 13.97 2.32
C ILE A 471 -14.21 14.32 0.89
N MET A 472 -15.13 14.98 0.17
CA MET A 472 -14.87 15.33 -1.22
C MET A 472 -14.21 16.68 -1.38
N GLY A 473 -14.36 17.58 -0.41
CA GLY A 473 -13.70 18.88 -0.49
C GLY A 473 -13.94 19.67 0.78
N MET A 474 -13.02 20.61 1.00
CA MET A 474 -13.11 21.53 2.13
C MET A 474 -12.79 22.93 1.64
N GLN A 475 -13.66 23.89 1.99
CA GLN A 475 -13.49 25.28 1.59
C GLN A 475 -13.64 26.16 2.82
N LEU A 476 -12.61 26.96 3.09
CA LEU A 476 -12.61 27.85 4.25
C LEU A 476 -13.20 29.20 3.87
N ASP A 477 -14.12 29.71 4.69
CA ASP A 477 -14.77 30.99 4.47
C ASP A 477 -14.41 31.91 5.64
N ARG A 478 -13.43 32.77 5.43
CA ARG A 478 -12.96 33.64 6.51
C ARG A 478 -13.97 34.73 6.86
N ALA A 479 -14.88 35.07 5.94
CA ALA A 479 -15.84 36.12 6.22
C ALA A 479 -16.92 35.65 7.19
N SER A 480 -17.32 34.39 7.11
CA SER A 480 -18.35 33.84 7.98
C SER A 480 -17.79 32.97 9.09
N SER A 481 -16.46 32.88 9.21
CA SER A 481 -15.80 32.12 10.27
C SER A 481 -16.26 30.66 10.26
N SER A 482 -16.46 30.09 9.08
CA SER A 482 -16.98 28.75 8.92
C SER A 482 -16.14 27.98 7.92
N LEU A 483 -16.20 26.65 8.04
CA LEU A 483 -15.50 25.74 7.14
C LEU A 483 -16.51 24.76 6.56
N TYR A 484 -16.69 24.81 5.24
CA TYR A 484 -17.66 23.95 4.56
C TYR A 484 -16.98 22.63 4.18
N VAL A 485 -17.49 21.53 4.71
CA VAL A 485 -16.95 20.20 4.44
C VAL A 485 -18.00 19.43 3.66
N ALA A 486 -17.63 19.03 2.44
CA ALA A 486 -18.56 18.37 1.52
C ALA A 486 -18.34 16.86 1.56
N PHE A 487 -19.43 16.12 1.74
CA PHE A 487 -19.43 14.67 1.64
C PHE A 487 -20.11 14.26 0.33
N SER A 488 -20.10 12.95 0.07
CA SER A 488 -20.72 12.44 -1.15
C SER A 488 -22.19 12.79 -1.24
N THR A 489 -22.89 12.85 -0.11
CA THR A 489 -24.33 13.08 -0.09
C THR A 489 -24.75 14.33 0.68
N CYS A 490 -23.81 15.12 1.20
CA CYS A 490 -24.19 16.27 2.01
C CYS A 490 -23.01 17.22 2.11
N VAL A 491 -23.32 18.47 2.49
CA VAL A 491 -22.33 19.50 2.76
C VAL A 491 -22.63 20.07 4.13
N ILE A 492 -21.61 20.16 4.98
CA ILE A 492 -21.77 20.59 6.37
C ILE A 492 -21.02 21.90 6.58
N LYS A 493 -21.66 22.82 7.29
CA LYS A 493 -21.06 24.12 7.62
C LYS A 493 -20.52 24.03 9.05
N VAL A 494 -19.23 23.75 9.17
CA VAL A 494 -18.56 23.58 10.46
C VAL A 494 -17.93 24.90 10.87
N PRO A 495 -18.24 25.42 12.06
CA PRO A 495 -17.59 26.64 12.52
C PRO A 495 -16.10 26.42 12.75
N LEU A 496 -15.31 27.44 12.39
CA LEU A 496 -13.86 27.32 12.54
C LEU A 496 -13.46 27.28 14.00
N GLY A 497 -14.15 28.03 14.86
CA GLY A 497 -13.76 28.15 16.25
C GLY A 497 -14.28 27.07 17.17
N ARG A 498 -15.57 26.73 17.06
CA ARG A 498 -16.24 25.80 17.96
C ARG A 498 -16.17 26.29 19.40
N CYS A 499 -16.05 27.61 19.58
CA CYS A 499 -15.99 28.19 20.92
C CYS A 499 -17.23 27.86 21.73
N GLU A 500 -18.38 27.71 21.08
CA GLU A 500 -19.64 27.47 21.79
C GLU A 500 -19.57 26.23 22.68
N ARG A 501 -18.82 25.21 22.25
CA ARG A 501 -18.72 23.98 23.02
C ARG A 501 -18.13 24.25 24.41
N TYR A 502 -17.07 25.06 24.47
CA TYR A 502 -16.44 25.37 25.75
C TYR A 502 -17.43 25.99 26.72
N GLY A 503 -18.18 27.00 26.26
CA GLY A 503 -19.19 27.61 27.11
C GLY A 503 -18.60 28.33 28.30
N LYS A 504 -19.22 28.14 29.46
CA LYS A 504 -18.88 28.87 30.67
C LYS A 504 -17.59 28.40 31.32
N CYS A 505 -16.96 27.35 30.82
CA CYS A 505 -15.75 26.80 31.42
C CYS A 505 -14.55 27.61 30.94
N LYS A 506 -14.29 28.72 31.64
CA LYS A 506 -13.15 29.57 31.30
C LYS A 506 -11.84 28.78 31.33
N LYS A 507 -11.72 27.84 32.28
CA LYS A 507 -10.53 26.99 32.35
C LYS A 507 -10.26 26.30 31.02
N THR A 508 -11.32 25.79 30.38
CA THR A 508 -11.16 25.11 29.09
C THR A 508 -10.93 26.11 27.96
N CYS A 509 -11.69 27.21 27.96
CA CYS A 509 -11.55 28.22 26.91
C CYS A 509 -10.12 28.74 26.82
N ILE A 510 -9.44 28.86 27.95
CA ILE A 510 -8.04 29.29 27.93
C ILE A 510 -7.11 28.12 27.63
N ALA A 511 -7.37 26.95 28.23
CA ALA A 511 -6.52 25.79 28.01
C ALA A 511 -6.59 25.27 26.59
N SER A 512 -7.66 25.59 25.86
CA SER A 512 -7.80 25.09 24.49
C SER A 512 -6.70 25.64 23.59
N ARG A 513 -6.24 26.86 23.84
CA ARG A 513 -5.28 27.55 22.98
C ARG A 513 -5.78 27.57 21.53
N ASP A 514 -7.05 27.94 21.35
CA ASP A 514 -7.65 28.03 20.04
C ASP A 514 -7.55 29.46 19.55
N PRO A 515 -6.95 29.71 18.38
CA PRO A 515 -6.83 31.11 17.91
C PRO A 515 -8.16 31.77 17.64
N TYR A 516 -9.14 31.03 17.13
CA TYR A 516 -10.44 31.61 16.80
C TYR A 516 -11.28 31.92 18.02
N CYS A 517 -10.89 31.47 19.21
CA CYS A 517 -11.70 31.63 20.40
C CYS A 517 -11.01 32.57 21.39
N GLY A 518 -11.70 32.82 22.51
CA GLY A 518 -11.18 33.67 23.55
C GLY A 518 -12.23 33.86 24.62
N TRP A 519 -11.82 34.54 25.69
CA TRP A 519 -12.70 34.82 26.82
C TRP A 519 -13.02 36.31 26.86
N ILE A 520 -14.29 36.63 27.07
CA ILE A 520 -14.76 38.01 27.13
C ILE A 520 -15.49 38.19 28.45
N LYS A 521 -14.95 39.07 29.31
CA LYS A 521 -15.57 39.33 30.60
C LYS A 521 -16.89 40.07 30.44
N GLU A 522 -17.00 40.93 29.42
CA GLU A 522 -18.24 41.68 29.22
C GLU A 522 -19.43 40.74 28.99
N GLY A 523 -19.32 39.83 28.03
CA GLY A 523 -20.33 38.81 27.87
C GLY A 523 -20.30 37.77 28.98
N GLY A 524 -19.11 37.42 29.45
CA GLY A 524 -18.96 36.45 30.51
C GLY A 524 -18.83 35.02 30.06
N ALA A 525 -18.68 34.76 28.77
CA ALA A 525 -18.62 33.40 28.25
C ALA A 525 -17.60 33.31 27.12
N CYS A 526 -17.21 32.09 26.81
CA CYS A 526 -16.32 31.82 25.69
C CYS A 526 -17.13 31.87 24.40
N SER A 527 -16.59 32.57 23.40
CA SER A 527 -17.34 32.77 22.16
C SER A 527 -16.38 33.14 21.04
N HIS A 528 -16.87 33.01 19.80
CA HIS A 528 -16.10 33.38 18.63
C HIS A 528 -15.58 34.81 18.74
N LEU A 529 -14.32 35.00 18.37
CA LEU A 529 -13.66 36.29 18.47
C LEU A 529 -13.50 36.87 17.06
N SER A 530 -14.06 38.06 16.84
CA SER A 530 -13.97 38.72 15.56
C SER A 530 -12.59 39.32 15.35
N PRO A 531 -12.10 39.33 14.11
CA PRO A 531 -10.78 39.93 13.84
C PRO A 531 -10.65 41.37 14.31
N ASN A 532 -11.70 42.18 14.18
CA ASN A 532 -11.67 43.55 14.65
C ASN A 532 -12.75 43.78 15.70
N SER A 533 -12.64 43.08 16.83
CA SER A 533 -13.61 43.17 17.92
C SER A 533 -13.07 44.10 18.99
N ARG A 534 -13.70 45.27 19.13
CA ARG A 534 -13.27 46.24 20.13
C ARG A 534 -13.30 45.65 21.54
N LEU A 535 -14.17 44.67 21.78
CA LEU A 535 -14.27 44.05 23.09
C LEU A 535 -12.92 43.45 23.50
N THR A 536 -12.54 43.67 24.76
CA THR A 536 -11.28 43.16 25.28
C THR A 536 -11.39 41.66 25.52
N PHE A 537 -10.50 40.89 24.91
CA PHE A 537 -10.51 39.44 25.01
C PHE A 537 -9.30 38.96 25.81
N GLU A 538 -9.46 37.79 26.44
CA GLU A 538 -8.40 37.15 27.20
C GLU A 538 -8.12 35.79 26.60
N GLN A 539 -6.90 35.62 26.08
CA GLN A 539 -6.46 34.33 25.55
C GLN A 539 -4.97 34.15 25.83
N ASP A 540 -4.52 32.91 25.77
CA ASP A 540 -3.15 32.54 26.09
C ASP A 540 -2.63 31.55 25.05
N ILE A 541 -2.62 31.98 23.78
CA ILE A 541 -2.23 31.10 22.68
C ILE A 541 -0.81 30.59 22.87
N GLU A 542 0.08 31.44 23.38
CA GLU A 542 1.47 31.06 23.56
C GLU A 542 1.60 29.87 24.52
N ARG A 543 1.20 30.06 25.77
CA ARG A 543 1.18 29.00 26.76
C ARG A 543 -0.12 29.07 27.53
N GLY A 544 -0.87 27.97 27.54
CA GLY A 544 -2.16 27.94 28.21
C GLY A 544 -2.06 27.54 29.66
N ASN A 545 -2.12 28.53 30.55
CA ASN A 545 -2.04 28.30 31.99
C ASN A 545 -3.43 28.41 32.60
N THR A 546 -3.94 27.30 33.13
CA THR A 546 -5.24 27.27 33.78
C THR A 546 -5.17 27.50 35.29
N ASP A 547 -3.97 27.73 35.82
CA ASP A 547 -3.81 27.97 37.25
C ASP A 547 -4.68 29.13 37.71
N GLY A 548 -5.35 28.95 38.85
CA GLY A 548 -6.22 29.97 39.39
C GLY A 548 -7.59 30.04 38.80
N LEU A 549 -7.98 29.07 37.96
CA LEU A 549 -9.27 29.06 37.31
C LEU A 549 -9.82 27.63 37.28
N GLY A 550 -11.14 27.53 37.18
CA GLY A 550 -11.79 26.24 37.11
C GLY A 550 -12.05 25.63 38.46
N ASP A 551 -12.64 24.45 38.45
CA ASP A 551 -12.99 23.77 37.20
C ASP A 551 -14.50 23.74 36.99
N GLY B 3 -6.96 -1.89 1.26
CA GLY B 3 -7.37 -2.44 2.54
C GLY B 3 -6.25 -3.19 3.26
N PHE B 4 -6.13 -2.94 4.56
CA PHE B 4 -5.12 -3.57 5.37
C PHE B 4 -5.79 -4.26 6.57
N PRO B 5 -5.36 -5.48 6.91
CA PRO B 5 -5.98 -6.19 8.03
C PRO B 5 -5.91 -5.38 9.32
N GLU B 6 -7.05 -5.31 10.01
CA GLU B 6 -7.12 -4.58 11.27
C GLU B 6 -6.63 -5.45 12.41
N ASP B 7 -6.10 -4.78 13.44
CA ASP B 7 -5.58 -5.48 14.61
C ASP B 7 -6.73 -6.10 15.40
N SER B 8 -6.64 -7.41 15.64
CA SER B 8 -7.67 -8.10 16.41
C SER B 8 -7.71 -7.57 17.84
N GLU B 9 -8.84 -7.78 18.50
CA GLU B 9 -8.98 -7.29 19.86
C GLU B 9 -8.56 -8.35 20.86
N PRO B 10 -7.84 -7.96 21.91
CA PRO B 10 -7.44 -8.95 22.94
C PRO B 10 -8.65 -9.39 23.75
N ILE B 11 -8.84 -10.72 23.80
CA ILE B 11 -9.96 -11.28 24.56
C ILE B 11 -9.82 -10.97 26.04
N SER B 12 -8.58 -10.94 26.55
CA SER B 12 -8.33 -10.66 27.95
C SER B 12 -7.12 -9.74 28.07
N ILE B 13 -7.18 -8.83 29.05
CA ILE B 13 -6.10 -7.88 29.31
C ILE B 13 -5.82 -7.90 30.81
N SER B 14 -4.54 -8.02 31.17
CA SER B 14 -4.10 -7.98 32.56
C SER B 14 -3.18 -6.78 32.73
N HIS B 15 -3.64 -5.80 33.51
CA HIS B 15 -2.85 -4.60 33.74
C HIS B 15 -1.70 -4.87 34.70
N GLY B 16 -0.77 -3.92 34.76
CA GLY B 16 0.39 -4.07 35.62
C GLY B 16 0.04 -4.24 37.09
N ASN B 17 -1.05 -3.62 37.54
CA ASN B 17 -1.44 -3.70 38.94
C ASN B 17 -1.68 -5.14 39.37
N TYR B 18 -2.36 -5.93 38.54
CA TYR B 18 -2.66 -7.31 38.91
C TYR B 18 -1.40 -8.17 38.93
N THR B 19 -0.51 -7.97 37.96
CA THR B 19 0.65 -8.84 37.79
C THR B 19 1.80 -8.41 38.72
N LYS B 20 1.51 -8.45 40.02
CA LYS B 20 2.52 -8.26 41.05
C LYS B 20 2.67 -9.45 41.98
N GLN B 21 1.66 -10.31 42.08
CA GLN B 21 1.77 -11.48 42.94
C GLN B 21 2.77 -12.50 42.41
N TYR B 22 2.90 -12.60 41.09
CA TYR B 22 3.74 -13.61 40.49
C TYR B 22 5.17 -13.54 41.06
N PRO B 23 5.80 -14.68 41.31
CA PRO B 23 7.15 -14.67 41.90
C PRO B 23 8.13 -13.88 41.06
N VAL B 24 9.10 -13.26 41.74
CA VAL B 24 10.14 -12.46 41.11
C VAL B 24 11.47 -12.84 41.74
N PHE B 25 12.46 -13.12 40.89
CA PHE B 25 13.79 -13.52 41.33
C PHE B 25 14.76 -12.38 41.10
N VAL B 26 15.48 -11.99 42.15
CA VAL B 26 16.48 -10.94 42.07
C VAL B 26 17.75 -11.36 42.79
N GLY B 27 17.91 -12.68 42.96
CA GLY B 27 19.10 -13.21 43.61
C GLY B 27 19.06 -13.12 45.12
N HIS B 38 23.05 -4.03 44.01
CA HIS B 38 23.79 -4.56 42.87
C HIS B 38 22.93 -4.54 41.60
N ARG B 39 23.59 -4.49 40.45
CA ARG B 39 22.92 -4.46 39.15
C ARG B 39 23.15 -5.79 38.46
N LEU B 40 22.07 -6.56 38.25
CA LEU B 40 22.20 -7.88 37.67
C LEU B 40 22.63 -7.81 36.21
N ASP B 41 21.89 -7.07 35.39
CA ASP B 41 22.13 -6.95 33.95
C ASP B 41 22.16 -8.34 33.30
N ILE B 42 21.01 -9.01 33.37
CA ILE B 42 20.89 -10.37 32.84
C ILE B 42 21.14 -10.36 31.34
N GLN B 43 21.71 -11.46 30.84
CA GLN B 43 21.95 -11.62 29.42
C GLN B 43 20.97 -12.59 28.76
N MET B 44 20.70 -13.73 29.36
CA MET B 44 19.77 -14.71 28.81
C MET B 44 19.46 -15.75 29.86
N ILE B 45 18.39 -16.51 29.62
CA ILE B 45 18.00 -17.64 30.45
C ILE B 45 17.70 -18.83 29.54
N MET B 46 17.76 -20.02 30.14
CA MET B 46 17.48 -21.25 29.40
C MET B 46 17.21 -22.37 30.38
N ILE B 47 16.29 -23.27 30.01
CA ILE B 47 15.90 -24.41 30.83
C ILE B 47 16.57 -25.66 30.27
N MET B 48 17.14 -26.48 31.15
CA MET B 48 17.84 -27.69 30.75
C MET B 48 17.58 -28.79 31.77
N ASN B 49 17.11 -29.94 31.29
CA ASN B 49 16.88 -31.12 32.12
C ASN B 49 15.98 -30.78 33.32
N GLY B 50 15.00 -29.91 33.10
CA GLY B 50 14.10 -29.53 34.16
C GLY B 50 14.66 -28.54 35.14
N THR B 51 15.73 -27.83 34.77
CA THR B 51 16.39 -26.90 35.68
C THR B 51 16.69 -25.61 34.92
N LEU B 52 16.26 -24.48 35.48
CA LEU B 52 16.43 -23.19 34.84
C LEU B 52 17.77 -22.57 35.24
N TYR B 53 18.54 -22.16 34.24
CA TYR B 53 19.83 -21.51 34.45
C TYR B 53 19.70 -20.02 34.16
N ILE B 54 20.37 -19.21 34.97
CA ILE B 54 20.29 -17.76 34.88
C ILE B 54 21.68 -17.25 34.53
N ALA B 55 21.86 -16.82 33.27
CA ALA B 55 23.13 -16.27 32.82
C ALA B 55 23.11 -14.75 32.99
N ALA B 56 24.00 -14.25 33.84
CA ALA B 56 24.03 -12.82 34.15
C ALA B 56 25.46 -12.42 34.49
N ARG B 57 25.63 -11.14 34.83
CA ARG B 57 26.95 -10.56 35.06
C ARG B 57 27.71 -11.26 36.18
N ASP B 58 28.80 -11.93 35.83
CA ASP B 58 29.75 -12.53 36.76
C ASP B 58 29.14 -13.60 37.65
N HIS B 59 27.90 -14.01 37.37
CA HIS B 59 27.20 -14.96 38.22
C HIS B 59 26.23 -15.77 37.39
N ILE B 60 26.14 -17.06 37.71
CA ILE B 60 25.19 -17.98 37.07
C ILE B 60 24.32 -18.59 38.16
N TYR B 61 23.03 -18.29 38.13
CA TYR B 61 22.08 -18.81 39.10
C TYR B 61 21.28 -19.96 38.49
N THR B 62 20.83 -20.87 39.35
CA THR B 62 20.07 -22.04 38.94
C THR B 62 18.81 -22.16 39.81
N VAL B 63 17.72 -21.58 39.32
CA VAL B 63 16.44 -21.67 40.02
C VAL B 63 15.91 -23.10 39.90
N ASP B 64 15.42 -23.64 41.02
CA ASP B 64 14.90 -25.00 41.05
C ASP B 64 13.47 -25.01 40.54
N ILE B 65 13.29 -25.51 39.30
CA ILE B 65 11.96 -25.58 38.71
C ILE B 65 11.06 -26.53 39.50
N ASP B 66 11.66 -27.54 40.13
CA ASP B 66 10.87 -28.56 40.82
C ASP B 66 10.03 -27.95 41.95
N THR B 67 10.56 -26.96 42.64
CA THR B 67 9.84 -26.28 43.72
C THR B 67 8.91 -25.22 43.16
N SER B 68 7.94 -25.68 42.37
CA SER B 68 6.98 -24.76 41.76
C SER B 68 6.02 -24.18 42.78
N HIS B 69 5.57 -25.00 43.74
CA HIS B 69 4.63 -24.52 44.75
C HIS B 69 5.24 -23.40 45.59
N THR B 70 6.55 -23.43 45.82
CA THR B 70 7.21 -22.41 46.62
C THR B 70 7.09 -21.05 45.93
N GLU B 71 6.42 -20.11 46.61
CA GLU B 71 6.27 -18.77 46.05
C GLU B 71 7.62 -18.06 45.94
N GLU B 72 8.47 -18.21 46.95
CA GLU B 72 9.82 -17.68 46.90
C GLU B 72 10.74 -18.65 46.16
N ILE B 73 11.75 -18.07 45.49
CA ILE B 73 12.73 -18.85 44.73
C ILE B 73 14.11 -18.26 44.98
N TYR B 74 15.02 -19.07 45.51
CA TYR B 74 16.38 -18.65 45.80
C TYR B 74 17.36 -19.53 45.05
N CYS B 75 18.38 -18.90 44.46
CA CYS B 75 19.42 -19.61 43.72
C CYS B 75 20.08 -20.69 44.58
N SER B 76 19.82 -21.95 44.26
CA SER B 76 20.39 -23.05 45.02
C SER B 76 21.91 -23.05 44.94
N LYS B 77 22.45 -22.93 43.73
CA LYS B 77 23.89 -22.98 43.51
C LYS B 77 24.30 -21.75 42.71
N LYS B 78 25.30 -21.03 43.21
CA LYS B 78 25.75 -19.77 42.62
C LYS B 78 27.15 -19.96 42.06
N LEU B 79 27.30 -19.70 40.77
CA LEU B 79 28.59 -19.80 40.11
C LEU B 79 29.24 -18.41 40.10
N THR B 80 30.48 -18.34 40.57
CA THR B 80 31.20 -17.08 40.70
C THR B 80 32.38 -17.09 39.74
N TRP B 81 32.44 -16.07 38.87
CA TRP B 81 33.55 -15.93 37.93
C TRP B 81 33.70 -14.44 37.64
N LYS B 82 34.62 -13.79 38.36
CA LYS B 82 34.89 -12.37 38.18
C LYS B 82 36.18 -12.19 37.39
N SER B 83 36.19 -11.17 36.54
CA SER B 83 37.37 -10.89 35.72
C SER B 83 38.57 -10.54 36.61
N ARG B 84 39.76 -10.89 36.14
CA ARG B 84 40.98 -10.54 36.84
C ARG B 84 41.24 -9.04 36.75
N GLN B 85 41.93 -8.51 37.78
CA GLN B 85 42.20 -7.08 37.84
C GLN B 85 42.94 -6.59 36.60
N ALA B 86 43.82 -7.42 36.03
CA ALA B 86 44.57 -7.01 34.86
C ALA B 86 43.65 -6.78 33.66
N ASP B 87 42.70 -7.70 33.45
CA ASP B 87 41.77 -7.54 32.33
C ASP B 87 40.83 -6.35 32.54
N VAL B 88 40.37 -6.15 33.78
CA VAL B 88 39.53 -5.00 34.08
C VAL B 88 40.29 -3.69 33.82
N ASP B 89 41.54 -3.64 34.25
CA ASP B 89 42.35 -2.44 34.01
C ASP B 89 42.54 -2.18 32.52
N THR B 90 42.78 -3.24 31.74
CA THR B 90 42.96 -3.09 30.30
C THR B 90 41.69 -2.55 29.64
N CYS B 91 40.53 -3.11 30.00
CA CYS B 91 39.27 -2.63 29.47
C CYS B 91 39.05 -1.16 29.79
N ARG B 92 39.36 -0.76 31.03
CA ARG B 92 39.20 0.64 31.42
C ARG B 92 40.14 1.54 30.62
N MET B 93 41.37 1.10 30.38
CA MET B 93 42.32 1.90 29.62
C MET B 93 41.86 2.11 28.19
N LYS B 94 41.39 1.03 27.54
CA LYS B 94 41.01 1.10 26.13
C LYS B 94 39.88 2.08 25.86
N GLY B 95 39.15 2.52 26.89
CA GLY B 95 38.15 3.56 26.73
C GLY B 95 36.73 3.11 27.00
N LYS B 96 36.51 1.85 27.37
CA LYS B 96 35.16 1.39 27.66
C LYS B 96 34.71 1.90 29.03
N HIS B 97 33.40 2.01 29.18
CA HIS B 97 32.82 2.45 30.45
C HIS B 97 33.19 1.48 31.57
N LYS B 98 33.39 2.03 32.77
CA LYS B 98 33.72 1.20 33.93
C LYS B 98 32.65 0.16 34.21
N ASP B 99 31.39 0.49 33.95
CA ASP B 99 30.31 -0.47 34.15
C ASP B 99 30.36 -1.57 33.10
N GLU B 100 30.57 -1.20 31.83
CA GLU B 100 30.58 -2.19 30.76
C GLU B 100 31.69 -3.21 30.95
N CYS B 101 32.78 -2.84 31.62
CA CYS B 101 33.91 -3.74 31.82
C CYS B 101 33.58 -4.70 32.96
N HIS B 102 33.01 -5.85 32.60
CA HIS B 102 32.67 -6.90 33.55
C HIS B 102 32.56 -8.21 32.80
N ASN B 103 32.48 -9.30 33.56
CA ASN B 103 32.34 -10.65 32.99
C ASN B 103 30.87 -10.91 32.73
N PHE B 104 30.43 -10.65 31.50
CA PHE B 104 29.06 -10.89 31.07
C PHE B 104 29.01 -12.23 30.35
N ILE B 105 28.31 -13.20 30.94
CA ILE B 105 28.16 -14.51 30.31
C ILE B 105 27.22 -14.37 29.13
N LYS B 106 27.67 -14.77 27.94
CA LYS B 106 26.87 -14.67 26.73
C LYS B 106 26.70 -15.99 26.00
N VAL B 107 27.33 -17.06 26.46
CA VAL B 107 27.20 -18.38 25.85
C VAL B 107 27.05 -19.42 26.95
N LEU B 108 25.99 -20.21 26.90
CA LEU B 108 25.77 -21.30 27.84
C LEU B 108 25.15 -22.46 27.07
N LEU B 109 25.91 -23.53 26.87
CA LEU B 109 25.44 -24.68 26.11
C LEU B 109 25.83 -25.95 26.83
N LYS B 110 25.06 -27.01 26.59
CA LYS B 110 25.30 -28.32 27.19
C LYS B 110 26.26 -29.10 26.32
N LYS B 111 27.49 -29.29 26.80
CA LYS B 111 28.48 -30.04 26.03
C LYS B 111 28.11 -31.53 25.99
N ASN B 112 27.84 -32.11 27.16
CA ASN B 112 27.36 -33.48 27.25
C ASN B 112 26.48 -33.59 28.50
N ASP B 113 26.04 -34.81 28.79
CA ASP B 113 25.13 -35.04 29.90
C ASP B 113 25.78 -34.81 31.27
N ASP B 114 27.11 -34.74 31.33
CA ASP B 114 27.80 -34.55 32.59
C ASP B 114 28.70 -33.30 32.58
N ALA B 115 28.55 -32.42 31.61
CA ALA B 115 29.41 -31.26 31.48
C ALA B 115 28.59 -30.03 31.11
N LEU B 116 29.08 -28.86 31.50
CA LEU B 116 28.46 -27.59 31.17
C LEU B 116 29.52 -26.68 30.54
N PHE B 117 29.10 -25.95 29.50
CA PHE B 117 30.01 -25.14 28.70
C PHE B 117 29.58 -23.68 28.80
N VAL B 118 30.46 -22.83 29.29
CA VAL B 118 30.15 -21.44 29.60
C VAL B 118 31.24 -20.54 29.01
N CYS B 119 30.82 -19.51 28.29
CA CYS B 119 31.71 -18.49 27.75
C CYS B 119 31.26 -17.12 28.24
N GLY B 120 32.21 -16.29 28.62
CA GLY B 120 31.91 -14.94 29.05
C GLY B 120 32.78 -13.91 28.35
N THR B 121 32.29 -12.67 28.37
CA THR B 121 33.05 -11.57 27.77
C THR B 121 34.37 -11.36 28.50
N ASN B 122 34.38 -11.56 29.81
CA ASN B 122 35.56 -11.36 30.65
C ASN B 122 36.19 -9.99 30.42
N ALA B 123 35.34 -8.96 30.47
CA ALA B 123 35.75 -7.56 30.32
C ALA B 123 36.51 -7.34 29.01
N PHE B 124 35.81 -7.59 27.90
CA PHE B 124 36.35 -7.41 26.56
C PHE B 124 37.61 -8.27 26.35
N ASN B 125 37.55 -9.51 26.84
CA ASN B 125 38.62 -10.49 26.61
C ASN B 125 37.98 -11.86 26.59
N PRO B 126 37.37 -12.22 25.46
CA PRO B 126 36.55 -13.45 25.42
C PRO B 126 37.33 -14.68 25.84
N SER B 127 36.74 -15.45 26.75
CA SER B 127 37.35 -16.66 27.27
C SER B 127 36.24 -17.62 27.70
N CYS B 128 36.50 -18.91 27.55
CA CYS B 128 35.53 -19.94 27.83
C CYS B 128 36.09 -20.90 28.88
N ARG B 129 35.19 -21.56 29.60
CA ARG B 129 35.59 -22.51 30.62
C ARG B 129 34.51 -23.58 30.79
N ASN B 130 34.94 -24.82 30.90
CA ASN B 130 34.03 -25.95 31.08
C ASN B 130 33.69 -26.11 32.56
N TYR B 131 32.42 -26.37 32.85
CA TYR B 131 31.93 -26.53 34.21
C TYR B 131 31.25 -27.89 34.36
N LYS B 132 31.39 -28.48 35.55
CA LYS B 132 30.68 -29.69 35.87
C LYS B 132 29.22 -29.40 36.17
N MET B 133 28.35 -30.36 35.85
CA MET B 133 26.92 -30.14 36.03
C MET B 133 26.48 -30.36 37.47
N ASP B 134 26.80 -31.53 38.03
CA ASP B 134 26.35 -31.86 39.39
C ASP B 134 27.02 -30.95 40.42
N THR B 135 28.34 -31.02 40.54
CA THR B 135 29.06 -30.27 41.57
C THR B 135 29.19 -28.79 41.24
N LEU B 136 29.11 -28.41 39.97
CA LEU B 136 29.26 -27.03 39.52
C LEU B 136 30.61 -26.46 39.99
N GLU B 137 31.66 -27.03 39.43
CA GLU B 137 33.04 -26.64 39.67
C GLU B 137 33.76 -26.48 38.35
N PRO B 138 34.86 -25.71 38.32
CA PRO B 138 35.65 -25.62 37.08
C PRO B 138 36.26 -26.95 36.70
N PHE B 139 35.54 -27.72 35.89
CA PHE B 139 35.98 -29.07 35.53
C PHE B 139 37.29 -29.05 34.75
N GLY B 140 37.53 -28.00 33.96
CA GLY B 140 38.70 -27.95 33.11
C GLY B 140 39.31 -26.56 33.07
N ASP B 141 40.49 -26.49 32.47
CA ASP B 141 41.18 -25.22 32.33
C ASP B 141 40.51 -24.36 31.26
N GLU B 142 40.68 -23.05 31.37
CA GLU B 142 40.07 -22.11 30.46
C GLU B 142 40.96 -21.92 29.22
N PHE B 143 40.46 -21.14 28.26
CA PHE B 143 41.19 -20.85 27.04
C PHE B 143 40.56 -19.64 26.38
N SER B 144 41.27 -19.08 25.40
CA SER B 144 40.79 -17.91 24.68
C SER B 144 39.47 -18.20 23.99
N GLY B 145 38.56 -17.23 24.02
CA GLY B 145 37.25 -17.39 23.42
C GLY B 145 37.01 -16.47 22.25
N MET B 146 38.10 -16.03 21.60
CA MET B 146 37.98 -15.14 20.45
C MET B 146 37.12 -15.76 19.36
N ALA B 147 36.22 -14.96 18.80
CA ALA B 147 35.27 -15.32 17.74
C ALA B 147 34.18 -16.26 18.22
N ARG B 148 34.17 -16.64 19.51
CA ARG B 148 33.12 -17.49 20.06
C ARG B 148 32.17 -16.75 20.99
N CYS B 149 32.60 -15.64 21.59
CA CYS B 149 31.80 -14.88 22.53
C CYS B 149 32.02 -13.40 22.24
N PRO B 150 30.96 -12.60 22.14
CA PRO B 150 31.12 -11.19 21.77
C PRO B 150 31.85 -10.40 22.86
N TYR B 151 32.27 -9.20 22.48
CA TYR B 151 32.97 -8.31 23.38
C TYR B 151 32.02 -7.46 24.22
N ASP B 152 30.95 -6.95 23.61
CA ASP B 152 30.02 -6.03 24.27
C ASP B 152 28.74 -6.77 24.61
N ALA B 153 28.35 -6.71 25.89
CA ALA B 153 27.12 -7.34 26.33
C ALA B 153 25.89 -6.81 25.60
N LYS B 154 25.98 -5.61 25.01
CA LYS B 154 24.86 -5.08 24.25
C LYS B 154 24.68 -5.81 22.93
N HIS B 155 25.77 -6.30 22.34
CA HIS B 155 25.70 -6.99 21.07
C HIS B 155 25.08 -8.38 21.25
N ALA B 156 24.46 -8.88 20.18
CA ALA B 156 23.82 -10.19 20.18
C ALA B 156 24.69 -11.20 19.45
N ASN B 157 24.64 -12.44 19.92
CA ASN B 157 25.40 -13.53 19.31
C ASN B 157 24.59 -14.82 19.41
N VAL B 158 24.99 -15.81 18.62
CA VAL B 158 24.36 -17.11 18.61
C VAL B 158 25.42 -18.18 18.82
N ALA B 159 25.05 -19.22 19.56
CA ALA B 159 25.93 -20.37 19.77
C ALA B 159 25.08 -21.62 19.89
N LEU B 160 25.54 -22.71 19.28
CA LEU B 160 24.71 -23.91 19.17
C LEU B 160 25.62 -25.12 19.00
N PHE B 161 25.67 -25.99 20.00
CA PHE B 161 26.42 -27.22 19.90
C PHE B 161 25.65 -28.25 19.06
N ALA B 162 26.39 -28.97 18.22
CA ALA B 162 25.79 -30.01 17.38
C ALA B 162 26.83 -31.06 17.08
N ASP B 163 26.57 -32.30 17.48
CA ASP B 163 27.49 -33.42 17.29
C ASP B 163 28.89 -33.08 17.81
N GLY B 164 28.93 -32.55 19.03
CA GLY B 164 30.20 -32.16 19.63
C GLY B 164 30.95 -31.10 18.86
N LYS B 165 30.24 -30.18 18.21
CA LYS B 165 30.84 -29.10 17.45
C LYS B 165 30.13 -27.80 17.79
N LEU B 166 30.90 -26.73 17.93
CA LEU B 166 30.39 -25.46 18.44
C LEU B 166 30.29 -24.47 17.29
N TYR B 167 29.07 -24.27 16.80
CA TYR B 167 28.80 -23.25 15.78
C TYR B 167 28.44 -21.95 16.48
N SER B 168 29.14 -20.87 16.11
CA SER B 168 28.95 -19.58 16.73
C SER B 168 28.88 -18.50 15.66
N ALA B 169 28.32 -17.36 16.03
CA ALA B 169 28.22 -16.22 15.14
C ALA B 169 28.32 -14.95 15.95
N THR B 170 29.37 -14.15 15.69
CA THR B 170 29.63 -12.94 16.46
C THR B 170 30.72 -12.11 15.79
N VAL B 171 31.30 -11.16 16.52
CA VAL B 171 32.34 -10.28 16.01
C VAL B 171 33.67 -10.69 16.59
N THR B 172 34.73 -10.58 15.78
CA THR B 172 36.06 -11.02 16.18
C THR B 172 36.93 -9.89 16.70
N ASP B 173 36.76 -8.66 16.18
CA ASP B 173 37.57 -7.53 16.59
C ASP B 173 36.86 -6.70 17.64
N PHE B 174 37.65 -6.00 18.45
CA PHE B 174 37.10 -5.11 19.47
C PHE B 174 36.16 -4.07 18.87
N LEU B 175 36.47 -3.60 17.66
CA LEU B 175 35.64 -2.58 17.00
C LEU B 175 34.31 -3.13 16.48
N ALA B 176 34.07 -4.44 16.63
CA ALA B 176 32.80 -5.06 16.24
C ALA B 176 32.53 -4.92 14.74
N ILE B 177 33.58 -4.90 13.94
CA ILE B 177 33.46 -4.72 12.50
C ILE B 177 33.46 -6.04 11.75
N ASP B 178 34.26 -7.01 12.21
CA ASP B 178 34.43 -8.28 11.51
C ASP B 178 33.48 -9.31 12.10
N ALA B 179 32.23 -9.28 11.63
CA ALA B 179 31.27 -10.32 11.96
C ALA B 179 31.65 -11.61 11.26
N VAL B 180 31.50 -12.73 11.95
CA VAL B 180 31.97 -14.02 11.44
C VAL B 180 31.08 -15.12 11.97
N ILE B 181 30.93 -16.18 11.18
CA ILE B 181 30.35 -17.44 11.62
C ILE B 181 31.48 -18.45 11.77
N TYR B 182 31.50 -19.16 12.89
CA TYR B 182 32.66 -19.94 13.28
C TYR B 182 32.26 -21.37 13.63
N ARG B 183 33.26 -22.23 13.70
CA ARG B 183 33.07 -23.62 14.14
C ARG B 183 34.38 -24.11 14.72
N SER B 184 34.35 -24.56 15.98
CA SER B 184 35.55 -24.99 16.68
C SER B 184 35.27 -26.27 17.44
N LEU B 185 36.35 -26.90 17.91
CA LEU B 185 36.31 -28.13 18.70
C LEU B 185 35.74 -29.30 17.91
N GLY B 186 35.69 -30.47 18.54
CA GLY B 186 35.15 -31.65 17.88
C GLY B 186 36.10 -32.34 16.93
N GLU B 187 37.41 -32.12 17.08
CA GLU B 187 38.42 -32.74 16.22
C GLU B 187 38.18 -32.44 14.74
N SER B 188 37.72 -31.22 14.47
CA SER B 188 37.45 -30.77 13.12
C SER B 188 38.17 -29.45 12.87
N PRO B 189 38.51 -29.16 11.61
CA PRO B 189 39.23 -27.92 11.30
C PRO B 189 38.36 -26.70 11.56
N THR B 190 39.02 -25.55 11.63
CA THR B 190 38.35 -24.29 11.89
C THR B 190 37.87 -23.68 10.58
N LEU B 191 36.61 -23.25 10.56
CA LEU B 191 35.99 -22.67 9.37
C LEU B 191 35.39 -21.33 9.73
N ARG B 192 35.47 -20.38 8.80
CA ARG B 192 34.97 -19.03 9.05
C ARG B 192 34.56 -18.39 7.73
N THR B 193 33.76 -17.33 7.85
CA THR B 193 33.38 -16.55 6.68
C THR B 193 34.55 -15.69 6.21
N VAL B 194 34.47 -15.25 4.95
CA VAL B 194 35.52 -14.42 4.37
C VAL B 194 35.71 -13.18 5.23
N LYS B 195 36.95 -12.97 5.68
CA LYS B 195 37.27 -11.86 6.57
C LYS B 195 36.95 -10.53 5.89
N HIS B 196 36.26 -9.65 6.62
CA HIS B 196 35.83 -8.34 6.12
C HIS B 196 35.00 -8.55 4.85
N ASP B 197 35.07 -7.59 3.93
CA ASP B 197 34.34 -7.61 2.66
C ASP B 197 32.83 -7.53 2.90
N SER B 198 32.05 -7.72 1.84
CA SER B 198 30.60 -7.68 1.95
C SER B 198 29.90 -8.78 1.16
N LYS B 199 30.63 -9.65 0.47
CA LYS B 199 30.00 -10.67 -0.38
C LYS B 199 29.12 -11.60 0.44
N TRP B 200 29.58 -12.02 1.61
CA TRP B 200 28.85 -12.97 2.44
C TRP B 200 28.03 -12.30 3.53
N LEU B 201 28.64 -11.38 4.28
CA LEU B 201 27.97 -10.72 5.40
C LEU B 201 28.29 -9.25 5.37
N LYS B 202 27.24 -8.41 5.40
CA LYS B 202 27.38 -6.96 5.38
C LYS B 202 26.67 -6.42 6.63
N GLU B 203 27.43 -6.25 7.71
CA GLU B 203 26.90 -5.79 8.99
C GLU B 203 25.67 -6.60 9.44
N PRO B 204 25.83 -7.89 9.71
CA PRO B 204 24.68 -8.70 10.12
C PRO B 204 24.39 -8.54 11.61
N TYR B 205 23.18 -8.97 11.98
CA TYR B 205 22.74 -9.03 13.37
C TYR B 205 22.17 -10.42 13.61
N PHE B 206 22.94 -11.29 14.26
CA PHE B 206 22.56 -12.68 14.41
C PHE B 206 21.48 -12.83 15.47
N VAL B 207 20.56 -13.78 15.23
CA VAL B 207 19.37 -13.95 16.06
C VAL B 207 19.31 -15.36 16.66
N GLN B 208 19.42 -16.38 15.81
CA GLN B 208 19.19 -17.74 16.27
C GLN B 208 19.75 -18.72 15.24
N ALA B 209 20.22 -19.87 15.73
CA ALA B 209 20.61 -20.99 14.89
C ALA B 209 19.86 -22.24 15.34
N VAL B 210 19.52 -23.08 14.38
CA VAL B 210 18.77 -24.31 14.64
C VAL B 210 19.46 -25.47 13.94
N ASP B 211 19.29 -26.67 14.49
CA ASP B 211 19.84 -27.89 13.94
C ASP B 211 18.70 -28.73 13.37
N TYR B 212 18.77 -29.05 12.08
CA TYR B 212 17.73 -29.81 11.42
C TYR B 212 18.35 -30.71 10.38
N GLY B 213 18.12 -32.02 10.51
CA GLY B 213 18.66 -32.98 9.56
C GLY B 213 20.16 -32.98 9.50
N ASP B 214 20.72 -32.47 8.40
CA ASP B 214 22.17 -32.39 8.22
C ASP B 214 22.61 -30.98 7.87
N TYR B 215 21.74 -29.98 8.08
CA TYR B 215 22.04 -28.59 7.77
C TYR B 215 21.81 -27.74 9.00
N ILE B 216 22.79 -26.91 9.34
CA ILE B 216 22.63 -25.91 10.39
C ILE B 216 22.19 -24.61 9.75
N TYR B 217 21.09 -24.04 10.25
CA TYR B 217 20.52 -22.83 9.69
C TYR B 217 20.70 -21.67 10.67
N PHE B 218 21.29 -20.58 10.19
CA PHE B 218 21.45 -19.36 10.96
C PHE B 218 20.45 -18.32 10.48
N PHE B 219 19.70 -17.74 11.43
CA PHE B 219 18.74 -16.69 11.12
C PHE B 219 19.32 -15.35 11.58
N PHE B 220 19.26 -14.35 10.70
CA PHE B 220 19.82 -13.04 11.00
C PHE B 220 19.27 -12.03 10.00
N ARG B 221 19.61 -10.77 10.24
CA ARG B 221 19.30 -9.68 9.32
C ARG B 221 20.58 -8.92 9.01
N GLU B 222 20.64 -8.32 7.82
CA GLU B 222 21.87 -7.69 7.36
C GLU B 222 21.54 -6.63 6.34
N ILE B 223 22.55 -5.81 6.02
CA ILE B 223 22.40 -4.76 5.03
C ILE B 223 22.12 -5.38 3.68
N ALA B 224 20.97 -5.06 3.10
CA ALA B 224 20.62 -5.58 1.78
C ALA B 224 21.63 -5.13 0.73
N VAL B 225 22.16 -6.10 -0.02
CA VAL B 225 23.03 -5.78 -1.14
C VAL B 225 22.24 -5.50 -2.41
N GLU B 226 21.00 -6.00 -2.51
CA GLU B 226 20.20 -5.80 -3.71
C GLU B 226 19.69 -4.37 -3.81
N TYR B 227 19.51 -3.68 -2.69
CA TYR B 227 18.93 -2.35 -2.65
C TYR B 227 20.06 -1.33 -2.56
N ASN B 228 20.47 -0.80 -3.73
CA ASN B 228 21.48 0.23 -3.75
C ASN B 228 20.96 1.53 -3.14
N THR B 229 19.71 1.89 -3.44
CA THR B 229 19.11 3.11 -2.91
C THR B 229 18.98 3.07 -1.40
N LYS B 232 19.98 2.48 2.39
CA LYS B 232 20.41 1.29 3.09
C LYS B 232 19.24 0.63 3.83
N VAL B 233 18.80 -0.51 3.33
CA VAL B 233 17.69 -1.25 3.92
C VAL B 233 18.23 -2.56 4.48
N VAL B 234 17.62 -3.02 5.56
CA VAL B 234 18.02 -4.25 6.24
C VAL B 234 16.96 -5.31 5.93
N PHE B 235 17.40 -6.44 5.35
CA PHE B 235 16.50 -7.55 5.07
C PHE B 235 16.84 -8.75 5.95
N PRO B 236 15.85 -9.57 6.29
CA PRO B 236 16.13 -10.77 7.08
C PRO B 236 16.61 -11.91 6.21
N ARG B 237 17.60 -12.65 6.70
CA ARG B 237 18.24 -13.71 5.95
C ARG B 237 18.26 -14.99 6.76
N VAL B 238 18.28 -16.12 6.05
CA VAL B 238 18.54 -17.42 6.64
C VAL B 238 19.68 -18.06 5.86
N ALA B 239 20.68 -18.58 6.57
CA ALA B 239 21.86 -19.15 5.95
C ALA B 239 22.06 -20.57 6.44
N GLN B 240 22.53 -21.43 5.54
CA GLN B 240 22.77 -22.84 5.86
C GLN B 240 24.26 -23.15 5.74
N VAL B 241 24.71 -24.10 6.56
CA VAL B 241 26.06 -24.64 6.48
C VAL B 241 25.99 -26.15 6.64
N CYS B 242 26.88 -26.85 5.93
CA CYS B 242 26.94 -28.30 6.02
C CYS B 242 27.64 -28.72 7.31
N LYS B 243 27.00 -29.63 8.05
CA LYS B 243 27.55 -30.08 9.33
C LYS B 243 28.93 -30.72 9.14
N ASN B 244 29.09 -31.50 8.08
CA ASN B 244 30.33 -32.23 7.84
C ASN B 244 31.31 -31.47 6.96
N ASP B 245 31.09 -30.17 6.77
CA ASP B 245 32.00 -29.37 5.96
C ASP B 245 33.41 -29.41 6.53
N MET B 246 34.40 -29.58 5.66
CA MET B 246 35.80 -29.69 6.05
C MET B 246 36.67 -28.61 5.46
N GLY B 247 36.07 -27.61 4.80
CA GLY B 247 36.82 -26.54 4.20
C GLY B 247 37.16 -26.80 2.74
N GLY B 248 37.68 -25.75 2.09
CA GLY B 248 38.04 -25.82 0.69
C GLY B 248 39.42 -26.42 0.48
N SER B 249 39.86 -26.34 -0.77
CA SER B 249 41.17 -26.88 -1.14
C SER B 249 42.28 -25.95 -0.62
N GLN B 250 43.53 -26.37 -0.86
CA GLN B 250 44.67 -25.57 -0.46
C GLN B 250 44.76 -24.25 -1.22
N ARG B 251 44.09 -24.14 -2.36
CA ARG B 251 44.18 -22.95 -3.20
C ARG B 251 42.98 -22.02 -3.07
N VAL B 252 41.78 -22.55 -2.80
CA VAL B 252 40.56 -21.77 -2.76
C VAL B 252 39.76 -22.17 -1.53
N LEU B 253 39.29 -21.17 -0.78
CA LEU B 253 38.46 -21.38 0.40
C LEU B 253 39.17 -22.21 1.46
N GLU B 254 40.48 -22.07 1.57
CA GLU B 254 41.24 -22.76 2.61
C GLU B 254 40.78 -22.30 3.98
N LYS B 255 40.33 -23.26 4.80
CA LYS B 255 39.83 -23.02 6.15
C LYS B 255 38.56 -22.15 6.15
N GLN B 256 37.87 -22.08 5.01
CA GLN B 256 36.64 -21.31 4.89
C GLN B 256 35.47 -22.26 4.61
N TRP B 257 34.26 -21.71 4.73
CA TRP B 257 33.07 -22.48 4.43
C TRP B 257 32.98 -22.81 2.94
N THR B 258 32.42 -23.98 2.65
CA THR B 258 32.16 -24.40 1.27
C THR B 258 30.68 -24.65 1.02
N SER B 259 29.81 -24.28 1.97
CA SER B 259 28.37 -24.48 1.79
C SER B 259 27.57 -23.27 2.25
N PHE B 260 28.20 -22.12 2.41
CA PHE B 260 27.51 -20.93 2.91
C PHE B 260 26.62 -20.36 1.81
N LEU B 261 25.30 -20.47 2.00
CA LEU B 261 24.32 -19.87 1.13
C LEU B 261 23.25 -19.22 1.98
N LYS B 262 22.70 -18.11 1.48
CA LYS B 262 21.71 -17.34 2.25
C LYS B 262 20.57 -16.93 1.33
N ALA B 263 19.40 -16.76 1.92
CA ALA B 263 18.19 -16.49 1.16
C ALA B 263 17.30 -15.52 1.93
N ARG B 264 16.59 -14.67 1.19
CA ARG B 264 15.70 -13.69 1.79
C ARG B 264 14.50 -14.37 2.43
N LEU B 265 14.05 -13.83 3.56
CA LEU B 265 12.84 -14.31 4.22
C LEU B 265 11.66 -13.46 3.78
N ASN B 266 10.59 -14.11 3.33
CA ASN B 266 9.40 -13.45 2.79
C ASN B 266 8.32 -13.49 3.86
N CYS B 267 8.13 -12.37 4.56
CA CYS B 267 7.07 -12.20 5.54
C CYS B 267 6.33 -10.92 5.18
N SER B 268 5.29 -11.04 4.34
CA SER B 268 4.56 -9.89 3.84
C SER B 268 3.09 -10.23 3.74
N VAL B 269 2.28 -9.18 3.67
CA VAL B 269 0.82 -9.30 3.49
C VAL B 269 0.52 -9.13 2.00
N PRO B 270 0.08 -10.19 1.32
CA PRO B 270 -0.24 -10.07 -0.12
C PRO B 270 -1.26 -8.97 -0.39
N GLY B 271 -0.85 -8.01 -1.21
CA GLY B 271 -1.75 -6.95 -1.65
C GLY B 271 -1.38 -6.43 -3.02
N ASP B 272 -1.88 -5.24 -3.37
CA ASP B 272 -1.48 -4.60 -4.62
C ASP B 272 0.03 -4.40 -4.66
N SER B 273 0.59 -3.85 -3.59
CA SER B 273 2.03 -3.75 -3.41
C SER B 273 2.41 -4.43 -2.10
N HIS B 274 3.35 -5.36 -2.17
CA HIS B 274 3.71 -6.15 -0.99
C HIS B 274 4.39 -5.25 0.05
N PHE B 275 3.95 -5.38 1.30
CA PHE B 275 4.54 -4.68 2.44
C PHE B 275 5.29 -5.70 3.27
N TYR B 276 6.62 -5.58 3.31
CA TYR B 276 7.48 -6.56 3.95
C TYR B 276 7.87 -6.09 5.35
N PHE B 277 7.86 -7.03 6.30
CA PHE B 277 8.40 -6.79 7.63
C PHE B 277 9.85 -7.25 7.63
N ASN B 278 10.77 -6.31 7.76
CA ASN B 278 12.18 -6.56 7.44
C ASN B 278 13.04 -6.87 8.64
N ILE B 279 12.71 -6.37 9.83
CA ILE B 279 13.58 -6.49 11.00
C ILE B 279 13.20 -7.77 11.73
N LEU B 280 13.98 -8.83 11.51
CA LEU B 280 13.79 -10.08 12.23
C LEU B 280 14.18 -9.89 13.70
N GLN B 281 13.32 -10.37 14.60
CA GLN B 281 13.53 -10.19 16.04
C GLN B 281 13.93 -11.48 16.75
N ALA B 282 13.19 -12.56 16.54
CA ALA B 282 13.51 -13.82 17.19
C ALA B 282 12.95 -14.97 16.37
N VAL B 283 13.59 -16.14 16.50
CA VAL B 283 13.19 -17.34 15.79
C VAL B 283 13.25 -18.51 16.78
N THR B 284 12.17 -19.27 16.85
CA THR B 284 12.13 -20.41 17.77
C THR B 284 12.89 -21.60 17.18
N ASP B 285 13.21 -22.55 18.05
CA ASP B 285 13.83 -23.79 17.62
C ASP B 285 12.87 -24.61 16.78
N VAL B 286 13.39 -25.68 16.17
CA VAL B 286 12.57 -26.56 15.36
C VAL B 286 11.56 -27.28 16.25
N ILE B 287 10.28 -27.19 15.89
CA ILE B 287 9.20 -27.79 16.66
C ILE B 287 8.27 -28.51 15.69
N ARG B 288 7.88 -29.74 16.05
CA ARG B 288 6.96 -30.53 15.25
C ARG B 288 5.54 -30.05 15.51
N ILE B 289 4.94 -29.38 14.54
CA ILE B 289 3.57 -28.89 14.64
C ILE B 289 2.78 -29.40 13.45
N ASN B 290 1.67 -30.08 13.71
CA ASN B 290 0.75 -30.56 12.68
C ASN B 290 1.48 -31.41 11.64
N GLY B 291 2.34 -32.30 12.13
CA GLY B 291 3.06 -33.22 11.26
C GLY B 291 4.26 -32.62 10.56
N ARG B 292 4.21 -31.31 10.30
CA ARG B 292 5.28 -30.63 9.58
C ARG B 292 6.27 -29.99 10.56
N ASP B 293 7.54 -30.03 10.19
CA ASP B 293 8.58 -29.38 10.99
C ASP B 293 8.66 -27.91 10.59
N VAL B 294 8.42 -27.03 11.56
CA VAL B 294 8.24 -25.61 11.29
C VAL B 294 8.94 -24.82 12.39
N VAL B 295 9.45 -23.65 12.03
CA VAL B 295 9.97 -22.68 12.99
C VAL B 295 9.21 -21.37 12.82
N LEU B 296 8.92 -20.72 13.94
CA LEU B 296 8.21 -19.45 13.94
C LEU B 296 9.19 -18.31 14.14
N ALA B 297 8.95 -17.20 13.45
CA ALA B 297 9.86 -16.07 13.48
C ALA B 297 9.05 -14.78 13.60
N THR B 298 9.55 -13.85 14.41
CA THR B 298 8.91 -12.56 14.60
C THR B 298 9.64 -11.50 13.79
N PHE B 299 8.86 -10.65 13.13
CA PHE B 299 9.41 -9.57 12.31
C PHE B 299 8.76 -8.25 12.74
N SER B 300 9.54 -7.17 12.65
CA SER B 300 9.04 -5.85 12.98
C SER B 300 9.48 -4.85 11.92
N THR B 301 8.82 -3.70 11.90
CA THR B 301 9.17 -2.62 11.01
C THR B 301 10.42 -1.91 11.51
N PRO B 302 11.15 -1.24 10.62
CA PRO B 302 12.41 -0.59 11.03
C PRO B 302 12.18 0.43 12.13
N TYR B 303 13.26 0.74 12.85
CA TYR B 303 13.17 1.64 14.00
C TYR B 303 12.74 3.04 13.59
N ASN B 304 13.02 3.44 12.35
CA ASN B 304 12.62 4.75 11.83
C ASN B 304 11.38 4.66 10.97
N SER B 305 10.49 3.72 11.25
CA SER B 305 9.24 3.54 10.51
C SER B 305 8.09 3.47 11.49
N ILE B 306 6.88 3.36 10.94
CA ILE B 306 5.69 3.24 11.79
C ILE B 306 5.76 1.93 12.57
N PRO B 307 5.59 1.95 13.89
CA PRO B 307 5.76 0.72 14.68
C PRO B 307 4.74 -0.34 14.29
N GLY B 308 5.25 -1.52 13.93
CA GLY B 308 4.41 -2.64 13.59
C GLY B 308 5.21 -3.92 13.63
N SER B 309 4.51 -5.02 13.92
CA SER B 309 5.17 -6.31 14.08
C SER B 309 4.33 -7.40 13.45
N ALA B 310 4.99 -8.49 13.08
CA ALA B 310 4.33 -9.61 12.44
C ALA B 310 5.04 -10.90 12.82
N VAL B 311 4.27 -11.99 12.89
CA VAL B 311 4.80 -13.32 13.18
C VAL B 311 4.55 -14.20 11.96
N CYS B 312 5.63 -14.68 11.35
CA CYS B 312 5.55 -15.59 10.22
C CYS B 312 6.15 -16.93 10.60
N ALA B 313 5.59 -17.99 10.02
CA ALA B 313 6.08 -19.35 10.22
C ALA B 313 6.69 -19.87 8.94
N TYR B 314 7.73 -20.69 9.08
CA TYR B 314 8.47 -21.22 7.94
C TYR B 314 8.63 -22.72 8.08
N ASP B 315 8.28 -23.45 7.04
CA ASP B 315 8.43 -24.89 7.02
C ASP B 315 9.87 -25.25 6.65
N MET B 316 10.48 -26.13 7.45
CA MET B 316 11.86 -26.53 7.20
C MET B 316 12.01 -27.16 5.82
N LEU B 317 10.95 -27.78 5.30
CA LEU B 317 11.01 -28.33 3.94
C LEU B 317 11.14 -27.22 2.92
N ASP B 318 10.37 -26.15 3.06
CA ASP B 318 10.51 -25.00 2.16
C ASP B 318 11.84 -24.30 2.34
N ILE B 319 12.34 -24.25 3.58
CA ILE B 319 13.64 -23.63 3.84
C ILE B 319 14.74 -24.40 3.12
N ALA B 320 14.63 -25.73 3.08
CA ALA B 320 15.61 -26.52 2.32
C ALA B 320 15.42 -26.34 0.82
N SER B 321 14.16 -26.28 0.36
CA SER B 321 13.89 -26.21 -1.08
C SER B 321 14.38 -24.91 -1.71
N VAL B 322 14.36 -23.78 -1.00
CA VAL B 322 14.77 -22.52 -1.61
C VAL B 322 16.23 -22.56 -2.02
N PHE B 323 17.07 -23.22 -1.22
CA PHE B 323 18.49 -23.28 -1.55
C PHE B 323 18.79 -24.19 -2.74
N THR B 324 17.79 -24.86 -3.30
CA THR B 324 17.97 -25.68 -4.48
C THR B 324 17.58 -24.97 -5.76
N GLY B 325 17.19 -23.70 -5.68
CA GLY B 325 16.78 -22.92 -6.82
C GLY B 325 17.94 -22.17 -7.45
N ARG B 326 17.58 -21.11 -8.18
CA ARG B 326 18.57 -20.31 -8.88
C ARG B 326 19.27 -19.35 -7.91
N PHE B 327 20.49 -18.98 -8.26
CA PHE B 327 21.28 -18.05 -7.47
C PHE B 327 21.02 -16.61 -7.92
N LYS B 328 21.63 -15.66 -7.21
CA LYS B 328 21.57 -14.26 -7.57
C LYS B 328 22.93 -13.81 -8.08
N GLU B 329 22.93 -12.83 -8.99
CA GLU B 329 24.16 -12.32 -9.57
C GLU B 329 23.92 -10.94 -10.14
N GLN B 330 25.01 -10.19 -10.27
CA GLN B 330 25.00 -8.89 -10.92
C GLN B 330 25.61 -9.04 -12.31
N LYS B 331 24.77 -8.99 -13.35
CA LYS B 331 25.25 -9.09 -14.72
C LYS B 331 26.33 -8.06 -15.01
N SER B 332 26.14 -6.84 -14.53
CA SER B 332 27.14 -5.78 -14.62
C SER B 332 27.17 -5.03 -13.30
N PRO B 333 28.29 -4.40 -12.97
CA PRO B 333 28.35 -3.62 -11.73
C PRO B 333 27.35 -2.47 -11.75
N ASP B 334 26.79 -2.18 -10.57
CA ASP B 334 25.78 -1.14 -10.41
C ASP B 334 24.57 -1.39 -11.31
N SER B 335 24.02 -2.60 -11.19
CA SER B 335 22.85 -2.99 -11.97
C SER B 335 21.95 -3.88 -11.13
N THR B 336 20.72 -4.04 -11.59
CA THR B 336 19.76 -4.90 -10.88
C THR B 336 20.24 -6.34 -10.88
N TRP B 337 19.88 -7.06 -9.82
CA TRP B 337 20.26 -8.46 -9.67
C TRP B 337 19.36 -9.35 -10.51
N THR B 338 19.96 -10.30 -11.22
CA THR B 338 19.25 -11.23 -12.08
C THR B 338 19.57 -12.66 -11.70
N PRO B 339 18.66 -13.60 -11.95
CA PRO B 339 18.92 -14.99 -11.59
C PRO B 339 19.99 -15.61 -12.49
N VAL B 340 20.91 -16.33 -11.86
CA VAL B 340 21.93 -17.08 -12.62
C VAL B 340 21.23 -18.08 -13.53
N PRO B 341 21.61 -18.17 -14.81
CA PRO B 341 21.01 -19.18 -15.69
C PRO B 341 21.30 -20.59 -15.20
N ASP B 342 20.29 -21.46 -15.31
CA ASP B 342 20.43 -22.83 -14.82
C ASP B 342 21.48 -23.60 -15.61
N GLU B 343 21.72 -23.24 -16.86
CA GLU B 343 22.71 -23.92 -17.68
C GLU B 343 24.15 -23.62 -17.26
N ARG B 344 24.36 -22.60 -16.42
CA ARG B 344 25.71 -22.14 -16.10
C ARG B 344 26.14 -22.56 -14.69
N VAL B 345 25.42 -23.49 -14.06
CA VAL B 345 25.80 -23.96 -12.73
C VAL B 345 26.75 -25.13 -12.88
N PRO B 346 27.84 -25.17 -12.10
CA PRO B 346 28.75 -26.32 -12.15
C PRO B 346 28.02 -27.63 -11.85
N LYS B 347 28.62 -28.73 -12.32
CA LYS B 347 27.96 -30.04 -12.19
C LYS B 347 27.69 -30.41 -10.73
N PRO B 348 28.65 -30.33 -9.79
CA PRO B 348 28.30 -30.56 -8.38
C PRO B 348 27.66 -29.32 -7.78
N ARG B 349 26.37 -29.43 -7.49
CA ARG B 349 25.58 -28.29 -7.03
C ARG B 349 26.15 -27.70 -5.74
N PRO B 350 26.58 -26.45 -5.73
CA PRO B 350 26.99 -25.81 -4.47
C PRO B 350 25.85 -25.82 -3.45
N GLY B 351 26.20 -26.06 -2.20
CA GLY B 351 25.25 -26.09 -1.12
C GLY B 351 24.84 -27.49 -0.69
N CYS B 352 25.13 -28.50 -1.51
CA CYS B 352 24.87 -29.89 -1.14
C CYS B 352 26.08 -30.47 -0.43
N CYS B 353 25.82 -31.19 0.66
CA CYS B 353 26.89 -31.71 1.49
C CYS B 353 27.45 -33.00 0.88
N ALA B 354 28.76 -33.17 0.99
CA ALA B 354 29.42 -34.36 0.45
C ALA B 354 28.91 -35.62 1.15
N GLY B 355 28.87 -36.71 0.39
CA GLY B 355 28.40 -37.97 0.91
C GLY B 355 26.90 -38.17 0.91
N SER B 356 26.15 -37.28 0.27
CA SER B 356 24.71 -37.39 0.19
C SER B 356 24.31 -38.02 -1.14
N SER B 357 23.08 -37.78 -1.58
CA SER B 357 22.61 -38.33 -2.84
C SER B 357 23.36 -37.71 -4.01
N SER B 358 23.67 -38.55 -5.01
CA SER B 358 24.40 -38.13 -6.21
C SER B 358 25.72 -37.47 -5.86
N LEU B 359 26.40 -38.00 -4.82
CA LEU B 359 27.65 -37.40 -4.36
C LEU B 359 28.64 -38.45 -3.85
N GLU B 360 28.43 -39.73 -4.18
CA GLU B 360 29.36 -40.78 -3.75
C GLU B 360 30.79 -40.50 -4.20
N ARG B 361 30.96 -39.83 -5.34
CA ARG B 361 32.31 -39.62 -5.88
C ARG B 361 33.14 -38.74 -4.96
N TYR B 362 32.55 -37.64 -4.47
CA TYR B 362 33.24 -36.74 -3.56
C TYR B 362 33.19 -37.33 -2.15
N ALA B 363 34.34 -37.78 -1.66
CA ALA B 363 34.40 -38.40 -0.33
C ALA B 363 34.00 -37.40 0.75
N THR B 364 34.69 -36.26 0.81
CA THR B 364 34.42 -35.25 1.81
C THR B 364 34.46 -33.88 1.16
N SER B 365 33.98 -32.87 1.90
CA SER B 365 33.96 -31.51 1.40
C SER B 365 35.36 -30.96 1.16
N ASN B 366 36.39 -31.57 1.74
CA ASN B 366 37.75 -31.09 1.54
C ASN B 366 38.14 -31.09 0.06
N GLU B 367 37.68 -32.09 -0.69
CA GLU B 367 37.99 -32.20 -2.11
C GLU B 367 36.79 -31.79 -2.93
N PHE B 368 36.95 -30.75 -3.74
CA PHE B 368 35.91 -30.27 -4.64
C PHE B 368 36.58 -29.71 -5.87
N PRO B 369 35.81 -29.44 -6.93
CA PRO B 369 36.39 -28.75 -8.09
C PRO B 369 36.41 -27.25 -7.87
N ASP B 370 37.55 -26.64 -8.21
CA ASP B 370 37.79 -25.24 -7.91
C ASP B 370 36.72 -24.32 -8.50
N ASP B 371 36.16 -24.68 -9.65
CA ASP B 371 35.13 -23.84 -10.27
C ASP B 371 33.90 -23.75 -9.39
N THR B 372 33.48 -24.88 -8.80
CA THR B 372 32.36 -24.88 -7.87
C THR B 372 32.63 -23.96 -6.67
N LEU B 373 33.85 -24.03 -6.13
CA LEU B 373 34.20 -23.21 -4.97
C LEU B 373 34.17 -21.72 -5.31
N ASN B 374 34.75 -21.35 -6.46
CA ASN B 374 34.72 -19.95 -6.89
C ASN B 374 33.28 -19.48 -7.12
N PHE B 375 32.44 -20.34 -7.69
CA PHE B 375 31.05 -19.97 -7.93
C PHE B 375 30.31 -19.71 -6.64
N ILE B 376 30.46 -20.60 -5.65
CA ILE B 376 29.76 -20.43 -4.39
C ILE B 376 30.37 -19.30 -3.56
N LYS B 377 31.61 -18.91 -3.85
CA LYS B 377 32.20 -17.76 -3.17
C LYS B 377 31.79 -16.44 -3.81
N THR B 378 31.33 -16.47 -5.07
CA THR B 378 30.89 -15.27 -5.77
C THR B 378 29.39 -15.18 -5.94
N HIS B 379 28.64 -16.21 -5.56
CA HIS B 379 27.18 -16.23 -5.69
C HIS B 379 26.57 -16.89 -4.47
N PRO B 380 26.65 -16.24 -3.31
CA PRO B 380 26.11 -16.85 -2.08
C PRO B 380 24.62 -16.64 -1.90
N LEU B 381 24.03 -15.62 -2.52
CA LEU B 381 22.63 -15.28 -2.30
C LEU B 381 21.74 -16.02 -3.29
N MET B 382 20.71 -16.69 -2.78
CA MET B 382 19.76 -17.37 -3.64
C MET B 382 18.73 -16.39 -4.18
N ASP B 383 18.24 -16.68 -5.39
CA ASP B 383 17.26 -15.79 -6.02
C ASP B 383 15.94 -15.79 -5.26
N GLU B 384 15.34 -16.96 -5.11
CA GLU B 384 14.01 -17.03 -4.52
C GLU B 384 14.05 -16.75 -3.02
N ALA B 385 12.93 -16.28 -2.50
CA ALA B 385 12.79 -16.01 -1.08
C ALA B 385 11.99 -17.13 -0.40
N VAL B 386 12.28 -17.35 0.87
CA VAL B 386 11.63 -18.40 1.63
C VAL B 386 10.17 -18.01 1.85
N PRO B 387 9.22 -18.75 1.29
CA PRO B 387 7.81 -18.40 1.47
C PRO B 387 7.27 -18.92 2.80
N SER B 388 6.48 -18.09 3.47
CA SER B 388 5.91 -18.46 4.76
C SER B 388 4.69 -19.36 4.56
N ILE B 389 4.30 -20.02 5.65
CA ILE B 389 3.10 -20.86 5.62
C ILE B 389 1.89 -19.98 5.35
N PHE B 390 1.14 -20.31 4.31
CA PHE B 390 -0.04 -19.60 3.82
C PHE B 390 0.30 -18.28 3.15
N ASN B 391 1.59 -17.95 3.03
CA ASN B 391 2.06 -16.72 2.37
C ASN B 391 1.52 -15.46 3.03
N ARG B 392 1.12 -15.55 4.29
CA ARG B 392 0.64 -14.41 5.04
C ARG B 392 1.06 -14.56 6.49
N PRO B 393 1.38 -13.45 7.18
CA PRO B 393 1.76 -13.56 8.59
C PRO B 393 0.63 -14.14 9.43
N TRP B 394 1.01 -14.96 10.41
CA TRP B 394 0.02 -15.56 11.31
C TRP B 394 -0.51 -14.54 12.31
N PHE B 395 0.24 -13.47 12.59
CA PHE B 395 -0.11 -12.55 13.64
C PHE B 395 0.32 -11.14 13.23
N LEU B 396 -0.45 -10.14 13.67
CA LEU B 396 -0.17 -8.77 13.28
C LEU B 396 -0.55 -7.83 14.41
N ARG B 397 0.33 -6.87 14.71
CA ARG B 397 0.03 -5.74 15.59
C ARG B 397 0.56 -4.48 14.93
N THR B 398 -0.32 -3.49 14.73
CA THR B 398 0.04 -2.27 14.04
C THR B 398 -0.44 -1.01 14.73
N MET B 399 -1.14 -1.12 15.86
CA MET B 399 -1.70 0.03 16.55
C MET B 399 -1.09 0.18 17.94
N VAL B 400 0.21 -0.12 18.07
CA VAL B 400 0.92 0.02 19.32
C VAL B 400 2.29 0.65 19.04
N ARG B 401 2.92 1.14 20.11
CA ARG B 401 4.22 1.79 20.00
C ARG B 401 5.38 0.83 20.19
N TYR B 402 5.15 -0.34 20.76
CA TYR B 402 6.21 -1.31 21.00
C TYR B 402 6.34 -2.28 19.83
N ARG B 403 7.45 -3.00 19.80
CA ARG B 403 7.73 -3.98 18.76
C ARG B 403 7.94 -5.34 19.40
N LEU B 404 7.23 -6.35 18.89
CA LEU B 404 7.38 -7.71 19.38
C LEU B 404 8.82 -8.19 19.18
N THR B 405 9.36 -8.86 20.19
CA THR B 405 10.73 -9.32 20.14
C THR B 405 10.82 -10.84 20.30
N LYS B 406 10.82 -11.31 21.55
CA LYS B 406 11.01 -12.73 21.81
C LYS B 406 9.72 -13.50 21.55
N ILE B 407 9.89 -14.81 21.33
CA ILE B 407 8.77 -15.67 20.96
C ILE B 407 9.01 -17.07 21.51
N ALA B 408 8.02 -17.59 22.24
CA ALA B 408 8.03 -18.96 22.73
C ALA B 408 6.77 -19.66 22.27
N VAL B 409 6.89 -20.94 21.93
CA VAL B 409 5.77 -21.72 21.39
C VAL B 409 5.64 -23.01 22.18
N ASP B 410 4.40 -23.38 22.48
CA ASP B 410 4.09 -24.63 23.18
C ASP B 410 3.26 -25.49 22.23
N THR B 411 3.89 -26.53 21.68
CA THR B 411 3.22 -27.44 20.76
C THR B 411 2.50 -28.58 21.46
N ALA B 412 2.43 -28.55 22.79
CA ALA B 412 1.78 -29.60 23.58
C ALA B 412 0.88 -28.99 24.64
N ALA B 413 0.12 -27.96 24.25
CA ALA B 413 -0.75 -27.27 25.19
C ALA B 413 -2.08 -28.01 25.34
N GLY B 414 -2.63 -27.96 26.55
CA GLY B 414 -3.92 -28.53 26.82
C GLY B 414 -3.83 -29.94 27.37
N PRO B 415 -4.89 -30.40 28.04
CA PRO B 415 -4.91 -31.78 28.53
C PRO B 415 -4.78 -32.81 27.41
N TYR B 416 -5.32 -32.51 26.23
CA TYR B 416 -5.19 -33.40 25.08
C TYR B 416 -3.89 -33.22 24.32
N GLN B 417 -3.10 -32.19 24.66
CA GLN B 417 -1.77 -31.95 24.09
C GLN B 417 -1.83 -31.86 22.57
N ASN B 418 -2.89 -31.27 22.04
CA ASN B 418 -3.00 -31.01 20.60
C ASN B 418 -3.27 -29.55 20.30
N HIS B 419 -2.92 -28.65 21.22
CA HIS B 419 -3.10 -27.22 21.03
C HIS B 419 -1.75 -26.53 20.91
N THR B 420 -1.67 -25.56 20.01
CA THR B 420 -0.44 -24.80 19.79
C THR B 420 -0.68 -23.37 20.26
N VAL B 421 -0.02 -23.00 21.37
CA VAL B 421 -0.13 -21.66 21.95
C VAL B 421 1.23 -20.99 21.79
N VAL B 422 1.22 -19.77 21.26
CA VAL B 422 2.44 -19.00 21.00
C VAL B 422 2.46 -17.79 21.92
N PHE B 423 3.59 -17.58 22.59
CA PHE B 423 3.79 -16.42 23.46
C PHE B 423 4.75 -15.47 22.78
N LEU B 424 4.47 -14.17 22.88
CA LEU B 424 5.27 -13.13 22.25
C LEU B 424 5.63 -12.08 23.28
N GLY B 425 6.92 -11.74 23.36
CA GLY B 425 7.37 -10.65 24.19
C GLY B 425 7.40 -9.34 23.43
N SER B 426 7.73 -8.27 24.16
CA SER B 426 7.81 -6.95 23.58
C SER B 426 8.98 -6.19 24.23
N GLU B 427 9.37 -5.09 23.59
CA GLU B 427 10.41 -4.23 24.13
C GLU B 427 9.94 -3.38 25.29
N LYS B 428 8.64 -3.43 25.63
CA LYS B 428 8.09 -2.64 26.74
C LYS B 428 7.57 -3.53 27.87
N GLY B 429 7.90 -4.81 27.88
CA GLY B 429 7.51 -5.68 28.97
C GLY B 429 6.11 -6.25 28.88
N ILE B 430 5.44 -6.11 27.74
CA ILE B 430 4.09 -6.61 27.55
C ILE B 430 4.17 -7.97 26.86
N ILE B 431 3.44 -8.94 27.37
CA ILE B 431 3.41 -10.29 26.82
C ILE B 431 2.14 -10.47 26.00
N LEU B 432 2.28 -11.07 24.82
CA LEU B 432 1.15 -11.35 23.95
C LEU B 432 0.99 -12.86 23.80
N LYS B 433 -0.25 -13.33 23.86
CA LYS B 433 -0.57 -14.75 23.77
C LYS B 433 -1.69 -14.93 22.76
N PHE B 434 -1.42 -15.72 21.72
CA PHE B 434 -2.42 -16.01 20.70
C PHE B 434 -2.37 -17.49 20.35
N LEU B 435 -3.52 -18.02 19.95
CA LEU B 435 -3.65 -19.44 19.63
C LEU B 435 -3.46 -19.63 18.13
N ALA B 436 -2.26 -20.03 17.73
CA ALA B 436 -1.98 -20.29 16.32
C ALA B 436 -2.69 -21.56 15.87
N ARG B 437 -3.49 -21.44 14.82
CA ARG B 437 -4.22 -22.58 14.25
C ARG B 437 -3.63 -22.93 12.91
N ILE B 438 -3.36 -24.22 12.70
CA ILE B 438 -2.81 -24.70 11.44
C ILE B 438 -3.90 -25.39 10.63
N PHE B 443 -5.44 -26.13 4.94
CA PHE B 443 -6.24 -25.81 6.13
C PHE B 443 -5.69 -24.57 6.84
N LEU B 444 -6.12 -23.41 6.38
CA LEU B 444 -5.70 -22.13 6.94
C LEU B 444 -6.91 -21.40 7.52
N ASN B 445 -6.74 -20.85 8.71
CA ASN B 445 -7.79 -20.12 9.39
C ASN B 445 -7.20 -18.92 10.11
N ASP B 446 -8.08 -18.02 10.54
CA ASP B 446 -7.65 -16.83 11.27
C ASP B 446 -7.08 -17.20 12.63
N SER B 447 -6.09 -16.42 13.07
CA SER B 447 -5.51 -16.62 14.38
C SER B 447 -6.47 -16.12 15.47
N LEU B 448 -6.20 -16.53 16.70
CA LEU B 448 -7.07 -16.25 17.85
C LEU B 448 -6.24 -15.62 18.96
N PHE B 449 -6.40 -14.30 19.13
CA PHE B 449 -5.72 -13.58 20.20
C PHE B 449 -6.32 -14.00 21.53
N LEU B 450 -5.52 -14.66 22.38
CA LEU B 450 -6.04 -15.18 23.64
C LEU B 450 -5.92 -14.18 24.78
N GLU B 451 -4.73 -13.63 25.00
CA GLU B 451 -4.52 -12.77 26.16
C GLU B 451 -3.31 -11.88 25.91
N GLU B 452 -3.39 -10.65 26.41
CA GLU B 452 -2.26 -9.71 26.45
C GLU B 452 -2.10 -9.22 27.88
N MET B 453 -0.86 -9.18 28.36
CA MET B 453 -0.61 -8.83 29.75
C MET B 453 0.77 -8.19 29.88
N SER B 454 0.86 -7.20 30.75
CA SER B 454 2.13 -6.57 31.12
C SER B 454 2.63 -7.24 32.40
N VAL B 455 3.78 -7.90 32.31
CA VAL B 455 4.30 -8.68 33.43
C VAL B 455 5.35 -7.94 34.25
N TYR B 456 5.96 -6.89 33.70
CA TYR B 456 6.99 -6.14 34.40
C TYR B 456 6.51 -5.69 35.77
N ASN B 457 7.18 -6.18 36.82
CA ASN B 457 6.83 -5.87 38.21
C ASN B 457 7.72 -4.72 38.64
N SER B 458 7.25 -3.49 38.39
CA SER B 458 8.02 -2.30 38.73
C SER B 458 8.42 -2.26 40.20
N GLU B 459 7.59 -2.84 41.09
CA GLU B 459 7.91 -2.83 42.51
C GLU B 459 9.22 -3.56 42.79
N LYS B 460 9.31 -4.83 42.42
CA LYS B 460 10.45 -5.67 42.78
C LYS B 460 11.60 -5.58 41.78
N CYS B 461 11.39 -5.01 40.60
CA CYS B 461 12.39 -5.01 39.55
C CYS B 461 13.13 -3.69 39.38
N SER B 462 12.46 -2.57 39.65
CA SER B 462 13.10 -1.27 39.48
C SER B 462 14.27 -1.10 40.43
N TYR B 463 15.32 -0.45 39.95
CA TYR B 463 16.51 -0.18 40.74
C TYR B 463 16.90 1.28 40.58
N ASP B 464 17.03 1.99 41.70
CA ASP B 464 17.40 3.41 41.71
C ASP B 464 16.48 4.23 40.81
N GLY B 465 15.19 3.90 40.83
CA GLY B 465 14.23 4.57 39.98
C GLY B 465 14.50 4.45 38.50
N VAL B 466 15.25 3.43 38.09
CA VAL B 466 15.55 3.19 36.68
C VAL B 466 14.80 1.93 36.24
N GLU B 467 14.08 2.03 35.14
CA GLU B 467 13.27 0.93 34.62
C GLU B 467 13.71 0.60 33.21
N ASP B 468 13.99 -0.68 32.96
CA ASP B 468 14.33 -1.19 31.63
C ASP B 468 13.43 -2.39 31.37
N LYS B 469 12.31 -2.15 30.70
CA LYS B 469 11.30 -3.18 30.46
C LYS B 469 11.64 -4.10 29.31
N ARG B 470 12.80 -3.92 28.67
CA ARG B 470 13.17 -4.76 27.55
C ARG B 470 13.32 -6.21 27.99
N ILE B 471 12.56 -7.10 27.37
CA ILE B 471 12.60 -8.52 27.69
C ILE B 471 13.86 -9.13 27.09
N MET B 472 14.63 -9.85 27.92
CA MET B 472 15.87 -10.47 27.48
C MET B 472 15.70 -11.93 27.11
N GLY B 473 14.59 -12.56 27.46
CA GLY B 473 14.37 -13.95 27.09
C GLY B 473 13.12 -14.56 27.72
N MET B 474 12.57 -15.58 27.07
CA MET B 474 11.41 -16.30 27.59
C MET B 474 11.64 -17.79 27.40
N GLN B 475 11.42 -18.55 28.47
CA GLN B 475 11.61 -20.00 28.44
C GLN B 475 10.36 -20.67 29.01
N LEU B 476 9.70 -21.46 28.17
CA LEU B 476 8.49 -22.17 28.58
C LEU B 476 8.87 -23.51 29.18
N ASP B 477 8.23 -23.85 30.29
CA ASP B 477 8.46 -25.12 30.99
C ASP B 477 7.14 -25.86 31.10
N ARG B 478 7.01 -26.97 30.38
CA ARG B 478 5.79 -27.76 30.42
C ARG B 478 5.63 -28.53 31.72
N ALA B 479 6.72 -28.81 32.43
CA ALA B 479 6.64 -29.60 33.65
C ALA B 479 5.93 -28.84 34.77
N SER B 480 6.12 -27.52 34.84
CA SER B 480 5.44 -26.69 35.81
C SER B 480 4.34 -25.84 35.19
N SER B 481 4.10 -25.97 33.89
CA SER B 481 3.11 -25.17 33.16
C SER B 481 3.28 -23.68 33.46
N SER B 482 4.51 -23.19 33.25
CA SER B 482 4.83 -21.80 33.51
C SER B 482 5.70 -21.27 32.39
N LEU B 483 5.78 -19.94 32.31
CA LEU B 483 6.64 -19.25 31.35
C LEU B 483 7.51 -18.26 32.11
N TYR B 484 8.81 -18.49 32.12
CA TYR B 484 9.75 -17.62 32.82
C TYR B 484 10.16 -16.48 31.90
N VAL B 485 9.89 -15.25 32.32
CA VAL B 485 10.19 -14.05 31.54
C VAL B 485 11.29 -13.29 32.27
N ALA B 486 12.46 -13.19 31.64
CA ALA B 486 13.63 -12.58 32.26
C ALA B 486 13.74 -11.12 31.83
N PHE B 487 13.89 -10.24 32.81
CA PHE B 487 14.21 -8.84 32.57
C PHE B 487 15.62 -8.54 33.04
N SER B 488 16.13 -7.38 32.64
CA SER B 488 17.51 -7.02 32.93
C SER B 488 17.79 -7.00 34.43
N THR B 489 16.78 -6.74 35.26
CA THR B 489 16.95 -6.63 36.69
C THR B 489 16.22 -7.71 37.49
N CYS B 490 15.44 -8.57 36.84
CA CYS B 490 14.64 -9.55 37.56
C CYS B 490 14.19 -10.65 36.61
N VAL B 491 13.81 -11.78 37.18
CA VAL B 491 13.25 -12.90 36.44
C VAL B 491 11.88 -13.21 37.04
N ILE B 492 10.84 -13.17 36.20
CA ILE B 492 9.47 -13.31 36.63
C ILE B 492 8.94 -14.64 36.12
N LYS B 493 8.35 -15.43 37.02
CA LYS B 493 7.76 -16.72 36.67
C LYS B 493 6.28 -16.49 36.40
N VAL B 494 5.92 -16.43 35.12
CA VAL B 494 4.54 -16.16 34.70
C VAL B 494 3.87 -17.50 34.41
N PRO B 495 2.88 -17.92 35.20
CA PRO B 495 2.10 -19.11 34.82
C PRO B 495 1.36 -18.90 33.52
N LEU B 496 1.20 -19.98 32.77
CA LEU B 496 0.61 -19.91 31.44
C LEU B 496 -0.82 -19.40 31.52
N GLY B 497 -1.06 -18.23 30.94
CA GLY B 497 -2.39 -17.63 30.95
C GLY B 497 -2.68 -16.85 32.21
N ARG B 498 -3.92 -16.96 32.70
CA ARG B 498 -4.33 -16.26 33.91
C ARG B 498 -5.57 -16.92 34.52
N CYS B 499 -5.49 -18.22 34.80
CA CYS B 499 -6.65 -18.94 35.34
C CYS B 499 -7.01 -18.42 36.73
N GLU B 500 -6.00 -18.16 37.57
CA GLU B 500 -6.26 -17.66 38.92
C GLU B 500 -7.00 -16.33 38.90
N ARG B 501 -6.78 -15.51 37.86
CA ARG B 501 -7.45 -14.22 37.77
C ARG B 501 -8.96 -14.38 37.80
N TYR B 502 -9.50 -15.21 36.91
CA TYR B 502 -10.94 -15.40 36.84
C TYR B 502 -11.49 -15.99 38.14
N GLY B 503 -10.74 -16.90 38.75
CA GLY B 503 -11.16 -17.45 40.02
C GLY B 503 -12.38 -18.35 39.90
N LYS B 504 -13.37 -18.09 40.75
CA LYS B 504 -14.50 -19.02 40.88
C LYS B 504 -15.45 -18.94 39.69
N CYS B 505 -15.61 -17.76 39.09
CA CYS B 505 -16.57 -17.58 38.02
C CYS B 505 -16.21 -18.46 36.82
N LYS B 506 -17.23 -19.10 36.24
CA LYS B 506 -17.07 -19.95 35.08
C LYS B 506 -17.34 -19.22 33.76
N LYS B 507 -18.19 -18.20 33.78
CA LYS B 507 -18.52 -17.45 32.58
C LYS B 507 -17.28 -16.94 31.86
N THR B 508 -16.47 -16.13 32.57
CA THR B 508 -15.27 -15.56 31.97
C THR B 508 -14.28 -16.64 31.53
N CYS B 509 -14.19 -17.74 32.28
CA CYS B 509 -13.27 -18.81 31.90
C CYS B 509 -13.68 -19.46 30.58
N ILE B 510 -14.99 -19.63 30.36
CA ILE B 510 -15.45 -20.17 29.08
C ILE B 510 -15.38 -19.12 27.98
N ALA B 511 -15.38 -17.84 28.33
CA ALA B 511 -15.27 -16.79 27.33
C ALA B 511 -13.83 -16.59 26.87
N SER B 512 -12.87 -16.71 27.79
CA SER B 512 -11.46 -16.52 27.43
C SER B 512 -10.99 -17.54 26.42
N ARG B 513 -11.57 -18.75 26.44
CA ARG B 513 -11.19 -19.83 25.52
C ARG B 513 -9.70 -20.12 25.59
N ASP B 514 -9.16 -20.14 26.81
CA ASP B 514 -7.75 -20.44 27.03
C ASP B 514 -7.58 -21.91 27.34
N PRO B 515 -6.86 -22.67 26.51
CA PRO B 515 -6.73 -24.11 26.77
C PRO B 515 -6.09 -24.45 28.10
N TYR B 516 -5.34 -23.52 28.70
CA TYR B 516 -4.66 -23.79 29.97
C TYR B 516 -5.59 -23.68 31.17
N CYS B 517 -6.81 -23.19 31.00
CA CYS B 517 -7.76 -23.01 32.10
C CYS B 517 -8.98 -23.87 31.87
N GLY B 518 -9.52 -24.41 32.96
CA GLY B 518 -10.72 -25.21 32.89
C GLY B 518 -11.52 -25.11 34.17
N TRP B 519 -12.77 -25.54 34.10
CA TRP B 519 -13.69 -25.49 35.23
C TRP B 519 -13.81 -26.87 35.84
N ILE B 520 -13.38 -27.02 37.09
CA ILE B 520 -13.44 -28.30 37.77
C ILE B 520 -14.89 -28.66 38.05
N LYS B 521 -15.24 -29.93 37.83
CA LYS B 521 -16.60 -30.39 38.08
C LYS B 521 -16.84 -30.70 39.55
N GLU B 522 -15.86 -31.30 40.22
CA GLU B 522 -16.02 -31.69 41.62
C GLU B 522 -16.04 -30.45 42.52
N GLY B 523 -15.01 -29.62 42.43
CA GLY B 523 -14.95 -28.42 43.26
C GLY B 523 -15.81 -27.28 42.76
N GLY B 524 -16.24 -27.33 41.50
CA GLY B 524 -17.05 -26.26 40.95
C GLY B 524 -16.36 -24.92 40.90
N ALA B 525 -15.08 -24.90 40.53
CA ALA B 525 -14.32 -23.67 40.43
C ALA B 525 -13.35 -23.76 39.26
N CYS B 526 -13.19 -22.66 38.55
CA CYS B 526 -12.25 -22.60 37.44
C CYS B 526 -10.81 -22.60 37.96
N SER B 527 -9.95 -23.37 37.30
CA SER B 527 -8.57 -23.52 37.75
C SER B 527 -7.72 -23.96 36.57
N HIS B 528 -6.40 -23.85 36.75
CA HIS B 528 -5.47 -24.22 35.70
C HIS B 528 -5.48 -25.73 35.47
N LEU B 529 -5.26 -26.12 34.22
CA LEU B 529 -5.31 -27.53 33.85
C LEU B 529 -3.99 -28.22 34.19
N SER B 530 -4.02 -29.54 34.14
CA SER B 530 -2.87 -30.39 34.37
C SER B 530 -2.65 -31.31 33.17
N PRO B 531 -1.45 -31.89 33.04
CA PRO B 531 -1.22 -32.81 31.92
C PRO B 531 -2.11 -34.05 31.96
N ASN B 532 -2.25 -34.67 33.13
CA ASN B 532 -3.09 -35.86 33.29
C ASN B 532 -3.92 -35.69 34.56
N SER B 533 -5.24 -35.78 34.42
CA SER B 533 -6.13 -35.65 35.56
C SER B 533 -7.41 -36.43 35.27
N ARG B 534 -7.93 -37.09 36.31
CA ARG B 534 -9.17 -37.86 36.15
C ARG B 534 -10.39 -36.97 36.03
N LEU B 535 -10.38 -35.82 36.70
CA LEU B 535 -11.55 -34.94 36.71
C LEU B 535 -11.90 -34.48 35.29
N THR B 536 -13.20 -34.29 35.06
CA THR B 536 -13.67 -33.86 33.76
C THR B 536 -13.36 -32.38 33.54
N PHE B 537 -13.41 -31.96 32.27
CA PHE B 537 -13.08 -30.61 31.88
C PHE B 537 -14.25 -29.97 31.14
N GLU B 538 -14.28 -28.65 31.16
CA GLU B 538 -15.34 -27.88 30.50
C GLU B 538 -14.71 -26.65 29.88
N GLN B 539 -14.76 -26.57 28.54
CA GLN B 539 -14.18 -25.45 27.80
C GLN B 539 -14.67 -25.46 26.36
N ASP B 540 -15.28 -24.36 25.92
CA ASP B 540 -15.82 -24.24 24.58
C ASP B 540 -14.83 -23.44 23.74
N ILE B 541 -14.01 -24.15 22.96
CA ILE B 541 -12.94 -23.50 22.21
C ILE B 541 -13.51 -22.70 21.04
N GLU B 542 -14.48 -23.27 20.32
CA GLU B 542 -14.96 -22.64 19.09
C GLU B 542 -15.60 -21.29 19.38
N ARG B 543 -16.45 -21.22 20.40
CA ARG B 543 -17.15 -19.98 20.72
C ARG B 543 -17.61 -20.02 22.17
N GLY B 544 -17.71 -18.84 22.78
CA GLY B 544 -18.22 -18.73 24.13
C GLY B 544 -19.49 -17.90 24.20
N ASN B 545 -20.60 -18.53 24.57
CA ASN B 545 -21.89 -17.89 24.60
C ASN B 545 -22.22 -17.25 25.95
N THR B 546 -21.35 -17.41 26.94
CA THR B 546 -21.55 -16.84 28.27
C THR B 546 -22.88 -17.26 28.88
N ASP B 547 -23.20 -18.55 28.75
CA ASP B 547 -24.42 -19.07 29.34
C ASP B 547 -24.35 -19.01 30.86
N GLY B 548 -25.49 -18.75 31.48
CA GLY B 548 -25.53 -18.58 32.93
C GLY B 548 -24.75 -17.38 33.42
N LEU B 549 -24.89 -16.24 32.75
CA LEU B 549 -24.08 -15.07 33.07
C LEU B 549 -24.39 -14.59 34.49
N GLY B 550 -23.34 -14.36 35.27
CA GLY B 550 -23.48 -13.82 36.60
C GLY B 550 -23.10 -12.36 36.72
N ARG C 133 -52.72 -12.61 -45.39
CA ARG C 133 -51.32 -12.39 -45.72
C ARG C 133 -50.41 -12.85 -44.58
N PHE C 134 -50.26 -11.99 -43.57
CA PHE C 134 -49.43 -12.29 -42.41
C PHE C 134 -50.16 -11.84 -41.16
N ILE C 135 -50.40 -12.77 -40.24
CA ILE C 135 -51.05 -12.50 -38.97
C ILE C 135 -49.99 -12.51 -37.88
N SER C 136 -49.88 -11.40 -37.15
CA SER C 136 -48.85 -11.25 -36.11
C SER C 136 -49.52 -11.41 -34.75
N LEU C 137 -49.80 -12.65 -34.39
CA LEU C 137 -50.30 -12.96 -33.06
C LEU C 137 -49.28 -12.56 -32.01
N THR C 138 -49.64 -11.59 -31.17
CA THR C 138 -48.76 -11.05 -30.16
C THR C 138 -49.30 -11.33 -28.77
N PHE C 139 -48.45 -11.08 -27.77
CA PHE C 139 -48.79 -11.20 -26.37
C PHE C 139 -47.62 -10.63 -25.57
N SER C 140 -47.78 -10.58 -24.24
CA SER C 140 -46.81 -9.92 -23.38
C SER C 140 -46.34 -10.89 -22.31
N ILE C 141 -45.04 -11.17 -22.30
CA ILE C 141 -44.45 -11.96 -21.23
C ILE C 141 -44.32 -11.14 -19.96
N LEU C 142 -43.90 -9.89 -20.08
CA LEU C 142 -43.64 -9.03 -18.93
C LEU C 142 -43.95 -7.60 -19.37
N GLU C 143 -43.80 -6.66 -18.42
CA GLU C 143 -44.05 -5.26 -18.71
C GLU C 143 -43.14 -4.76 -19.81
N ASP C 144 -43.73 -4.20 -20.87
CA ASP C 144 -43.03 -3.65 -22.02
C ASP C 144 -42.29 -4.71 -22.82
N ILE C 145 -42.67 -5.99 -22.67
CA ILE C 145 -42.05 -7.09 -23.38
C ILE C 145 -43.13 -7.74 -24.24
N ASN C 146 -42.87 -7.89 -25.54
CA ASN C 146 -43.85 -8.47 -26.44
C ASN C 146 -43.17 -9.47 -27.37
N ILE C 147 -43.91 -10.53 -27.68
CA ILE C 147 -43.48 -11.56 -28.61
C ILE C 147 -44.27 -11.42 -29.90
N ILE C 148 -43.57 -11.41 -31.03
CA ILE C 148 -44.21 -11.28 -32.33
C ILE C 148 -44.07 -12.63 -33.05
N ILE C 149 -45.17 -13.38 -33.11
CA ILE C 149 -45.21 -14.62 -33.88
C ILE C 149 -45.50 -14.28 -35.33
N GLU C 150 -44.63 -14.72 -36.24
CA GLU C 150 -44.81 -14.53 -37.67
C GLU C 150 -45.34 -15.82 -38.27
N ILE C 151 -46.61 -15.82 -38.66
CA ILE C 151 -47.26 -17.00 -39.23
C ILE C 151 -47.68 -16.68 -40.66
N ASP C 152 -47.35 -17.58 -41.58
CA ASP C 152 -47.71 -17.43 -42.99
C ASP C 152 -48.40 -18.72 -43.44
N LEU C 153 -49.54 -18.56 -44.12
CA LEU C 153 -50.29 -19.73 -44.57
C LEU C 153 -49.48 -20.54 -45.58
N VAL C 154 -48.84 -19.87 -46.53
CA VAL C 154 -48.08 -20.57 -47.57
C VAL C 154 -46.93 -21.34 -46.96
N SER C 155 -46.17 -20.69 -46.07
CA SER C 155 -45.04 -21.36 -45.43
C SER C 155 -45.50 -22.45 -44.47
N LYS C 156 -46.55 -22.18 -43.70
CA LYS C 156 -47.08 -23.12 -42.71
C LYS C 156 -46.00 -23.55 -41.72
N SER C 157 -45.18 -22.58 -41.27
CA SER C 157 -44.11 -22.85 -40.32
C SER C 157 -43.83 -21.55 -39.56
N TYR C 158 -44.70 -21.24 -38.61
CA TYR C 158 -44.63 -20.03 -37.79
C TYR C 158 -43.23 -19.75 -37.26
N LYS C 159 -42.88 -18.48 -37.14
CA LYS C 159 -41.61 -18.04 -36.58
C LYS C 159 -41.87 -17.26 -35.29
N ILE C 160 -40.79 -16.99 -34.57
CA ILE C 160 -40.84 -16.25 -33.31
C ILE C 160 -39.86 -15.09 -33.39
N LEU C 161 -40.31 -13.92 -32.93
CA LEU C 161 -39.48 -12.72 -32.94
C LEU C 161 -39.58 -12.01 -31.60
N LEU C 162 -38.54 -11.23 -31.29
CA LEU C 162 -38.47 -10.45 -30.06
C LEU C 162 -38.68 -8.98 -30.37
N SER C 163 -39.29 -8.26 -29.43
CA SER C 163 -39.56 -6.84 -29.62
C SER C 163 -39.67 -6.17 -28.26
N GLY C 164 -38.80 -5.20 -28.01
CA GLY C 164 -38.83 -4.46 -26.77
C GLY C 164 -37.62 -3.54 -26.68
N ASN C 165 -37.51 -2.88 -25.53
CA ASN C 165 -36.37 -2.01 -25.29
C ASN C 165 -35.11 -2.84 -25.04
N CYS C 166 -34.07 -2.56 -25.82
CA CYS C 166 -32.83 -3.33 -25.76
C CYS C 166 -32.23 -3.30 -24.35
N ILE C 167 -32.19 -2.13 -23.73
CA ILE C 167 -31.60 -2.00 -22.40
C ILE C 167 -32.31 -2.90 -21.40
N LYS C 168 -33.64 -2.91 -21.43
CA LYS C 168 -34.38 -3.76 -20.49
C LYS C 168 -34.12 -5.23 -20.78
N LEU C 169 -34.04 -5.62 -22.05
CA LEU C 169 -33.80 -7.00 -22.43
C LEU C 169 -32.33 -7.40 -22.45
N ILE C 170 -31.44 -6.59 -21.87
CA ILE C 170 -30.02 -6.93 -21.80
C ILE C 170 -29.58 -7.13 -20.35
N GLU C 171 -30.49 -6.97 -19.40
CA GLU C 171 -30.22 -7.14 -17.97
C GLU C 171 -31.00 -8.31 -17.40
N ASN C 172 -32.30 -8.39 -17.69
CA ASN C 172 -33.12 -9.54 -17.35
C ASN C 172 -32.89 -10.72 -18.29
N SER C 173 -31.62 -10.93 -18.71
CA SER C 173 -31.30 -12.00 -19.65
C SER C 173 -31.66 -13.37 -19.08
N SER C 174 -31.39 -13.59 -17.79
CA SER C 174 -31.75 -14.87 -17.19
C SER C 174 -33.26 -15.07 -17.17
N ASP C 175 -34.02 -14.01 -16.83
CA ASP C 175 -35.47 -14.14 -16.75
C ASP C 175 -36.09 -14.41 -18.12
N ILE C 176 -35.64 -13.68 -19.16
CA ILE C 176 -36.22 -13.88 -20.49
C ILE C 176 -35.92 -15.27 -21.02
N GLN C 177 -34.72 -15.79 -20.75
CA GLN C 177 -34.37 -17.13 -21.22
C GLN C 177 -35.27 -18.19 -20.61
N GLN C 178 -35.59 -18.05 -19.32
CA GLN C 178 -36.46 -19.01 -18.67
C GLN C 178 -37.84 -19.01 -19.31
N LYS C 179 -38.44 -17.83 -19.47
CA LYS C 179 -39.75 -17.71 -20.11
C LYS C 179 -39.77 -18.36 -21.48
N ILE C 180 -38.76 -18.07 -22.31
CA ILE C 180 -38.66 -18.67 -23.63
C ILE C 180 -38.70 -20.20 -23.54
N ASP C 181 -37.95 -20.76 -22.59
CA ASP C 181 -37.97 -22.21 -22.39
C ASP C 181 -39.36 -22.67 -21.94
N HIS C 182 -40.04 -21.89 -21.11
CA HIS C 182 -41.32 -22.31 -20.56
C HIS C 182 -42.44 -22.27 -21.59
N ILE C 183 -42.34 -21.41 -22.60
CA ILE C 183 -43.42 -21.26 -23.58
C ILE C 183 -43.30 -22.30 -24.68
N GLY C 184 -42.63 -23.41 -24.39
CA GLY C 184 -42.48 -24.47 -25.37
C GLY C 184 -41.80 -24.07 -26.66
N PHE C 185 -40.73 -23.28 -26.56
CA PHE C 185 -39.99 -22.86 -27.75
C PHE C 185 -39.36 -24.08 -28.42
N ASN C 186 -39.54 -24.18 -29.74
CA ASN C 186 -38.96 -25.29 -30.50
C ASN C 186 -37.45 -25.30 -30.35
N GLY C 187 -36.92 -26.46 -29.94
CA GLY C 187 -35.50 -26.54 -29.61
C GLY C 187 -34.61 -26.27 -30.81
N GLU C 188 -34.86 -26.94 -31.93
CA GLU C 188 -34.01 -26.82 -33.10
C GLU C 188 -34.74 -26.44 -34.38
N HIS C 189 -36.06 -26.24 -34.32
CA HIS C 189 -36.78 -25.81 -35.52
C HIS C 189 -36.42 -24.37 -35.89
N GLN C 190 -36.16 -23.53 -34.90
CA GLN C 190 -35.68 -22.17 -35.13
C GLN C 190 -34.20 -22.11 -34.79
N LYS C 191 -33.40 -21.56 -35.70
CA LYS C 191 -31.96 -21.47 -35.49
C LYS C 191 -31.57 -20.14 -34.86
N TYR C 192 -32.12 -19.03 -35.36
CA TYR C 192 -31.84 -17.71 -34.83
C TYR C 192 -33.15 -17.00 -34.51
N ILE C 193 -33.16 -16.25 -33.41
CA ILE C 193 -34.34 -15.52 -32.95
C ILE C 193 -34.18 -14.06 -33.39
N PRO C 194 -34.94 -13.58 -34.37
CA PRO C 194 -34.79 -12.20 -34.82
C PRO C 194 -35.40 -11.21 -33.83
N TYR C 195 -34.69 -10.10 -33.63
CA TYR C 195 -35.16 -9.01 -32.79
C TYR C 195 -34.89 -7.69 -33.51
N SER C 196 -35.90 -6.83 -33.57
CA SER C 196 -35.76 -5.55 -34.25
C SER C 196 -36.81 -4.58 -33.70
N TYR C 197 -36.42 -3.78 -32.73
CA TYR C 197 -37.29 -2.77 -32.14
C TYR C 197 -37.03 -1.42 -32.77
N ILE C 198 -38.09 -0.62 -32.90
CA ILE C 198 -38.00 0.70 -33.49
C ILE C 198 -38.26 1.73 -32.39
N ASP C 199 -37.31 2.65 -32.22
CA ASP C 199 -37.41 3.73 -31.25
C ASP C 199 -36.92 5.00 -31.93
N ASN C 200 -37.37 6.14 -31.41
CA ASN C 200 -37.00 7.45 -31.97
C ASN C 200 -35.49 7.62 -32.07
N GLU C 201 -35.04 8.02 -33.27
CA GLU C 201 -33.63 8.29 -33.58
C GLU C 201 -32.71 7.12 -33.24
N THR C 202 -33.25 5.90 -33.25
CA THR C 202 -32.48 4.71 -32.88
C THR C 202 -32.97 3.54 -33.73
N LYS C 203 -32.16 2.48 -33.79
CA LYS C 203 -32.54 1.29 -34.55
C LYS C 203 -31.93 0.05 -33.86
N TYR C 204 -32.58 -0.38 -32.78
CA TYR C 204 -32.12 -1.55 -32.04
C TYR C 204 -32.57 -2.81 -32.77
N ASN C 205 -31.62 -3.52 -33.38
CA ASN C 205 -31.91 -4.77 -34.05
C ASN C 205 -30.80 -5.79 -33.75
N GLY C 206 -31.19 -7.05 -33.65
CA GLY C 206 -30.23 -8.09 -33.37
C GLY C 206 -30.87 -9.46 -33.46
N PHE C 207 -30.05 -10.48 -33.19
CA PHE C 207 -30.52 -11.85 -33.20
C PHE C 207 -29.82 -12.63 -32.09
N ILE C 208 -30.60 -13.32 -31.27
CA ILE C 208 -30.08 -14.23 -30.26
C ILE C 208 -29.97 -15.63 -30.86
N ASP C 209 -28.82 -16.26 -30.66
CA ASP C 209 -28.56 -17.59 -31.19
C ASP C 209 -28.80 -18.60 -30.07
N TYR C 210 -29.92 -19.32 -30.16
CA TYR C 210 -30.28 -20.28 -29.12
C TYR C 210 -29.26 -21.40 -29.00
N SER C 211 -28.65 -21.80 -30.11
CA SER C 211 -27.75 -22.95 -30.09
C SER C 211 -26.49 -22.66 -29.30
N LYS C 212 -25.91 -21.48 -29.47
CA LYS C 212 -24.70 -21.09 -28.77
C LYS C 212 -24.95 -20.42 -27.42
N LYS C 213 -26.22 -20.16 -27.07
CA LYS C 213 -26.57 -19.45 -25.84
C LYS C 213 -25.89 -18.09 -25.76
N GLU C 214 -25.75 -17.42 -26.91
CA GLU C 214 -25.17 -16.09 -26.97
C GLU C 214 -26.22 -15.11 -27.50
N GLY C 215 -25.76 -13.90 -27.84
CA GLY C 215 -26.64 -12.89 -28.40
C GLY C 215 -25.89 -11.74 -29.03
N LEU C 216 -26.46 -11.17 -30.10
CA LEU C 216 -25.92 -9.99 -30.76
C LEU C 216 -26.97 -8.90 -30.80
N PHE C 217 -26.64 -7.75 -30.23
CA PHE C 217 -27.51 -6.57 -30.26
C PHE C 217 -26.76 -5.43 -30.95
N THR C 218 -27.46 -4.74 -31.84
CA THR C 218 -26.88 -3.62 -32.59
C THR C 218 -27.72 -2.38 -32.35
N ALA C 219 -27.07 -1.27 -32.05
CA ALA C 219 -27.73 0.01 -31.80
C ALA C 219 -27.11 1.06 -32.69
N GLU C 220 -27.92 1.65 -33.57
CA GLU C 220 -27.48 2.71 -34.47
C GLU C 220 -28.02 4.03 -33.95
N PHE C 221 -27.12 4.87 -33.45
CA PHE C 221 -27.48 6.16 -32.88
C PHE C 221 -27.22 7.28 -33.88
N SER C 222 -27.65 8.49 -33.52
CA SER C 222 -27.56 9.64 -34.41
C SER C 222 -26.13 9.87 -34.91
N ASN C 223 -25.12 9.52 -34.10
CA ASN C 223 -23.74 9.80 -34.46
C ASN C 223 -22.79 8.62 -34.32
N GLU C 224 -23.21 7.51 -33.72
CA GLU C 224 -22.31 6.38 -33.56
C GLU C 224 -23.13 5.08 -33.48
N SER C 225 -22.48 3.97 -33.82
CA SER C 225 -23.09 2.66 -33.81
C SER C 225 -22.38 1.77 -32.79
N ILE C 226 -23.15 0.89 -32.15
CA ILE C 226 -22.64 0.03 -31.09
C ILE C 226 -22.98 -1.42 -31.42
N ILE C 227 -22.00 -2.30 -31.28
CA ILE C 227 -22.13 -3.72 -31.58
C ILE C 227 -21.64 -4.47 -30.35
N ARG C 228 -22.54 -5.18 -29.67
CA ARG C 228 -22.19 -5.83 -28.42
C ARG C 228 -22.73 -7.25 -28.35
N ASN C 229 -21.88 -8.16 -27.87
CA ASN C 229 -22.19 -9.58 -27.70
C ASN C 229 -22.12 -9.94 -26.22
N ILE C 230 -23.25 -10.36 -25.65
CA ILE C 230 -23.33 -10.74 -24.24
C ILE C 230 -23.75 -12.20 -24.17
N TYR C 231 -23.02 -12.99 -23.38
CA TYR C 231 -23.37 -14.38 -23.18
C TYR C 231 -24.66 -14.44 -22.35
N MET C 232 -25.62 -15.24 -22.82
CA MET C 232 -26.91 -15.33 -22.13
C MET C 232 -26.77 -15.76 -20.67
N PRO C 233 -26.01 -16.81 -20.32
CA PRO C 233 -25.88 -17.16 -18.91
C PRO C 233 -25.03 -16.14 -18.17
N ASP C 234 -25.43 -15.86 -16.92
CA ASP C 234 -24.73 -14.94 -16.03
C ASP C 234 -24.49 -13.55 -16.59
N SER C 235 -25.06 -13.25 -17.77
CA SER C 235 -24.94 -11.93 -18.40
C SER C 235 -23.48 -11.48 -18.49
N ASN C 236 -22.60 -12.39 -18.88
CA ASN C 236 -21.18 -12.09 -18.97
C ASN C 236 -20.88 -11.39 -20.29
N ASN C 237 -20.14 -10.28 -20.20
CA ASN C 237 -19.79 -9.46 -21.36
C ASN C 237 -18.50 -10.01 -21.98
N LEU C 238 -18.65 -10.87 -23.00
CA LEU C 238 -17.49 -11.43 -23.67
C LEU C 238 -16.61 -10.32 -24.26
N PHE C 239 -17.19 -9.47 -25.11
CA PHE C 239 -16.48 -8.35 -25.71
C PHE C 239 -17.43 -7.37 -26.37
N ILE C 240 -17.22 -6.07 -26.14
CA ILE C 240 -18.08 -5.01 -26.63
C ILE C 240 -17.27 -4.07 -27.51
N TYR C 241 -17.71 -3.91 -28.76
CA TYR C 241 -17.06 -3.02 -29.73
C TYR C 241 -17.99 -1.86 -30.07
N SER C 242 -17.40 -0.78 -30.57
CA SER C 242 -18.16 0.40 -30.93
C SER C 242 -17.39 1.19 -31.98
N SER C 243 -18.14 1.92 -32.81
CA SER C 243 -17.56 2.74 -33.87
C SER C 243 -18.39 4.00 -34.04
N LYS C 244 -17.75 5.09 -34.41
CA LYS C 244 -18.46 6.34 -34.60
C LYS C 244 -18.83 6.60 -36.03
N ASP C 245 -18.23 5.88 -36.97
CA ASP C 245 -18.49 6.14 -38.38
C ASP C 245 -19.45 5.15 -39.02
N LEU C 246 -19.63 3.97 -38.44
CA LEU C 246 -20.56 3.00 -38.99
C LEU C 246 -22.00 3.47 -38.78
N LYS C 247 -22.83 3.29 -39.81
CA LYS C 247 -24.23 3.67 -39.75
C LYS C 247 -25.05 2.65 -40.52
N ASP C 248 -26.35 2.60 -40.19
CA ASP C 248 -27.32 1.72 -40.83
C ASP C 248 -26.77 0.30 -40.99
N ILE C 249 -26.37 -0.28 -39.87
CA ILE C 249 -25.80 -1.63 -39.86
C ILE C 249 -26.94 -2.63 -40.02
N ARG C 250 -26.89 -3.43 -41.08
CA ARG C 250 -27.88 -4.45 -41.35
C ARG C 250 -27.34 -5.83 -41.04
N ILE C 251 -28.26 -6.77 -40.81
CA ILE C 251 -27.92 -8.15 -40.52
C ILE C 251 -28.41 -9.02 -41.67
N ILE C 252 -27.51 -9.80 -42.24
CA ILE C 252 -27.86 -10.69 -43.34
C ILE C 252 -28.77 -11.82 -42.86
N ASP C 256 -25.89 -18.79 -45.21
CA ASP C 256 -24.88 -19.25 -44.26
C ASP C 256 -24.96 -18.48 -42.95
N VAL C 257 -23.85 -18.49 -42.19
CA VAL C 257 -23.81 -17.79 -40.92
C VAL C 257 -24.07 -16.30 -41.15
N LYS C 258 -25.00 -15.75 -40.38
CA LYS C 258 -25.32 -14.33 -40.49
C LYS C 258 -24.12 -13.47 -40.13
N LEU C 259 -23.90 -12.42 -40.91
CA LEU C 259 -22.75 -11.53 -40.71
C LEU C 259 -23.19 -10.09 -40.87
N LEU C 260 -22.52 -9.21 -40.14
CA LEU C 260 -22.84 -7.78 -40.16
C LEU C 260 -22.23 -7.09 -41.37
N ILE C 261 -22.91 -6.05 -41.84
CA ILE C 261 -22.41 -5.18 -42.90
C ILE C 261 -22.63 -3.74 -42.47
N GLY C 262 -21.73 -2.86 -42.91
CA GLY C 262 -21.82 -1.46 -42.55
C GLY C 262 -21.07 -0.59 -43.53
N ASN C 263 -21.54 0.65 -43.67
CA ASN C 263 -20.95 1.62 -44.58
C ASN C 263 -20.50 2.86 -43.80
N TYR C 264 -19.32 3.37 -44.12
CA TYR C 264 -18.79 4.56 -43.48
C TYR C 264 -17.95 5.32 -44.49
N PHE C 265 -18.24 6.61 -44.66
CA PHE C 265 -17.53 7.45 -45.62
C PHE C 265 -16.67 8.45 -44.88
N LYS C 266 -15.34 8.29 -44.97
CA LYS C 266 -14.43 9.27 -44.42
C LYS C 266 -14.50 10.57 -45.22
N ASP C 267 -14.58 10.47 -46.54
CA ASP C 267 -14.66 11.62 -47.43
C ASP C 267 -15.94 11.56 -48.24
N ASN C 268 -16.00 12.32 -49.33
CA ASN C 268 -17.20 12.32 -50.18
C ASN C 268 -17.50 10.91 -50.70
N MET C 269 -16.45 10.18 -51.09
CA MET C 269 -16.64 8.81 -51.55
C MET C 269 -17.15 7.92 -50.42
N LYS C 270 -18.05 7.01 -50.75
CA LYS C 270 -18.67 6.10 -49.80
C LYS C 270 -18.00 4.74 -49.87
N VAL C 271 -17.59 4.22 -48.70
CA VAL C 271 -16.93 2.92 -48.60
C VAL C 271 -17.73 2.06 -47.64
N SER C 272 -18.05 0.84 -48.07
CA SER C 272 -18.77 -0.13 -47.25
C SER C 272 -17.90 -1.35 -47.04
N LEU C 273 -17.83 -1.83 -45.80
CA LEU C 273 -17.05 -3.01 -45.48
C LEU C 273 -17.88 -3.99 -44.67
N SER C 274 -17.70 -5.28 -44.97
CA SER C 274 -18.35 -6.36 -44.24
C SER C 274 -17.34 -7.01 -43.31
N PHE C 275 -17.80 -7.34 -42.09
CA PHE C 275 -16.90 -7.87 -41.09
C PHE C 275 -17.68 -8.76 -40.13
N THR C 276 -16.93 -9.47 -39.28
CA THR C 276 -17.51 -10.33 -38.25
C THR C 276 -16.44 -10.56 -37.20
N ILE C 277 -16.71 -10.12 -35.97
CA ILE C 277 -15.73 -10.21 -34.89
C ILE C 277 -15.88 -11.55 -34.19
N GLU C 278 -14.82 -12.36 -34.23
CA GLU C 278 -14.82 -13.69 -33.61
C GLU C 278 -14.41 -13.64 -32.15
N ASP C 279 -13.33 -12.93 -31.84
CA ASP C 279 -12.76 -12.91 -30.50
C ASP C 279 -12.52 -11.47 -30.07
N THR C 280 -12.32 -11.29 -28.76
CA THR C 280 -12.22 -9.96 -28.17
C THR C 280 -11.10 -9.14 -28.81
N ASN C 281 -10.05 -9.80 -29.32
CA ASN C 281 -8.90 -9.11 -29.88
C ASN C 281 -8.75 -9.28 -31.38
N THR C 282 -9.62 -10.07 -32.02
CA THR C 282 -9.47 -10.36 -33.44
C THR C 282 -10.77 -10.05 -34.18
N ILE C 283 -10.64 -9.38 -35.33
CA ILE C 283 -11.77 -9.02 -36.17
C ILE C 283 -11.54 -9.64 -37.54
N LYS C 284 -12.57 -10.27 -38.08
CA LYS C 284 -12.53 -10.85 -39.42
C LYS C 284 -13.29 -9.93 -40.36
N LEU C 285 -12.55 -9.14 -41.13
CA LEU C 285 -13.11 -8.15 -42.06
C LEU C 285 -12.90 -8.70 -43.47
N ASN C 286 -13.86 -9.50 -43.92
CA ASN C 286 -13.69 -10.23 -45.18
C ASN C 286 -13.77 -9.31 -46.39
N GLY C 287 -14.85 -8.54 -46.52
CA GLY C 287 -15.13 -7.84 -47.76
C GLY C 287 -15.34 -6.36 -47.56
N VAL C 288 -14.94 -5.60 -48.58
CA VAL C 288 -15.01 -4.14 -48.59
C VAL C 288 -15.63 -3.73 -49.91
N TYR C 289 -16.90 -3.37 -49.89
CA TYR C 289 -17.59 -2.87 -51.07
C TYR C 289 -17.29 -1.38 -51.28
N LEU C 290 -16.79 -1.04 -52.46
CA LEU C 290 -16.52 0.35 -52.81
C LEU C 290 -17.57 0.85 -53.79
N ASP C 291 -17.83 2.16 -53.73
CA ASP C 291 -18.84 2.78 -54.58
C ASP C 291 -18.33 4.15 -55.01
N GLU C 292 -19.02 4.73 -56.00
CA GLU C 292 -18.72 6.06 -56.52
C GLU C 292 -17.29 6.13 -57.06
N ASN C 293 -16.92 5.13 -57.87
CA ASN C 293 -15.61 5.05 -58.50
C ASN C 293 -14.49 5.10 -57.47
N GLY C 294 -14.70 4.44 -56.33
CA GLY C 294 -13.68 4.39 -55.31
C GLY C 294 -12.44 3.64 -55.76
N VAL C 295 -12.62 2.59 -56.56
CA VAL C 295 -11.50 1.77 -57.02
C VAL C 295 -10.49 2.64 -57.77
N ALA C 296 -10.97 3.45 -58.71
CA ALA C 296 -10.08 4.35 -59.43
C ALA C 296 -9.47 5.40 -58.50
N GLN C 297 -10.28 5.91 -57.56
CA GLN C 297 -9.83 6.99 -56.69
C GLN C 297 -8.61 6.59 -55.84
N ILE C 298 -8.60 5.38 -55.29
CA ILE C 298 -7.55 5.04 -54.34
C ILE C 298 -6.82 3.75 -54.72
N LEU C 299 -7.55 2.73 -55.15
CA LEU C 299 -6.91 1.45 -55.44
C LEU C 299 -5.91 1.57 -56.58
N LYS C 300 -6.27 2.31 -57.65
CA LYS C 300 -5.34 2.51 -58.76
C LYS C 300 -4.10 3.29 -58.31
N PHE C 301 -4.23 4.14 -57.30
CA PHE C 301 -3.09 4.93 -56.83
C PHE C 301 -2.04 4.02 -56.19
N MET C 302 -2.44 3.26 -55.17
CA MET C 302 -1.49 2.41 -54.46
C MET C 302 -0.90 1.33 -55.37
N ASN C 303 -1.73 0.77 -56.24
CA ASN C 303 -1.31 -0.29 -57.17
C ASN C 303 -0.04 0.08 -57.94
N LEU C 315 -0.39 -5.14 -47.61
CA LEU C 315 -1.84 -5.08 -47.51
C LEU C 315 -2.27 -4.26 -46.31
N MET C 316 -1.58 -4.45 -45.18
CA MET C 316 -1.93 -3.73 -43.96
C MET C 316 -1.76 -2.22 -44.11
N ASN C 317 -0.79 -1.80 -44.94
CA ASN C 317 -0.55 -0.37 -45.13
C ASN C 317 -1.79 0.32 -45.71
N PHE C 318 -2.47 -0.35 -46.64
CA PHE C 318 -3.68 0.22 -47.23
C PHE C 318 -4.77 0.40 -46.18
N LEU C 319 -4.94 -0.60 -45.30
CA LEU C 319 -5.90 -0.47 -44.21
C LEU C 319 -5.58 0.71 -43.32
N GLU C 320 -4.33 0.79 -42.85
CA GLU C 320 -3.89 1.91 -42.03
C GLU C 320 -4.16 3.25 -42.72
N SER C 321 -3.94 3.30 -44.03
CA SER C 321 -4.16 4.55 -44.75
C SER C 321 -5.62 4.99 -44.71
N ILE C 322 -6.55 4.04 -44.81
CA ILE C 322 -7.97 4.37 -44.80
C ILE C 322 -8.54 4.42 -43.38
N ASN C 323 -7.70 4.25 -42.36
CA ASN C 323 -8.09 4.42 -40.96
C ASN C 323 -9.20 3.44 -40.55
N ILE C 324 -9.08 2.19 -41.00
CA ILE C 324 -10.01 1.15 -40.54
C ILE C 324 -9.83 0.92 -39.05
N LYS C 325 -8.59 0.91 -38.57
CA LYS C 325 -8.35 0.70 -37.14
C LYS C 325 -8.89 1.85 -36.31
N ASN C 326 -8.76 3.09 -36.81
CA ASN C 326 -9.17 4.25 -36.03
C ASN C 326 -10.67 4.23 -35.74
N ILE C 327 -11.49 3.90 -36.74
CA ILE C 327 -12.94 3.90 -36.52
C ILE C 327 -13.36 2.82 -35.54
N PHE C 328 -12.67 1.68 -35.54
CA PHE C 328 -13.01 0.58 -34.63
C PHE C 328 -12.40 0.87 -33.26
N TYR C 329 -13.27 1.09 -32.27
CA TYR C 329 -12.84 1.30 -30.89
C TYR C 329 -13.29 0.11 -30.06
N ASN C 330 -12.33 -0.56 -29.42
CA ASN C 330 -12.58 -1.80 -28.69
C ASN C 330 -12.54 -1.51 -27.20
N ASN C 331 -13.70 -1.64 -26.55
CA ASN C 331 -13.79 -1.51 -25.11
C ASN C 331 -13.31 -2.80 -24.43
N LEU C 332 -12.96 -2.68 -23.15
CA LEU C 332 -12.49 -3.73 -22.26
C LEU C 332 -11.09 -4.22 -22.58
N ASP C 333 -10.45 -3.70 -23.63
CA ASP C 333 -9.09 -4.03 -24.08
C ASP C 333 -8.50 -2.86 -24.86
N PRO C 334 -7.30 -2.39 -24.48
CA PRO C 334 -6.68 -1.29 -25.24
C PRO C 334 -6.20 -1.73 -26.61
N ASN C 335 -5.52 -2.87 -26.68
CA ASN C 335 -4.96 -3.36 -27.92
C ASN C 335 -6.04 -4.02 -28.78
N ILE C 336 -5.76 -4.08 -30.09
CA ILE C 336 -6.67 -4.69 -31.05
C ILE C 336 -5.84 -5.26 -32.19
N LYS C 337 -6.27 -6.43 -32.69
CA LYS C 337 -5.61 -7.09 -33.81
C LYS C 337 -6.61 -7.29 -34.95
N PHE C 338 -6.11 -7.24 -36.17
CA PHE C 338 -6.91 -7.46 -37.37
C PHE C 338 -6.42 -8.69 -38.10
N ILE C 339 -7.36 -9.54 -38.52
CA ILE C 339 -7.06 -10.71 -39.32
C ILE C 339 -8.02 -10.76 -40.50
N LEU C 340 -7.61 -11.48 -41.55
CA LEU C 340 -8.38 -11.60 -42.77
C LEU C 340 -8.76 -13.06 -43.00
N ASP C 341 -9.99 -13.26 -43.49
CA ASP C 341 -10.44 -14.60 -43.84
C ASP C 341 -9.70 -15.07 -45.10
N THR C 342 -9.47 -16.38 -45.18
CA THR C 342 -8.76 -16.94 -46.33
C THR C 342 -9.49 -16.63 -47.63
N ASN C 343 -10.82 -16.67 -47.61
CA ASN C 343 -11.65 -16.43 -48.79
C ASN C 343 -11.99 -14.96 -48.98
N PHE C 344 -11.42 -14.06 -48.18
CA PHE C 344 -11.77 -12.65 -48.26
C PHE C 344 -11.50 -12.10 -49.65
N ILE C 345 -12.44 -11.29 -50.15
CA ILE C 345 -12.31 -10.64 -51.45
C ILE C 345 -12.82 -9.21 -51.34
N ILE C 346 -12.22 -8.32 -52.13
CA ILE C 346 -12.61 -6.92 -52.19
C ILE C 346 -13.20 -6.65 -53.57
N SER C 347 -14.44 -6.16 -53.60
CA SER C 347 -15.16 -5.93 -54.85
C SER C 347 -15.66 -4.49 -54.88
N GLY C 348 -15.40 -3.81 -55.99
CA GLY C 348 -15.87 -2.44 -56.16
C GLY C 348 -16.65 -2.24 -57.43
N GLN C 354 -16.63 -2.91 -63.42
CA GLN C 354 -16.65 -3.66 -62.17
C GLN C 354 -15.36 -4.47 -62.00
N PHE C 355 -14.71 -4.30 -60.85
CA PHE C 355 -13.43 -4.94 -60.57
C PHE C 355 -13.54 -5.70 -59.25
N GLU C 356 -13.11 -6.95 -59.25
CA GLU C 356 -13.08 -7.78 -58.06
C GLU C 356 -11.66 -8.31 -57.84
N LEU C 357 -11.15 -8.16 -56.63
CA LEU C 357 -9.80 -8.57 -56.28
C LEU C 357 -9.83 -9.36 -54.98
N ILE C 358 -8.86 -10.25 -54.84
CA ILE C 358 -8.72 -11.07 -53.64
C ILE C 358 -7.26 -11.42 -53.43
N CYS C 359 -6.68 -10.95 -52.33
CA CYS C 359 -5.27 -11.20 -52.06
C CYS C 359 -5.05 -12.65 -51.63
N ASP C 360 -3.86 -13.16 -51.95
CA ASP C 360 -3.48 -14.52 -51.57
C ASP C 360 -2.80 -14.49 -50.20
N LYS C 361 -2.07 -15.54 -49.86
CA LYS C 361 -1.36 -15.57 -48.58
C LYS C 361 -0.35 -14.44 -48.48
N ASP C 362 0.34 -14.14 -49.58
CA ASP C 362 1.30 -13.05 -49.59
C ASP C 362 0.60 -11.70 -49.51
N LYS C 363 1.36 -10.69 -49.07
CA LYS C 363 0.81 -9.35 -48.89
C LYS C 363 0.27 -8.77 -50.19
N ASN C 364 0.88 -9.11 -51.32
CA ASN C 364 0.42 -8.60 -52.61
C ASN C 364 -1.01 -9.04 -52.90
N ILE C 365 -1.75 -8.17 -53.58
CA ILE C 365 -3.16 -8.40 -53.88
C ILE C 365 -3.31 -8.52 -55.39
N GLN C 366 -3.69 -9.71 -55.85
CA GLN C 366 -3.98 -9.95 -57.24
C GLN C 366 -5.46 -9.71 -57.52
N PRO C 367 -5.89 -9.76 -58.79
CA PRO C 367 -7.32 -9.56 -59.07
C PRO C 367 -8.06 -10.88 -59.24
N TYR C 368 -9.39 -10.82 -59.26
CA TYR C 368 -10.24 -12.02 -59.35
C TYR C 368 -11.04 -12.07 -60.63
N PHE C 369 -11.74 -10.99 -60.97
CA PHE C 369 -12.56 -10.95 -62.18
C PHE C 369 -12.57 -9.53 -62.72
N ILE C 370 -12.55 -9.41 -64.05
CA ILE C 370 -12.54 -8.11 -64.71
C ILE C 370 -13.01 -8.25 -66.14
C1 NAG D . 0.37 38.65 16.50
C2 NAG D . 1.27 37.86 17.45
C3 NAG D . 0.98 38.25 18.90
C4 NAG D . 1.11 39.76 19.07
C5 NAG D . 0.22 40.47 18.06
C6 NAG D . 0.37 41.98 18.10
C7 NAG D . 2.06 35.62 16.81
C8 NAG D . 3.37 36.28 16.47
N2 NAG D . 1.10 36.43 17.27
O3 NAG D . 1.89 37.58 19.77
O4 NAG D . 0.73 40.13 20.39
O5 NAG D . 0.55 40.06 16.73
O6 NAG D . -0.04 42.57 16.87
O7 NAG D . 1.89 34.42 16.66
C1 NAG D . 1.88 40.67 21.09
C2 NAG D . 1.47 40.95 22.53
C3 NAG D . 2.66 41.47 23.32
C4 NAG D . 3.83 40.50 23.20
C5 NAG D . 4.15 40.25 21.74
C6 NAG D . 5.24 39.21 21.54
C7 NAG D . -0.86 41.59 22.98
C8 NAG D . -1.08 40.16 23.39
N2 NAG D . 0.37 41.91 22.59
O3 NAG D . 2.31 41.63 24.69
O4 NAG D . 4.99 41.04 23.85
O5 NAG D . 2.99 39.75 21.07
O6 NAG D . 5.89 39.37 20.29
O7 NAG D . -1.77 42.41 23.02
C1 NAG E . 14.88 13.63 1.45
C2 NAG E . 16.11 13.03 0.77
C3 NAG E . 17.09 12.53 1.83
C4 NAG E . 17.43 13.63 2.82
C5 NAG E . 16.15 14.18 3.43
C6 NAG E . 16.37 15.34 4.36
C7 NAG E . 15.95 12.01 -1.45
C8 NAG E . 16.62 13.26 -1.97
N2 NAG E . 15.74 11.97 -0.14
O3 NAG E . 18.28 12.07 1.18
O4 NAG E . 18.29 13.16 3.84
O5 NAG E . 15.28 14.65 2.38
O6 NAG E . 17.15 14.96 5.49
O7 NAG E . 15.63 11.10 -2.20
C1 NAG E . 19.61 13.69 3.61
C2 NAG E . 20.40 13.67 4.93
C3 NAG E . 21.82 14.18 4.69
C4 NAG E . 22.49 13.37 3.59
C5 NAG E . 21.64 13.40 2.33
C6 NAG E . 22.18 12.54 1.23
C7 NAG E . 19.78 14.20 7.24
C8 NAG E . 19.04 15.13 8.14
N2 NAG E . 19.73 14.47 5.94
O3 NAG E . 22.56 14.07 5.91
O4 NAG E . 23.77 13.92 3.30
O5 NAG E . 20.31 12.91 2.62
O6 NAG E . 21.31 11.45 0.93
O7 NAG E . 20.39 13.22 7.67
C1 NAG F . 6.69 -12.91 -1.27
C2 NAG F . 7.10 -12.71 -2.72
C3 NAG F . 5.95 -12.13 -3.53
C4 NAG F . 4.72 -13.02 -3.40
C5 NAG F . 4.36 -13.16 -1.92
C6 NAG F . 3.20 -14.09 -1.68
C7 NAG F . 9.52 -12.33 -2.95
C8 NAG F . 10.61 -11.31 -3.03
N2 NAG F . 8.27 -11.86 -2.82
O3 NAG F . 6.33 -12.03 -4.90
O4 NAG F . 3.62 -12.46 -4.10
O5 NAG F . 5.48 -13.70 -1.20
O6 NAG F . 3.63 -15.42 -1.45
O7 NAG F . 9.75 -13.54 -2.99
C1 NAG F . 3.39 -13.22 -5.29
C2 NAG F . 1.89 -13.33 -5.54
C3 NAG F . 1.63 -14.11 -6.81
C4 NAG F . 2.37 -13.49 -7.99
C5 NAG F . 3.85 -13.32 -7.67
C6 NAG F . 4.61 -12.54 -8.72
C7 NAG F . 0.02 -13.55 -3.98
C8 NAG F . -0.53 -14.30 -2.80
N2 NAG F . 1.22 -13.94 -4.41
O3 NAG F . 0.23 -14.12 -7.08
O4 NAG F . 2.24 -14.31 -9.14
O5 NAG F . 4.03 -12.62 -6.43
O6 NAG F . 5.63 -11.75 -8.15
O7 NAG F . -0.60 -12.64 -4.51
C1 NAG G . -23.45 9.82 21.93
C2 NAG G . -22.86 9.38 23.27
C3 NAG G . -22.87 7.85 23.37
C4 NAG G . -24.27 7.32 23.13
C5 NAG G . -24.81 7.84 21.80
C6 NAG G . -26.24 7.43 21.53
C7 NAG G . -21.19 10.81 24.35
C8 NAG G . -22.31 11.31 25.22
N2 NAG G . -21.51 9.89 23.44
O3 NAG G . -22.41 7.45 24.66
O4 NAG G . -24.26 5.89 23.11
O5 NAG G . -24.77 9.27 21.78
O6 NAG G . -26.37 6.02 21.39
O7 NAG G . -20.04 11.23 24.48
C1 NAG H . -17.47 40.08 -6.31
C2 NAG H . -16.63 39.78 -7.57
C3 NAG H . -16.35 41.08 -8.32
C4 NAG H . -17.64 41.83 -8.61
C5 NAG H . -18.41 42.07 -7.32
C6 NAG H . -19.75 42.73 -7.54
C7 NAG H . -14.67 38.41 -8.09
C8 NAG H . -13.42 37.79 -7.54
N2 NAG H . -15.40 39.12 -7.21
O3 NAG H . -15.67 40.79 -9.53
O4 NAG H . -17.33 43.09 -9.21
O5 NAG H . -18.66 40.81 -6.67
O6 NAG H . -20.82 41.82 -7.28
O7 NAG H . -15.01 38.27 -9.26
C1 NAG I . -7.75 -32.48 20.67
C2 NAG I . -8.68 -31.63 19.80
C3 NAG I . -10.09 -31.64 20.37
C4 NAG I . -10.58 -33.06 20.57
C5 NAG I . -9.58 -33.85 21.41
C6 NAG I . -9.94 -35.31 21.55
C7 NAG I . -8.26 -29.57 18.54
C8 NAG I . -7.69 -28.18 18.59
N2 NAG I . -8.17 -30.27 19.68
O3 NAG I . -10.96 -30.94 19.48
O4 NAG I . -11.84 -33.05 21.24
O5 NAG I . -8.29 -33.80 20.80
O6 NAG I . -11.35 -35.51 21.47
O7 NAG I . -8.77 -30.02 17.53
C1 NAG J . 18.32 -34.54 35.12
C2 NAG J . 19.45 -35.51 34.74
C3 NAG J . 19.34 -36.80 35.57
C4 NAG J . 19.32 -36.46 37.05
C5 NAG J . 18.18 -35.48 37.34
C6 NAG J . 18.15 -35.03 38.78
C7 NAG J . 20.52 -36.00 32.59
C8 NAG J . 20.29 -36.31 31.14
N2 NAG J . 19.42 -35.82 33.33
O3 NAG J . 20.45 -37.64 35.28
O4 NAG J . 19.11 -37.65 37.81
O5 NAG J . 18.35 -34.30 36.55
O6 NAG J . 18.61 -33.69 38.92
O7 NAG J . 21.64 -35.93 33.07
#